data_1M8S
# 
_entry.id   1M8S 
# 
_audit_conform.dict_name       mmcif_pdbx.dic 
_audit_conform.dict_version    5.397 
_audit_conform.dict_location   http://mmcif.pdb.org/dictionaries/ascii/mmcif_pdbx.dic 
# 
loop_
_database_2.database_id 
_database_2.database_code 
_database_2.pdbx_database_accession 
_database_2.pdbx_DOI 
PDB   1M8S         pdb_00001m8s 10.2210/pdb1m8s/pdb 
RCSB  RCSB016738   ?            ?                   
WWPDB D_1000016738 ?            ?                   
# 
loop_
_pdbx_audit_revision_history.ordinal 
_pdbx_audit_revision_history.data_content_type 
_pdbx_audit_revision_history.major_revision 
_pdbx_audit_revision_history.minor_revision 
_pdbx_audit_revision_history.revision_date 
1 'Structure model' 1 0 2003-02-11 
2 'Structure model' 1 1 2008-04-28 
3 'Structure model' 1 2 2011-07-13 
4 'Structure model' 1 3 2023-10-25 
5 'Structure model' 1 4 2024-10-23 
# 
_pdbx_audit_revision_details.ordinal             1 
_pdbx_audit_revision_details.revision_ordinal    1 
_pdbx_audit_revision_details.data_content_type   'Structure model' 
_pdbx_audit_revision_details.provider            repository 
_pdbx_audit_revision_details.type                'Initial release' 
_pdbx_audit_revision_details.description         ? 
_pdbx_audit_revision_details.details             ? 
# 
loop_
_pdbx_audit_revision_group.ordinal 
_pdbx_audit_revision_group.revision_ordinal 
_pdbx_audit_revision_group.data_content_type 
_pdbx_audit_revision_group.group 
1 2 'Structure model' 'Version format compliance' 
2 3 'Structure model' 'Version format compliance' 
3 4 'Structure model' 'Data collection'           
4 4 'Structure model' 'Database references'       
5 4 'Structure model' 'Derived calculations'      
6 4 'Structure model' 'Refinement description'    
7 5 'Structure model' 'Structure summary'         
# 
loop_
_pdbx_audit_revision_category.ordinal 
_pdbx_audit_revision_category.revision_ordinal 
_pdbx_audit_revision_category.data_content_type 
_pdbx_audit_revision_category.category 
1 4 'Structure model' chem_comp_atom                
2 4 'Structure model' chem_comp_bond                
3 4 'Structure model' database_2                    
4 4 'Structure model' pdbx_initial_refinement_model 
5 4 'Structure model' pdbx_struct_conn_angle        
6 4 'Structure model' struct_conn                   
7 4 'Structure model' struct_site                   
8 5 'Structure model' pdbx_entry_details            
9 5 'Structure model' pdbx_modification_feature     
# 
loop_
_pdbx_audit_revision_item.ordinal 
_pdbx_audit_revision_item.revision_ordinal 
_pdbx_audit_revision_item.data_content_type 
_pdbx_audit_revision_item.item 
1  4 'Structure model' '_database_2.pdbx_DOI'                        
2  4 'Structure model' '_database_2.pdbx_database_accession'         
3  4 'Structure model' '_pdbx_struct_conn_angle.ptnr1_auth_comp_id'  
4  4 'Structure model' '_pdbx_struct_conn_angle.ptnr1_auth_seq_id'   
5  4 'Structure model' '_pdbx_struct_conn_angle.ptnr1_label_atom_id' 
6  4 'Structure model' '_pdbx_struct_conn_angle.ptnr1_label_comp_id' 
7  4 'Structure model' '_pdbx_struct_conn_angle.ptnr1_label_seq_id'  
8  4 'Structure model' '_pdbx_struct_conn_angle.ptnr3_auth_comp_id'  
9  4 'Structure model' '_pdbx_struct_conn_angle.ptnr3_auth_seq_id'   
10 4 'Structure model' '_pdbx_struct_conn_angle.ptnr3_label_atom_id' 
11 4 'Structure model' '_pdbx_struct_conn_angle.ptnr3_label_comp_id' 
12 4 'Structure model' '_pdbx_struct_conn_angle.ptnr3_label_seq_id'  
13 4 'Structure model' '_pdbx_struct_conn_angle.value'               
14 4 'Structure model' '_struct_conn.pdbx_dist_value'                
15 4 'Structure model' '_struct_conn.ptnr1_auth_comp_id'             
16 4 'Structure model' '_struct_conn.ptnr1_auth_seq_id'              
17 4 'Structure model' '_struct_conn.ptnr1_label_asym_id'            
18 4 'Structure model' '_struct_conn.ptnr1_label_atom_id'            
19 4 'Structure model' '_struct_conn.ptnr1_label_comp_id'            
20 4 'Structure model' '_struct_conn.ptnr1_label_seq_id'             
21 4 'Structure model' '_struct_conn.ptnr2_auth_comp_id'             
22 4 'Structure model' '_struct_conn.ptnr2_auth_seq_id'              
23 4 'Structure model' '_struct_conn.ptnr2_label_asym_id'            
24 4 'Structure model' '_struct_conn.ptnr2_label_atom_id'            
25 4 'Structure model' '_struct_conn.ptnr2_label_comp_id'            
26 4 'Structure model' '_struct_conn.ptnr2_label_seq_id'             
27 4 'Structure model' '_struct_site.pdbx_auth_asym_id'              
28 4 'Structure model' '_struct_site.pdbx_auth_comp_id'              
29 4 'Structure model' '_struct_site.pdbx_auth_seq_id'               
# 
_pdbx_database_status.status_code                     REL 
_pdbx_database_status.entry_id                        1M8S 
_pdbx_database_status.recvd_initial_deposition_date   2002-07-25 
_pdbx_database_status.deposit_site                    RCSB 
_pdbx_database_status.process_site                    PDBJ 
_pdbx_database_status.status_code_sf                  REL 
_pdbx_database_status.SG_entry                        . 
_pdbx_database_status.pdb_format_compatible           Y 
_pdbx_database_status.status_code_mr                  ? 
_pdbx_database_status.status_code_cs                  ? 
_pdbx_database_status.status_code_nmr_data            ? 
_pdbx_database_status.methods_development_category    ? 
# 
loop_
_pdbx_database_related.db_name 
_pdbx_database_related.db_id 
_pdbx_database_related.details 
_pdbx_database_related.content_type 
PDB 1PSJ '1PSJ contains the same protein at 2.01 Resolution'       unspecified 
PDB 1BK9 '1BK9 contains the same protein Modified By Pbpb'         unspecified 
PDB 1M8R '1M8R contains the same protein, crystal grown at pH 7.4' unspecified 
# 
loop_
_audit_author.name 
_audit_author.pdbx_ordinal 
'Xu, S.'   1 
'Gu, L.'   2 
'Zhou, Y.' 3 
'Lin, Z.'  4 
# 
loop_
_citation.id 
_citation.title 
_citation.journal_abbrev 
_citation.journal_volume 
_citation.page_first 
_citation.page_last 
_citation.year 
_citation.journal_id_ASTM 
_citation.country 
_citation.journal_id_ISSN 
_citation.journal_id_CSD 
_citation.book_publisher 
_citation.pdbx_database_id_PubMed 
_citation.pdbx_database_id_DOI 
primary 'Structures of cadmium-binding acidic phospholipase A(2) from the venom of Agkistrodon halys Pallas at 1.9A resolutio' 
Biochem.Biophys.Res.Commun. 300 271 277 2003 BBRCA9 US 0006-291X 0146 ? 12504079 '10.1016/S0006-291X(02)02833-4' 
1       'Crystal structure of an acidic phospholipase A2 from the venom of Agkistrodon halys pallas at 2.0 A resolution'       
J.MOL.BIOL.                 255 669 676 1996 JMOBAK UK 0022-2836 0070 ? ?        10.1006/jmbi.1996.0054          
2       'Structure of a snake venom phospholipase A2 modified by p-bromo-phenacyl-bromide'                                     
TOXICON                     36  875 886 1998 TOXIA6 UK 0041-0101 2043 ? ?        '10.1016/S0041-0101(97)00169-4' 
# 
loop_
_citation_author.citation_id 
_citation_author.name 
_citation_author.ordinal 
_citation_author.identifier_ORCID 
primary 'Xu, S.'    1  ? 
primary 'Gu, L.'    2  ? 
primary 'Jiang, T.' 3  ? 
primary 'Zhou, Y.'  4  ? 
primary 'Lin, Z.'   5  ? 
1       'Wang, X.'  6  ? 
1       'Yang, J.'  7  ? 
1       'Gui, L.'   8  ? 
1       'Lin, Z.'   9  ? 
1       'Chen, Y.'  10 ? 
1       'Zhou, Y.'  11 ? 
2       'Zhao, H.'  12 ? 
2       'Tang, L.'  13 ? 
2       'Wang, X.'  14 ? 
2       'Zhou, Y.'  15 ? 
2       'Lin, Z.'   16 ? 
# 
loop_
_entity.id 
_entity.type 
_entity.src_method 
_entity.pdbx_description 
_entity.formula_weight 
_entity.pdbx_number_of_molecules 
_entity.pdbx_ec 
_entity.pdbx_mutation 
_entity.pdbx_fragment 
_entity.details 
1 polymer     nat 'phospholipase a2' 13956.688 1   3.1.1.4 ? ? ? 
2 non-polymer syn 'CADMIUM ION'      112.411   1   ?       ? ? ? 
3 non-polymer syn 1,4-BUTANEDIOL     90.121    2   ?       ? ? ? 
4 water       nat water              18.015    110 ?       ? ? ? 
# 
_entity_poly.entity_id                      1 
_entity_poly.type                           'polypeptide(L)' 
_entity_poly.nstd_linkage                   no 
_entity_poly.nstd_monomer                   no 
_entity_poly.pdbx_seq_one_letter_code       
;SLVQFETLIMKVAKKSGMQWYSNYGCYCGWGGQGRPQDATDRCCFVHDCCYGKVTGCDPKMDVYSFSEENGDIVCGGDDP
CKKEICECDRAAAICFRDNLNTYNDKKYWAFGAKNCPQEESEPC
;
_entity_poly.pdbx_seq_one_letter_code_can   
;SLVQFETLIMKVAKKSGMQWYSNYGCYCGWGGQGRPQDATDRCCFVHDCCYGKVTGCDPKMDVYSFSEENGDIVCGGDDP
CKKEICECDRAAAICFRDNLNTYNDKKYWAFGAKNCPQEESEPC
;
_entity_poly.pdbx_strand_id                 A 
_entity_poly.pdbx_target_identifier         ? 
# 
loop_
_pdbx_entity_nonpoly.entity_id 
_pdbx_entity_nonpoly.name 
_pdbx_entity_nonpoly.comp_id 
2 'CADMIUM ION'  CD  
3 1,4-BUTANEDIOL BU1 
4 water          HOH 
# 
loop_
_entity_poly_seq.entity_id 
_entity_poly_seq.num 
_entity_poly_seq.mon_id 
_entity_poly_seq.hetero 
1 1   SER n 
1 2   LEU n 
1 3   VAL n 
1 4   GLN n 
1 5   PHE n 
1 6   GLU n 
1 7   THR n 
1 8   LEU n 
1 9   ILE n 
1 10  MET n 
1 11  LYS n 
1 12  VAL n 
1 13  ALA n 
1 14  LYS n 
1 15  LYS n 
1 16  SER n 
1 17  GLY n 
1 18  MET n 
1 19  GLN n 
1 20  TRP n 
1 21  TYR n 
1 22  SER n 
1 23  ASN n 
1 24  TYR n 
1 25  GLY n 
1 26  CYS n 
1 27  TYR n 
1 28  CYS n 
1 29  GLY n 
1 30  TRP n 
1 31  GLY n 
1 32  GLY n 
1 33  GLN n 
1 34  GLY n 
1 35  ARG n 
1 36  PRO n 
1 37  GLN n 
1 38  ASP n 
1 39  ALA n 
1 40  THR n 
1 41  ASP n 
1 42  ARG n 
1 43  CYS n 
1 44  CYS n 
1 45  PHE n 
1 46  VAL n 
1 47  HIS n 
1 48  ASP n 
1 49  CYS n 
1 50  CYS n 
1 51  TYR n 
1 52  GLY n 
1 53  LYS n 
1 54  VAL n 
1 55  THR n 
1 56  GLY n 
1 57  CYS n 
1 58  ASP n 
1 59  PRO n 
1 60  LYS n 
1 61  MET n 
1 62  ASP n 
1 63  VAL n 
1 64  TYR n 
1 65  SER n 
1 66  PHE n 
1 67  SER n 
1 68  GLU n 
1 69  GLU n 
1 70  ASN n 
1 71  GLY n 
1 72  ASP n 
1 73  ILE n 
1 74  VAL n 
1 75  CYS n 
1 76  GLY n 
1 77  GLY n 
1 78  ASP n 
1 79  ASP n 
1 80  PRO n 
1 81  CYS n 
1 82  LYS n 
1 83  LYS n 
1 84  GLU n 
1 85  ILE n 
1 86  CYS n 
1 87  GLU n 
1 88  CYS n 
1 89  ASP n 
1 90  ARG n 
1 91  ALA n 
1 92  ALA n 
1 93  ALA n 
1 94  ILE n 
1 95  CYS n 
1 96  PHE n 
1 97  ARG n 
1 98  ASP n 
1 99  ASN n 
1 100 LEU n 
1 101 ASN n 
1 102 THR n 
1 103 TYR n 
1 104 ASN n 
1 105 ASP n 
1 106 LYS n 
1 107 LYS n 
1 108 TYR n 
1 109 TRP n 
1 110 ALA n 
1 111 PHE n 
1 112 GLY n 
1 113 ALA n 
1 114 LYS n 
1 115 ASN n 
1 116 CYS n 
1 117 PRO n 
1 118 GLN n 
1 119 GLU n 
1 120 GLU n 
1 121 SER n 
1 122 GLU n 
1 123 PRO n 
1 124 CYS n 
# 
_entity_src_nat.entity_id                  1 
_entity_src_nat.pdbx_src_id                1 
_entity_src_nat.pdbx_alt_source_flag       sample 
_entity_src_nat.pdbx_beg_seq_num           ? 
_entity_src_nat.pdbx_end_seq_num           ? 
_entity_src_nat.common_name                'halys viper' 
_entity_src_nat.pdbx_organism_scientific   'Gloydius halys' 
_entity_src_nat.pdbx_ncbi_taxonomy_id      8714 
_entity_src_nat.genus                      Gloydius 
_entity_src_nat.species                    ? 
_entity_src_nat.strain                     ? 
_entity_src_nat.tissue                     ? 
_entity_src_nat.tissue_fraction            ? 
_entity_src_nat.pdbx_secretion             venom 
_entity_src_nat.pdbx_fragment              ? 
_entity_src_nat.pdbx_variant               ? 
_entity_src_nat.pdbx_cell_line             ? 
_entity_src_nat.pdbx_atcc                  ? 
_entity_src_nat.pdbx_cellular_location     ? 
_entity_src_nat.pdbx_organ                 ? 
_entity_src_nat.pdbx_organelle             ? 
_entity_src_nat.pdbx_cell                  ? 
_entity_src_nat.pdbx_plasmid_name          ? 
_entity_src_nat.pdbx_plasmid_details       ? 
_entity_src_nat.details                    ? 
# 
loop_
_chem_comp.id 
_chem_comp.type 
_chem_comp.mon_nstd_flag 
_chem_comp.name 
_chem_comp.pdbx_synonyms 
_chem_comp.formula 
_chem_comp.formula_weight 
ALA 'L-peptide linking' y ALANINE         ? 'C3 H7 N O2'     89.093  
ARG 'L-peptide linking' y ARGININE        ? 'C6 H15 N4 O2 1' 175.209 
ASN 'L-peptide linking' y ASPARAGINE      ? 'C4 H8 N2 O3'    132.118 
ASP 'L-peptide linking' y 'ASPARTIC ACID' ? 'C4 H7 N O4'     133.103 
BU1 non-polymer         . 1,4-BUTANEDIOL  ? 'C4 H10 O2'      90.121  
CD  non-polymer         . 'CADMIUM ION'   ? 'Cd 2'           112.411 
CYS 'L-peptide linking' y CYSTEINE        ? 'C3 H7 N O2 S'   121.158 
GLN 'L-peptide linking' y GLUTAMINE       ? 'C5 H10 N2 O3'   146.144 
GLU 'L-peptide linking' y 'GLUTAMIC ACID' ? 'C5 H9 N O4'     147.129 
GLY 'peptide linking'   y GLYCINE         ? 'C2 H5 N O2'     75.067  
HIS 'L-peptide linking' y HISTIDINE       ? 'C6 H10 N3 O2 1' 156.162 
HOH non-polymer         . WATER           ? 'H2 O'           18.015  
ILE 'L-peptide linking' y ISOLEUCINE      ? 'C6 H13 N O2'    131.173 
LEU 'L-peptide linking' y LEUCINE         ? 'C6 H13 N O2'    131.173 
LYS 'L-peptide linking' y LYSINE          ? 'C6 H15 N2 O2 1' 147.195 
MET 'L-peptide linking' y METHIONINE      ? 'C5 H11 N O2 S'  149.211 
PHE 'L-peptide linking' y PHENYLALANINE   ? 'C9 H11 N O2'    165.189 
PRO 'L-peptide linking' y PROLINE         ? 'C5 H9 N O2'     115.130 
SER 'L-peptide linking' y SERINE          ? 'C3 H7 N O3'     105.093 
THR 'L-peptide linking' y THREONINE       ? 'C4 H9 N O3'     119.119 
TRP 'L-peptide linking' y TRYPTOPHAN      ? 'C11 H12 N2 O2'  204.225 
TYR 'L-peptide linking' y TYROSINE        ? 'C9 H11 N O3'    181.189 
VAL 'L-peptide linking' y VALINE          ? 'C5 H11 N O2'    117.146 
# 
loop_
_pdbx_poly_seq_scheme.asym_id 
_pdbx_poly_seq_scheme.entity_id 
_pdbx_poly_seq_scheme.seq_id 
_pdbx_poly_seq_scheme.mon_id 
_pdbx_poly_seq_scheme.ndb_seq_num 
_pdbx_poly_seq_scheme.pdb_seq_num 
_pdbx_poly_seq_scheme.auth_seq_num 
_pdbx_poly_seq_scheme.pdb_mon_id 
_pdbx_poly_seq_scheme.auth_mon_id 
_pdbx_poly_seq_scheme.pdb_strand_id 
_pdbx_poly_seq_scheme.pdb_ins_code 
_pdbx_poly_seq_scheme.hetero 
A 1 1   SER 1   1   1   SER SER A . n 
A 1 2   LEU 2   2   2   LEU LEU A . n 
A 1 3   VAL 3   3   3   VAL VAL A . n 
A 1 4   GLN 4   4   4   GLN GLN A . n 
A 1 5   PHE 5   5   5   PHE PHE A . n 
A 1 6   GLU 6   6   6   GLU GLU A . n 
A 1 7   THR 7   7   7   THR THR A . n 
A 1 8   LEU 8   8   8   LEU LEU A . n 
A 1 9   ILE 9   9   9   ILE ILE A . n 
A 1 10  MET 10  10  10  MET MET A . n 
A 1 11  LYS 11  11  11  LYS LYS A . n 
A 1 12  VAL 12  12  12  VAL VAL A . n 
A 1 13  ALA 13  13  13  ALA ALA A . n 
A 1 14  LYS 14  14  14  LYS LYS A . n 
A 1 15  LYS 15  16  16  LYS LYS A . n 
A 1 16  SER 16  17  17  SER SER A . n 
A 1 17  GLY 17  18  18  GLY GLY A . n 
A 1 18  MET 18  19  19  MET MET A . n 
A 1 19  GLN 19  20  20  GLN GLN A . n 
A 1 20  TRP 20  21  21  TRP TRP A . n 
A 1 21  TYR 21  22  22  TYR TYR A . n 
A 1 22  SER 22  23  23  SER SER A . n 
A 1 23  ASN 23  24  24  ASN ASN A . n 
A 1 24  TYR 24  25  25  TYR TYR A . n 
A 1 25  GLY 25  26  26  GLY GLY A . n 
A 1 26  CYS 26  27  27  CYS CYS A . n 
A 1 27  TYR 27  28  28  TYR TYR A . n 
A 1 28  CYS 28  29  29  CYS CYS A . n 
A 1 29  GLY 29  30  30  GLY GLY A . n 
A 1 30  TRP 30  31  31  TRP TRP A . n 
A 1 31  GLY 31  32  32  GLY GLY A . n 
A 1 32  GLY 32  33  33  GLY GLY A . n 
A 1 33  GLN 33  34  34  GLN GLN A . n 
A 1 34  GLY 34  35  35  GLY GLY A . n 
A 1 35  ARG 35  36  36  ARG ARG A . n 
A 1 36  PRO 36  37  37  PRO PRO A . n 
A 1 37  GLN 37  38  38  GLN GLN A . n 
A 1 38  ASP 38  39  39  ASP ASP A . n 
A 1 39  ALA 39  40  40  ALA ALA A . n 
A 1 40  THR 40  41  41  THR THR A . n 
A 1 41  ASP 41  42  42  ASP ASP A . n 
A 1 42  ARG 42  43  43  ARG ARG A . n 
A 1 43  CYS 43  44  44  CYS CYS A . n 
A 1 44  CYS 44  45  45  CYS CYS A . n 
A 1 45  PHE 45  46  46  PHE PHE A . n 
A 1 46  VAL 46  47  47  VAL VAL A . n 
A 1 47  HIS 47  48  48  HIS HIS A . n 
A 1 48  ASP 48  49  49  ASP ASP A . n 
A 1 49  CYS 49  50  50  CYS CYS A . n 
A 1 50  CYS 50  51  51  CYS CYS A . n 
A 1 51  TYR 51  52  52  TYR TYR A . n 
A 1 52  GLY 52  53  53  GLY GLY A . n 
A 1 53  LYS 53  54  54  LYS LYS A . n 
A 1 54  VAL 54  55  55  VAL VAL A . n 
A 1 55  THR 55  56  56  THR THR A . n 
A 1 56  GLY 56  59  59  GLY GLY A . n 
A 1 57  CYS 57  61  61  CYS CYS A . n 
A 1 58  ASP 58  67  67  ASP ASP A . n 
A 1 59  PRO 59  68  68  PRO PRO A . n 
A 1 60  LYS 60  69  69  LYS LYS A . n 
A 1 61  MET 61  70  70  MET MET A . n 
A 1 62  ASP 62  71  71  ASP ASP A . n 
A 1 63  VAL 63  72  72  VAL VAL A . n 
A 1 64  TYR 64  73  73  TYR TYR A . n 
A 1 65  SER 65  74  74  SER SER A . n 
A 1 66  PHE 66  75  75  PHE PHE A . n 
A 1 67  SER 67  76  76  SER SER A . n 
A 1 68  GLU 68  77  77  GLU GLU A . n 
A 1 69  GLU 69  78  78  GLU GLU A . n 
A 1 70  ASN 70  79  79  ASN ASN A . n 
A 1 71  GLY 71  80  80  GLY GLY A . n 
A 1 72  ASP 72  81  81  ASP ASP A . n 
A 1 73  ILE 73  82  82  ILE ILE A . n 
A 1 74  VAL 74  83  83  VAL VAL A . n 
A 1 75  CYS 75  84  84  CYS CYS A . n 
A 1 76  GLY 76  85  85  GLY GLY A . n 
A 1 77  GLY 77  86  86  GLY GLY A . n 
A 1 78  ASP 78  88  88  ASP ASP A . n 
A 1 79  ASP 79  89  89  ASP ASP A . n 
A 1 80  PRO 80  90  90  PRO PRO A . n 
A 1 81  CYS 81  91  91  CYS CYS A . n 
A 1 82  LYS 82  92  92  LYS LYS A . n 
A 1 83  LYS 83  93  93  LYS LYS A . n 
A 1 84  GLU 84  94  94  GLU GLU A . n 
A 1 85  ILE 85  95  95  ILE ILE A . n 
A 1 86  CYS 86  96  96  CYS CYS A . n 
A 1 87  GLU 87  97  97  GLU GLU A . n 
A 1 88  CYS 88  98  98  CYS CYS A . n 
A 1 89  ASP 89  99  99  ASP ASP A . n 
A 1 90  ARG 90  100 100 ARG ARG A . n 
A 1 91  ALA 91  101 101 ALA ALA A . n 
A 1 92  ALA 92  102 102 ALA ALA A . n 
A 1 93  ALA 93  103 103 ALA ALA A . n 
A 1 94  ILE 94  104 104 ILE ILE A . n 
A 1 95  CYS 95  105 105 CYS CYS A . n 
A 1 96  PHE 96  106 106 PHE PHE A . n 
A 1 97  ARG 97  107 107 ARG ARG A . n 
A 1 98  ASP 98  108 108 ASP ASP A . n 
A 1 99  ASN 99  109 109 ASN ASN A . n 
A 1 100 LEU 100 110 110 LEU LEU A . n 
A 1 101 ASN 101 111 111 ASN ASN A . n 
A 1 102 THR 102 112 112 THR THR A . n 
A 1 103 TYR 103 113 113 TYR TYR A . n 
A 1 104 ASN 104 114 114 ASN ASN A . n 
A 1 105 ASP 105 115 115 ASP ASP A . n 
A 1 106 LYS 106 116 116 LYS LYS A . n 
A 1 107 LYS 107 117 117 LYS LYS A . n 
A 1 108 TYR 108 118 118 TYR TYR A . n 
A 1 109 TRP 109 119 119 TRP TRP A . n 
A 1 110 ALA 110 120 120 ALA ALA A . n 
A 1 111 PHE 111 121 121 PHE PHE A . n 
A 1 112 GLY 112 122 122 GLY GLY A . n 
A 1 113 ALA 113 123 123 ALA ALA A . n 
A 1 114 LYS 114 124 124 LYS LYS A . n 
A 1 115 ASN 115 125 125 ASN ASN A . n 
A 1 116 CYS 116 126 126 CYS CYS A . n 
A 1 117 PRO 117 127 127 PRO PRO A . n 
A 1 118 GLN 118 128 128 GLN GLN A . n 
A 1 119 GLU 119 129 129 GLU GLU A . n 
A 1 120 GLU 120 130 130 GLU GLU A . n 
A 1 121 SER 121 131 131 SER SER A . n 
A 1 122 GLU 122 132 132 GLU GLU A . n 
A 1 123 PRO 123 133 133 PRO PRO A . n 
A 1 124 CYS 124 134 134 CYS CYS A . n 
# 
loop_
_pdbx_nonpoly_scheme.asym_id 
_pdbx_nonpoly_scheme.entity_id 
_pdbx_nonpoly_scheme.mon_id 
_pdbx_nonpoly_scheme.ndb_seq_num 
_pdbx_nonpoly_scheme.pdb_seq_num 
_pdbx_nonpoly_scheme.auth_seq_num 
_pdbx_nonpoly_scheme.pdb_mon_id 
_pdbx_nonpoly_scheme.auth_mon_id 
_pdbx_nonpoly_scheme.pdb_strand_id 
_pdbx_nonpoly_scheme.pdb_ins_code 
B 2 CD  1   1001 1001 CD  CD  A . 
C 3 BU1 1   1002 1001 BU1 BU1 A . 
D 3 BU1 1   1003 1002 BU1 BU1 A . 
E 4 HOH 1   1004 1    HOH HOH A . 
E 4 HOH 2   1005 2    HOH HOH A . 
E 4 HOH 3   1006 3    HOH HOH A . 
E 4 HOH 4   1007 4    HOH HOH A . 
E 4 HOH 5   1008 5    HOH HOH A . 
E 4 HOH 6   1009 6    HOH HOH A . 
E 4 HOH 7   1010 7    HOH HOH A . 
E 4 HOH 8   1011 8    HOH HOH A . 
E 4 HOH 9   1012 9    HOH HOH A . 
E 4 HOH 10  1013 10   HOH HOH A . 
E 4 HOH 11  1014 11   HOH HOH A . 
E 4 HOH 12  1015 12   HOH HOH A . 
E 4 HOH 13  1016 13   HOH HOH A . 
E 4 HOH 14  1017 14   HOH HOH A . 
E 4 HOH 15  1018 15   HOH HOH A . 
E 4 HOH 16  1019 16   HOH HOH A . 
E 4 HOH 17  1020 17   HOH HOH A . 
E 4 HOH 18  1021 18   HOH HOH A . 
E 4 HOH 19  1022 19   HOH HOH A . 
E 4 HOH 20  1023 20   HOH HOH A . 
E 4 HOH 21  1024 21   HOH HOH A . 
E 4 HOH 22  1025 22   HOH HOH A . 
E 4 HOH 23  1026 23   HOH HOH A . 
E 4 HOH 24  1027 24   HOH HOH A . 
E 4 HOH 25  1028 25   HOH HOH A . 
E 4 HOH 26  1029 26   HOH HOH A . 
E 4 HOH 27  1030 27   HOH HOH A . 
E 4 HOH 28  1031 28   HOH HOH A . 
E 4 HOH 29  1032 29   HOH HOH A . 
E 4 HOH 30  1033 30   HOH HOH A . 
E 4 HOH 31  1034 31   HOH HOH A . 
E 4 HOH 32  1035 32   HOH HOH A . 
E 4 HOH 33  1036 33   HOH HOH A . 
E 4 HOH 34  1037 34   HOH HOH A . 
E 4 HOH 35  1038 35   HOH HOH A . 
E 4 HOH 36  1039 36   HOH HOH A . 
E 4 HOH 37  1040 37   HOH HOH A . 
E 4 HOH 38  1041 38   HOH HOH A . 
E 4 HOH 39  1042 39   HOH HOH A . 
E 4 HOH 40  1043 40   HOH HOH A . 
E 4 HOH 41  1044 41   HOH HOH A . 
E 4 HOH 42  1045 42   HOH HOH A . 
E 4 HOH 43  1046 43   HOH HOH A . 
E 4 HOH 44  1047 44   HOH HOH A . 
E 4 HOH 45  1048 45   HOH HOH A . 
E 4 HOH 46  1049 46   HOH HOH A . 
E 4 HOH 47  1050 47   HOH HOH A . 
E 4 HOH 48  1051 48   HOH HOH A . 
E 4 HOH 49  1052 49   HOH HOH A . 
E 4 HOH 50  1053 50   HOH HOH A . 
E 4 HOH 51  1054 51   HOH HOH A . 
E 4 HOH 52  1055 52   HOH HOH A . 
E 4 HOH 53  1056 53   HOH HOH A . 
E 4 HOH 54  1057 54   HOH HOH A . 
E 4 HOH 55  1058 55   HOH HOH A . 
E 4 HOH 56  1059 56   HOH HOH A . 
E 4 HOH 57  1060 57   HOH HOH A . 
E 4 HOH 58  1061 58   HOH HOH A . 
E 4 HOH 59  1062 59   HOH HOH A . 
E 4 HOH 60  1063 60   HOH HOH A . 
E 4 HOH 61  1064 61   HOH HOH A . 
E 4 HOH 62  1065 62   HOH HOH A . 
E 4 HOH 63  1066 63   HOH HOH A . 
E 4 HOH 64  1067 64   HOH HOH A . 
E 4 HOH 65  1068 65   HOH HOH A . 
E 4 HOH 66  1069 66   HOH HOH A . 
E 4 HOH 67  1070 67   HOH HOH A . 
E 4 HOH 68  1071 68   HOH HOH A . 
E 4 HOH 69  1072 69   HOH HOH A . 
E 4 HOH 70  1073 70   HOH HOH A . 
E 4 HOH 71  1074 71   HOH HOH A . 
E 4 HOH 72  1075 72   HOH HOH A . 
E 4 HOH 73  1076 73   HOH HOH A . 
E 4 HOH 74  1077 74   HOH HOH A . 
E 4 HOH 75  1078 75   HOH HOH A . 
E 4 HOH 76  1079 76   HOH HOH A . 
E 4 HOH 77  1080 77   HOH HOH A . 
E 4 HOH 78  1081 78   HOH HOH A . 
E 4 HOH 79  1082 79   HOH HOH A . 
E 4 HOH 80  1083 80   HOH HOH A . 
E 4 HOH 81  1084 81   HOH HOH A . 
E 4 HOH 82  1085 82   HOH HOH A . 
E 4 HOH 83  1086 83   HOH HOH A . 
E 4 HOH 84  1087 84   HOH HOH A . 
E 4 HOH 85  1088 85   HOH HOH A . 
E 4 HOH 86  1089 86   HOH HOH A . 
E 4 HOH 87  1090 87   HOH HOH A . 
E 4 HOH 88  1091 88   HOH HOH A . 
E 4 HOH 89  1092 89   HOH HOH A . 
E 4 HOH 90  1093 90   HOH HOH A . 
E 4 HOH 91  1094 91   HOH HOH A . 
E 4 HOH 92  1095 92   HOH HOH A . 
E 4 HOH 93  1096 93   HOH HOH A . 
E 4 HOH 94  1097 94   HOH HOH A . 
E 4 HOH 95  1098 95   HOH HOH A . 
E 4 HOH 96  1099 96   HOH HOH A . 
E 4 HOH 97  1100 97   HOH HOH A . 
E 4 HOH 98  1101 98   HOH HOH A . 
E 4 HOH 99  1102 99   HOH HOH A . 
E 4 HOH 100 1103 100  HOH HOH A . 
E 4 HOH 101 1104 101  HOH HOH A . 
E 4 HOH 102 1105 102  HOH HOH A . 
E 4 HOH 103 1106 103  HOH HOH A . 
E 4 HOH 104 1107 104  HOH HOH A . 
E 4 HOH 105 1108 105  HOH HOH A . 
E 4 HOH 106 1109 106  HOH HOH A . 
E 4 HOH 107 1110 107  HOH HOH A . 
E 4 HOH 108 1111 108  HOH HOH A . 
E 4 HOH 109 1112 109  HOH HOH A . 
E 4 HOH 110 1113 110  HOH HOH A . 
# 
loop_
_pdbx_unobs_or_zero_occ_atoms.id 
_pdbx_unobs_or_zero_occ_atoms.PDB_model_num 
_pdbx_unobs_or_zero_occ_atoms.polymer_flag 
_pdbx_unobs_or_zero_occ_atoms.occupancy_flag 
_pdbx_unobs_or_zero_occ_atoms.auth_asym_id 
_pdbx_unobs_or_zero_occ_atoms.auth_comp_id 
_pdbx_unobs_or_zero_occ_atoms.auth_seq_id 
_pdbx_unobs_or_zero_occ_atoms.PDB_ins_code 
_pdbx_unobs_or_zero_occ_atoms.auth_atom_id 
_pdbx_unobs_or_zero_occ_atoms.label_alt_id 
_pdbx_unobs_or_zero_occ_atoms.label_asym_id 
_pdbx_unobs_or_zero_occ_atoms.label_comp_id 
_pdbx_unobs_or_zero_occ_atoms.label_seq_id 
_pdbx_unobs_or_zero_occ_atoms.label_atom_id 
1  1 Y 1 A LYS 54  ? CG  ? A LYS 53  CG  
2  1 Y 1 A LYS 54  ? CD  ? A LYS 53  CD  
3  1 Y 1 A LYS 54  ? CE  ? A LYS 53  CE  
4  1 Y 1 A LYS 54  ? NZ  ? A LYS 53  NZ  
5  1 Y 1 A GLU 78  ? CG  ? A GLU 69  CG  
6  1 Y 1 A GLU 78  ? CD  ? A GLU 69  CD  
7  1 Y 1 A GLU 78  ? OE1 ? A GLU 69  OE1 
8  1 Y 1 A GLU 78  ? OE2 ? A GLU 69  OE2 
9  1 Y 1 A LYS 124 ? CB  ? A LYS 114 CB  
10 1 Y 1 A LYS 124 ? CG  ? A LYS 114 CG  
11 1 Y 1 A LYS 124 ? CD  ? A LYS 114 CD  
12 1 Y 1 A LYS 124 ? CE  ? A LYS 114 CE  
13 1 Y 1 A LYS 124 ? NZ  ? A LYS 114 NZ  
# 
loop_
_software.name 
_software.classification 
_software.version 
_software.citation_id 
_software.pdbx_ordinal 
DENZO     'data reduction' . ? 1 
SCALEPACK 'data scaling'   . ? 2 
CNS       refinement       . ? 3 
CNS       phasing          . ? 4 
# 
_cell.entry_id           1M8S 
_cell.length_a           83.160 
_cell.length_b           83.160 
_cell.length_c           32.780 
_cell.angle_alpha        90.00 
_cell.angle_beta         90.00 
_cell.angle_gamma        120.00 
_cell.Z_PDB              6 
_cell.pdbx_unique_axis   ? 
# 
_symmetry.entry_id                         1M8S 
_symmetry.space_group_name_H-M             'P 61' 
_symmetry.pdbx_full_space_group_name_H-M   ? 
_symmetry.cell_setting                     ? 
_symmetry.Int_Tables_number                169 
# 
_exptl.entry_id          1M8S 
_exptl.method            'X-RAY DIFFRACTION' 
_exptl.crystals_number   1 
# 
_exptl_crystal.id                    1 
_exptl_crystal.density_meas          ? 
_exptl_crystal.density_percent_sol   47.52 
_exptl_crystal.density_Matthews      2.34 
_exptl_crystal.description           ? 
# 
_exptl_crystal_grow.crystal_id      1 
_exptl_crystal_grow.method          'VAPOR DIFFUSION, HANGING DROP' 
_exptl_crystal_grow.temp            293 
_exptl_crystal_grow.temp_details    ? 
_exptl_crystal_grow.pH              5.9 
_exptl_crystal_grow.pdbx_details    
'10%(v/v) 1,4-butyldiol, 0.01M CdCl2,  0.1M Na(CH3)2AsO, pH 5.9, VAPOR DIFFUSION, HANGING DROP, temperature 293K' 
_exptl_crystal_grow.pdbx_pH_range   ? 
# 
_diffrn.id                     1 
_diffrn.ambient_temp           293 
_diffrn.ambient_temp_details   ? 
_diffrn.crystal_id             1 
# 
_diffrn_detector.diffrn_id              1 
_diffrn_detector.detector               'AREA DETECTOR' 
_diffrn_detector.type                   MARRESEARCH 
_diffrn_detector.pdbx_collection_date   2001-01-11 
_diffrn_detector.details                ? 
# 
_diffrn_radiation.diffrn_id                        1 
_diffrn_radiation.wavelength_id                    1 
_diffrn_radiation.pdbx_monochromatic_or_laue_m_l   M 
_diffrn_radiation.monochromator                    graphite 
_diffrn_radiation.pdbx_diffrn_protocol             'SINGLE WAVELENGTH' 
_diffrn_radiation.pdbx_scattering_type             x-ray 
# 
_diffrn_radiation_wavelength.id           1 
_diffrn_radiation_wavelength.wavelength   1.5418 
_diffrn_radiation_wavelength.wt           1.0 
# 
_diffrn_source.diffrn_id                   1 
_diffrn_source.source                      'ROTATING ANODE' 
_diffrn_source.type                        RIGAKU 
_diffrn_source.pdbx_synchrotron_site       ? 
_diffrn_source.pdbx_synchrotron_beamline   ? 
_diffrn_source.pdbx_wavelength             ? 
_diffrn_source.pdbx_wavelength_list        1.5418 
# 
_reflns.entry_id                     1M8S 
_reflns.observed_criterion_sigma_I   0 
_reflns.observed_criterion_sigma_F   ? 
_reflns.d_resolution_low             25 
_reflns.d_resolution_high            1.9 
_reflns.number_obs                   10431 
_reflns.number_all                   10431 
_reflns.percent_possible_obs         100 
_reflns.pdbx_Rmerge_I_obs            0.072 
_reflns.pdbx_Rsym_value              ? 
_reflns.pdbx_netI_over_sigmaI        33.8 
_reflns.B_iso_Wilson_estimate        17.8 
_reflns.pdbx_redundancy              9.8 
_reflns.R_free_details               ? 
_reflns.limit_h_max                  ? 
_reflns.limit_h_min                  ? 
_reflns.limit_k_max                  ? 
_reflns.limit_k_min                  ? 
_reflns.limit_l_max                  ? 
_reflns.limit_l_min                  ? 
_reflns.observed_criterion_F_max     ? 
_reflns.observed_criterion_F_min     ? 
_reflns.pdbx_diffrn_id               1 
_reflns.pdbx_ordinal                 1 
# 
_reflns_shell.d_res_high             1.9 
_reflns_shell.d_res_low              1.97 
_reflns_shell.percent_possible_all   100 
_reflns_shell.Rmerge_I_obs           0.26 
_reflns_shell.pdbx_Rsym_value        ? 
_reflns_shell.meanI_over_sigI_obs    9.7 
_reflns_shell.pdbx_redundancy        9.4 
_reflns_shell.percent_possible_obs   ? 
_reflns_shell.number_unique_all      1024 
_reflns_shell.pdbx_diffrn_id         ? 
_reflns_shell.pdbx_ordinal           1 
# 
_refine.entry_id                                 1M8S 
_refine.ls_number_reflns_obs                     10416 
_refine.ls_number_reflns_all                     ? 
_refine.pdbx_ls_sigma_I                          ? 
_refine.pdbx_ls_sigma_F                          0.0 
_refine.pdbx_data_cutoff_high_absF               ? 
_refine.pdbx_data_cutoff_low_absF                ? 
_refine.ls_d_res_low                             25 
_refine.ls_d_res_high                            1.90 
_refine.ls_percent_reflns_obs                    99.8 
_refine.ls_R_factor_obs                          0.202 
_refine.ls_R_factor_all                          0.202 
_refine.ls_R_factor_R_work                       0.202 
_refine.ls_R_factor_R_free                       0.209 
_refine.ls_R_factor_R_free_error                 0.006 
_refine.ls_R_factor_R_free_error_details         ? 
_refine.ls_percent_reflns_R_free                 10.3 
_refine.ls_number_reflns_R_free                  1074 
_refine.ls_number_parameters                     ? 
_refine.ls_number_restraints                     ? 
_refine.occupancy_min                            ? 
_refine.occupancy_max                            ? 
_refine.correlation_coeff_Fo_to_Fc               ? 
_refine.correlation_coeff_Fo_to_Fc_free          ? 
_refine.B_iso_mean                               22.3 
_refine.aniso_B[1][1]                            -0.06 
_refine.aniso_B[2][2]                            -0.06 
_refine.aniso_B[3][3]                            0.11 
_refine.aniso_B[1][2]                            0.32 
_refine.aniso_B[1][3]                            0.00 
_refine.aniso_B[2][3]                            0.00 
_refine.solvent_model_details                    'FLAT MODEL' 
_refine.solvent_model_param_ksol                 0.44155 
_refine.solvent_model_param_bsol                 126.972 
_refine.pdbx_solvent_vdw_probe_radii             ? 
_refine.pdbx_solvent_ion_probe_radii             ? 
_refine.pdbx_solvent_shrinkage_radii             ? 
_refine.pdbx_ls_cross_valid_method               THROUGHOUT 
_refine.details                                  ? 
_refine.pdbx_starting_model                      'PDB ENTRY 1PSJ' 
_refine.pdbx_method_to_determine_struct          'isomorphous difference Fourier' 
_refine.pdbx_isotropic_thermal_model             RESTRAINED 
_refine.pdbx_stereochemistry_target_values       ? 
_refine.pdbx_stereochem_target_val_spec_case     ? 
_refine.pdbx_R_Free_selection_details            RANDOM 
_refine.pdbx_overall_ESU_R_Free                  ? 
_refine.overall_SU_B                             ? 
_refine.ls_redundancy_reflns_obs                 ? 
_refine.B_iso_min                                ? 
_refine.B_iso_max                                ? 
_refine.overall_SU_R_Cruickshank_DPI             ? 
_refine.overall_SU_R_free                        ? 
_refine.overall_SU_ML                            ? 
_refine.pdbx_overall_ESU_R                       ? 
_refine.pdbx_data_cutoff_high_rms_absF           ? 
_refine.pdbx_refine_id                           'X-RAY DIFFRACTION' 
_refine.pdbx_diffrn_id                           1 
_refine.pdbx_TLS_residual_ADP_flag               ? 
_refine.pdbx_overall_phase_error                 ? 
_refine.pdbx_overall_SU_R_free_Cruickshank_DPI   ? 
_refine.pdbx_overall_SU_R_Blow_DPI               ? 
_refine.pdbx_overall_SU_R_free_Blow_DPI          ? 
# 
_refine_analyze.entry_id                        1M8S 
_refine_analyze.Luzzati_coordinate_error_obs    ? 
_refine_analyze.Luzzati_sigma_a_obs             ? 
_refine_analyze.Luzzati_d_res_low_obs           ? 
_refine_analyze.Luzzati_coordinate_error_free   0.20 
_refine_analyze.Luzzati_sigma_a_free            0.08 
_refine_analyze.Luzzati_d_res_low_free          ? 
_refine_analyze.number_disordered_residues      ? 
_refine_analyze.occupancy_sum_hydrogen          ? 
_refine_analyze.occupancy_sum_non_hydrogen      ? 
_refine_analyze.pdbx_Luzzati_d_res_high_obs     ? 
_refine_analyze.pdbx_refine_id                  'X-RAY DIFFRACTION' 
# 
_refine_hist.pdbx_refine_id                   'X-RAY DIFFRACTION' 
_refine_hist.cycle_id                         LAST 
_refine_hist.pdbx_number_atoms_protein        954 
_refine_hist.pdbx_number_atoms_nucleic_acid   0 
_refine_hist.pdbx_number_atoms_ligand         13 
_refine_hist.number_atoms_solvent             110 
_refine_hist.number_atoms_total               1077 
_refine_hist.d_res_high                       1.90 
_refine_hist.d_res_low                        25 
# 
loop_
_refine_ls_restr.type 
_refine_ls_restr.dev_ideal 
_refine_ls_restr.dev_ideal_target 
_refine_ls_restr.weight 
_refine_ls_restr.number 
_refine_ls_restr.pdbx_refine_id 
_refine_ls_restr.pdbx_restraint_function 
c_bond_d           0.006 ?    ? ? 'X-RAY DIFFRACTION' ? 
c_angle_deg        1.2   ?    ? ? 'X-RAY DIFFRACTION' ? 
c_dihedral_angle_d 22.6  ?    ? ? 'X-RAY DIFFRACTION' ? 
c_improper_angle_d 0.82  ?    ? ? 'X-RAY DIFFRACTION' ? 
c_mcbond_it        1.77  1.50 ? ? 'X-RAY DIFFRACTION' ? 
c_mcangle_it       2.77  2.00 ? ? 'X-RAY DIFFRACTION' ? 
c_scbond_it        3.96  2.00 ? ? 'X-RAY DIFFRACTION' ? 
c_scangle_it       6.70  2.50 ? ? 'X-RAY DIFFRACTION' ? 
# 
_refine_ls_shell.pdbx_total_number_of_bins_used   6 
_refine_ls_shell.d_res_high                       1.90 
_refine_ls_shell.d_res_low                        2.02 
_refine_ls_shell.number_reflns_R_work             1542 
_refine_ls_shell.R_factor_R_work                  0.227 
_refine_ls_shell.percent_reflns_obs               100.0 
_refine_ls_shell.R_factor_R_free                  0.259 
_refine_ls_shell.R_factor_R_free_error            0.020 
_refine_ls_shell.percent_reflns_R_free            10.1 
_refine_ls_shell.number_reflns_R_free             174 
_refine_ls_shell.number_reflns_obs                ? 
_refine_ls_shell.redundancy_reflns_obs            ? 
_refine_ls_shell.number_reflns_all                ? 
_refine_ls_shell.pdbx_refine_id                   'X-RAY DIFFRACTION' 
_refine_ls_shell.R_factor_all                     ? 
# 
loop_
_pdbx_xplor_file.serial_no 
_pdbx_xplor_file.param_file 
_pdbx_xplor_file.topol_file 
_pdbx_xplor_file.pdbx_refine_id 
1 PROTEIN_REP.PARAM PROTEIN.TOP 'X-RAY DIFFRACTION' 
2 ION.PARAM         ION.TOP     'X-RAY DIFFRACTION' 
3 WATER.PARAM       WATER.TOP   'X-RAY DIFFRACTION' 
4 BBO.PARAM         BBO.TOP     'X-RAY DIFFRACTION' 
# 
_struct.entry_id                  1M8S 
_struct.title                     
;Crystal Structures of Cadmium-binding Acidic Phospholipase A2 from the Venom of Agkistrodon halys pallas at 1.9 Resolution (crystal grown at pH 5.9)
;
_struct.pdbx_model_details        ? 
_struct.pdbx_CASP_flag            ? 
_struct.pdbx_model_type_details   ? 
# 
_struct_keywords.entry_id        1M8S 
_struct_keywords.pdbx_keywords   HYDROLASE 
_struct_keywords.text            'phopholipase a2-metal cation complex, three alpha, two beta, Hydrolase' 
# 
loop_
_struct_asym.id 
_struct_asym.pdbx_blank_PDB_chainid_flag 
_struct_asym.pdbx_modified 
_struct_asym.entity_id 
_struct_asym.details 
A N N 1 ? 
B N N 2 ? 
C N N 3 ? 
D N N 3 ? 
E N N 4 ? 
# 
_struct_ref.id                         1 
_struct_ref.db_name                    UNP 
_struct_ref.db_code                    PA21B_AGKHP 
_struct_ref.entity_id                  1 
_struct_ref.pdbx_seq_one_letter_code   
;SLIQFETLIMKVAKKSGMFWYSNYGCYCGWGGQGRPQDATDRCCFVHDCCYGKVTGCDPKMDVYSFSEENGDIVCGGDDP
CKKEICECDRAAAICFRDNLTLYNDKKYWAFGAKNCPQEESEPC
;
_struct_ref.pdbx_align_begin           1 
_struct_ref.pdbx_db_accession          P14418 
_struct_ref.pdbx_db_isoform            ? 
# 
_struct_ref_seq.align_id                      1 
_struct_ref_seq.ref_id                        1 
_struct_ref_seq.pdbx_PDB_id_code              1M8S 
_struct_ref_seq.pdbx_strand_id                A 
_struct_ref_seq.seq_align_beg                 1 
_struct_ref_seq.pdbx_seq_align_beg_ins_code   ? 
_struct_ref_seq.seq_align_end                 124 
_struct_ref_seq.pdbx_seq_align_end_ins_code   ? 
_struct_ref_seq.pdbx_db_accession             P14418 
_struct_ref_seq.db_align_beg                  1 
_struct_ref_seq.pdbx_db_align_beg_ins_code    ? 
_struct_ref_seq.db_align_end                  124 
_struct_ref_seq.pdbx_db_align_end_ins_code    ? 
_struct_ref_seq.pdbx_auth_seq_align_beg       1 
_struct_ref_seq.pdbx_auth_seq_align_end       134 
# 
loop_
_struct_ref_seq_dif.align_id 
_struct_ref_seq_dif.pdbx_pdb_id_code 
_struct_ref_seq_dif.mon_id 
_struct_ref_seq_dif.pdbx_pdb_strand_id 
_struct_ref_seq_dif.seq_num 
_struct_ref_seq_dif.pdbx_pdb_ins_code 
_struct_ref_seq_dif.pdbx_seq_db_name 
_struct_ref_seq_dif.pdbx_seq_db_accession_code 
_struct_ref_seq_dif.db_mon_id 
_struct_ref_seq_dif.pdbx_seq_db_seq_num 
_struct_ref_seq_dif.details 
_struct_ref_seq_dif.pdbx_auth_seq_num 
_struct_ref_seq_dif.pdbx_ordinal 
1 1M8S VAL A 3   ? UNP P14418 ILE 3   'SEE REMARK 999' 3   1 
1 1M8S GLN A 19  ? UNP P14418 PHE 19  'SEE REMARK 999' 20  2 
1 1M8S ASN A 101 ? UNP P14418 THR 101 'SEE REMARK 999' 111 3 
1 1M8S THR A 102 ? UNP P14418 LEU 102 'SEE REMARK 999' 112 4 
# 
_pdbx_struct_assembly.id                   1 
_pdbx_struct_assembly.details              author_defined_assembly 
_pdbx_struct_assembly.method_details       ? 
_pdbx_struct_assembly.oligomeric_details   monomeric 
_pdbx_struct_assembly.oligomeric_count     1 
# 
_pdbx_struct_assembly_gen.assembly_id       1 
_pdbx_struct_assembly_gen.oper_expression   1 
_pdbx_struct_assembly_gen.asym_id_list      A,B,C,D,E 
# 
_pdbx_struct_oper_list.id                   1 
_pdbx_struct_oper_list.type                 'identity operation' 
_pdbx_struct_oper_list.name                 1_555 
_pdbx_struct_oper_list.symmetry_operation   x,y,z 
_pdbx_struct_oper_list.matrix[1][1]         1.0000000000 
_pdbx_struct_oper_list.matrix[1][2]         0.0000000000 
_pdbx_struct_oper_list.matrix[1][3]         0.0000000000 
_pdbx_struct_oper_list.vector[1]            0.0000000000 
_pdbx_struct_oper_list.matrix[2][1]         0.0000000000 
_pdbx_struct_oper_list.matrix[2][2]         1.0000000000 
_pdbx_struct_oper_list.matrix[2][3]         0.0000000000 
_pdbx_struct_oper_list.vector[2]            0.0000000000 
_pdbx_struct_oper_list.matrix[3][1]         0.0000000000 
_pdbx_struct_oper_list.matrix[3][2]         0.0000000000 
_pdbx_struct_oper_list.matrix[3][3]         1.0000000000 
_pdbx_struct_oper_list.vector[3]            0.0000000000 
# 
_struct_biol.id                    1 
_struct_biol.pdbx_parent_biol_id   ? 
_struct_biol.details               ? 
# 
loop_
_struct_conf.conf_type_id 
_struct_conf.id 
_struct_conf.pdbx_PDB_helix_id 
_struct_conf.beg_label_comp_id 
_struct_conf.beg_label_asym_id 
_struct_conf.beg_label_seq_id 
_struct_conf.pdbx_beg_PDB_ins_code 
_struct_conf.end_label_comp_id 
_struct_conf.end_label_asym_id 
_struct_conf.end_label_seq_id 
_struct_conf.pdbx_end_PDB_ins_code 
_struct_conf.beg_auth_comp_id 
_struct_conf.beg_auth_asym_id 
_struct_conf.beg_auth_seq_id 
_struct_conf.end_auth_comp_id 
_struct_conf.end_auth_asym_id 
_struct_conf.end_auth_seq_id 
_struct_conf.pdbx_PDB_helix_class 
_struct_conf.details 
_struct_conf.pdbx_PDB_helix_length 
HELX_P HELX_P1 1 SER A 1   ? ALA A 13  ? SER A 1   ALA A 13  1 ? 13 
HELX_P HELX_P2 2 SER A 16  ? TYR A 21  ? SER A 17  TYR A 22  1 ? 6  
HELX_P HELX_P3 3 ASP A 38  ? LYS A 53  ? ASP A 39  LYS A 54  1 ? 16 
HELX_P HELX_P4 4 ASP A 79  ? ASN A 99  ? ASP A 89  ASN A 109 1 ? 21 
HELX_P HELX_P5 5 LEU A 100 ? TYR A 103 ? LEU A 110 TYR A 113 5 ? 4  
HELX_P HELX_P6 6 ASN A 104 ? TRP A 109 ? ASN A 114 TRP A 119 1 ? 6  
HELX_P HELX_P7 7 PRO A 117 ? SER A 121 ? PRO A 127 SER A 131 5 ? 5  
# 
_struct_conf_type.id          HELX_P 
_struct_conf_type.criteria    ? 
_struct_conf_type.reference   ? 
# 
loop_
_struct_conn.id 
_struct_conn.conn_type_id 
_struct_conn.pdbx_leaving_atom_flag 
_struct_conn.pdbx_PDB_id 
_struct_conn.ptnr1_label_asym_id 
_struct_conn.ptnr1_label_comp_id 
_struct_conn.ptnr1_label_seq_id 
_struct_conn.ptnr1_label_atom_id 
_struct_conn.pdbx_ptnr1_label_alt_id 
_struct_conn.pdbx_ptnr1_PDB_ins_code 
_struct_conn.pdbx_ptnr1_standard_comp_id 
_struct_conn.ptnr1_symmetry 
_struct_conn.ptnr2_label_asym_id 
_struct_conn.ptnr2_label_comp_id 
_struct_conn.ptnr2_label_seq_id 
_struct_conn.ptnr2_label_atom_id 
_struct_conn.pdbx_ptnr2_label_alt_id 
_struct_conn.pdbx_ptnr2_PDB_ins_code 
_struct_conn.ptnr1_auth_asym_id 
_struct_conn.ptnr1_auth_comp_id 
_struct_conn.ptnr1_auth_seq_id 
_struct_conn.ptnr2_auth_asym_id 
_struct_conn.ptnr2_auth_comp_id 
_struct_conn.ptnr2_auth_seq_id 
_struct_conn.ptnr2_symmetry 
_struct_conn.pdbx_ptnr3_label_atom_id 
_struct_conn.pdbx_ptnr3_label_seq_id 
_struct_conn.pdbx_ptnr3_label_comp_id 
_struct_conn.pdbx_ptnr3_label_asym_id 
_struct_conn.pdbx_ptnr3_label_alt_id 
_struct_conn.pdbx_ptnr3_PDB_ins_code 
_struct_conn.details 
_struct_conn.pdbx_dist_value 
_struct_conn.pdbx_value_order 
_struct_conn.pdbx_role 
disulf1 disulf ? ? A CYS 26 SG  ? ? ? 1_555 A CYS 116 SG ? ? A CYS 27 A CYS 126  1_555 ? ? ? ? ? ? ? 2.032 ? ? 
disulf2 disulf ? ? A CYS 28 SG  ? ? ? 1_555 A CYS 44  SG ? ? A CYS 29 A CYS 45   1_555 ? ? ? ? ? ? ? 2.034 ? ? 
disulf3 disulf ? ? A CYS 43 SG  ? ? ? 1_555 A CYS 95  SG ? ? A CYS 44 A CYS 105  1_555 ? ? ? ? ? ? ? 2.025 ? ? 
disulf4 disulf ? ? A CYS 49 SG  ? ? ? 1_555 A CYS 124 SG ? ? A CYS 50 A CYS 134  1_555 ? ? ? ? ? ? ? 2.033 ? ? 
disulf5 disulf ? ? A CYS 50 SG  ? ? ? 1_555 A CYS 88  SG ? ? A CYS 51 A CYS 98   1_555 ? ? ? ? ? ? ? 2.027 ? ? 
disulf6 disulf ? ? A CYS 57 SG  ? ? ? 1_555 A CYS 81  SG ? ? A CYS 61 A CYS 91   1_555 ? ? ? ? ? ? ? 2.027 ? ? 
disulf7 disulf ? ? A CYS 75 SG  ? ? ? 1_555 A CYS 86  SG ? ? A CYS 84 A CYS 96   1_555 ? ? ? ? ? ? ? 2.025 ? ? 
metalc1 metalc ? ? A TYR 27 O   ? ? ? 1_555 B CD  .   CD ? ? A TYR 28 A CD  1001 1_555 ? ? ? ? ? ? ? 2.307 ? ? 
metalc2 metalc ? ? A GLY 29 O   ? ? ? 1_555 B CD  .   CD ? ? A GLY 30 A CD  1001 1_555 ? ? ? ? ? ? ? 2.269 ? ? 
metalc3 metalc ? ? A GLY 31 O   ? ? ? 1_555 B CD  .   CD ? ? A GLY 32 A CD  1001 1_555 ? ? ? ? ? ? ? 2.318 ? ? 
metalc4 metalc ? ? A ASP 48 OD1 ? ? ? 1_555 B CD  .   CD ? ? A ASP 49 A CD  1001 1_555 ? ? ? ? ? ? ? 2.901 ? ? 
metalc5 metalc ? ? A ASP 48 OD2 ? ? ? 1_555 B CD  .   CD ? ? A ASP 49 A CD  1001 1_555 ? ? ? ? ? ? ? 2.234 ? ? 
# 
loop_
_struct_conn_type.id 
_struct_conn_type.criteria 
_struct_conn_type.reference 
disulf ? ? 
metalc ? ? 
# 
loop_
_pdbx_struct_conn_angle.id 
_pdbx_struct_conn_angle.ptnr1_label_atom_id 
_pdbx_struct_conn_angle.ptnr1_label_alt_id 
_pdbx_struct_conn_angle.ptnr1_label_asym_id 
_pdbx_struct_conn_angle.ptnr1_label_comp_id 
_pdbx_struct_conn_angle.ptnr1_label_seq_id 
_pdbx_struct_conn_angle.ptnr1_auth_atom_id 
_pdbx_struct_conn_angle.ptnr1_auth_asym_id 
_pdbx_struct_conn_angle.ptnr1_auth_comp_id 
_pdbx_struct_conn_angle.ptnr1_auth_seq_id 
_pdbx_struct_conn_angle.ptnr1_PDB_ins_code 
_pdbx_struct_conn_angle.ptnr1_symmetry 
_pdbx_struct_conn_angle.ptnr2_label_atom_id 
_pdbx_struct_conn_angle.ptnr2_label_alt_id 
_pdbx_struct_conn_angle.ptnr2_label_asym_id 
_pdbx_struct_conn_angle.ptnr2_label_comp_id 
_pdbx_struct_conn_angle.ptnr2_label_seq_id 
_pdbx_struct_conn_angle.ptnr2_auth_atom_id 
_pdbx_struct_conn_angle.ptnr2_auth_asym_id 
_pdbx_struct_conn_angle.ptnr2_auth_comp_id 
_pdbx_struct_conn_angle.ptnr2_auth_seq_id 
_pdbx_struct_conn_angle.ptnr2_PDB_ins_code 
_pdbx_struct_conn_angle.ptnr2_symmetry 
_pdbx_struct_conn_angle.ptnr3_label_atom_id 
_pdbx_struct_conn_angle.ptnr3_label_alt_id 
_pdbx_struct_conn_angle.ptnr3_label_asym_id 
_pdbx_struct_conn_angle.ptnr3_label_comp_id 
_pdbx_struct_conn_angle.ptnr3_label_seq_id 
_pdbx_struct_conn_angle.ptnr3_auth_atom_id 
_pdbx_struct_conn_angle.ptnr3_auth_asym_id 
_pdbx_struct_conn_angle.ptnr3_auth_comp_id 
_pdbx_struct_conn_angle.ptnr3_auth_seq_id 
_pdbx_struct_conn_angle.ptnr3_PDB_ins_code 
_pdbx_struct_conn_angle.ptnr3_symmetry 
_pdbx_struct_conn_angle.value 
_pdbx_struct_conn_angle.value_esd 
1  O   ? A TYR 27 ? A TYR 28 ? 1_555 CD ? B CD . ? A CD 1001 ? 1_555 O   ? A GLY 29 ? A GLY 30 ? 1_555 88.7  ? 
2  O   ? A TYR 27 ? A TYR 28 ? 1_555 CD ? B CD . ? A CD 1001 ? 1_555 O   ? A GLY 31 ? A GLY 32 ? 1_555 101.1 ? 
3  O   ? A GLY 29 ? A GLY 30 ? 1_555 CD ? B CD . ? A CD 1001 ? 1_555 O   ? A GLY 31 ? A GLY 32 ? 1_555 92.5  ? 
4  O   ? A TYR 27 ? A TYR 28 ? 1_555 CD ? B CD . ? A CD 1001 ? 1_555 OD1 ? A ASP 48 ? A ASP 49 ? 1_555 115.1 ? 
5  O   ? A GLY 29 ? A GLY 30 ? 1_555 CD ? B CD . ? A CD 1001 ? 1_555 OD1 ? A ASP 48 ? A ASP 49 ? 1_555 119.2 ? 
6  O   ? A GLY 31 ? A GLY 32 ? 1_555 CD ? B CD . ? A CD 1001 ? 1_555 OD1 ? A ASP 48 ? A ASP 49 ? 1_555 130.8 ? 
7  O   ? A TYR 27 ? A TYR 28 ? 1_555 CD ? B CD . ? A CD 1001 ? 1_555 OD2 ? A ASP 48 ? A ASP 49 ? 1_555 106.7 ? 
8  O   ? A GLY 29 ? A GLY 30 ? 1_555 CD ? B CD . ? A CD 1001 ? 1_555 OD2 ? A ASP 48 ? A ASP 49 ? 1_555 163.3 ? 
9  O   ? A GLY 31 ? A GLY 32 ? 1_555 CD ? B CD . ? A CD 1001 ? 1_555 OD2 ? A ASP 48 ? A ASP 49 ? 1_555 91.0  ? 
10 OD1 ? A ASP 48 ? A ASP 49 ? 1_555 CD ? B CD . ? A CD 1001 ? 1_555 OD2 ? A ASP 48 ? A ASP 49 ? 1_555 48.4  ? 
# 
loop_
_pdbx_modification_feature.ordinal 
_pdbx_modification_feature.label_comp_id 
_pdbx_modification_feature.label_asym_id 
_pdbx_modification_feature.label_seq_id 
_pdbx_modification_feature.label_alt_id 
_pdbx_modification_feature.modified_residue_label_comp_id 
_pdbx_modification_feature.modified_residue_label_asym_id 
_pdbx_modification_feature.modified_residue_label_seq_id 
_pdbx_modification_feature.modified_residue_label_alt_id 
_pdbx_modification_feature.auth_comp_id 
_pdbx_modification_feature.auth_asym_id 
_pdbx_modification_feature.auth_seq_id 
_pdbx_modification_feature.PDB_ins_code 
_pdbx_modification_feature.symmetry 
_pdbx_modification_feature.modified_residue_auth_comp_id 
_pdbx_modification_feature.modified_residue_auth_asym_id 
_pdbx_modification_feature.modified_residue_auth_seq_id 
_pdbx_modification_feature.modified_residue_PDB_ins_code 
_pdbx_modification_feature.modified_residue_symmetry 
_pdbx_modification_feature.comp_id_linking_atom 
_pdbx_modification_feature.modified_residue_id_linking_atom 
_pdbx_modification_feature.modified_residue_id 
_pdbx_modification_feature.ref_pcm_id 
_pdbx_modification_feature.ref_comp_id 
_pdbx_modification_feature.type 
_pdbx_modification_feature.category 
1 CYS A 26 ? CYS A 116 ? CYS A 27 ? 1_555 CYS A 126 ? 1_555 SG SG . . . None 'Disulfide bridge' 
2 CYS A 28 ? CYS A 44  ? CYS A 29 ? 1_555 CYS A 45  ? 1_555 SG SG . . . None 'Disulfide bridge' 
3 CYS A 43 ? CYS A 95  ? CYS A 44 ? 1_555 CYS A 105 ? 1_555 SG SG . . . None 'Disulfide bridge' 
4 CYS A 49 ? CYS A 124 ? CYS A 50 ? 1_555 CYS A 134 ? 1_555 SG SG . . . None 'Disulfide bridge' 
5 CYS A 50 ? CYS A 88  ? CYS A 51 ? 1_555 CYS A 98  ? 1_555 SG SG . . . None 'Disulfide bridge' 
6 CYS A 57 ? CYS A 81  ? CYS A 61 ? 1_555 CYS A 91  ? 1_555 SG SG . . . None 'Disulfide bridge' 
7 CYS A 75 ? CYS A 86  ? CYS A 84 ? 1_555 CYS A 96  ? 1_555 SG SG . . . None 'Disulfide bridge' 
# 
_struct_sheet.id               A 
_struct_sheet.type             ? 
_struct_sheet.number_strands   2 
_struct_sheet.details          ? 
# 
_struct_sheet_order.sheet_id     A 
_struct_sheet_order.range_id_1   1 
_struct_sheet_order.range_id_2   2 
_struct_sheet_order.offset       ? 
_struct_sheet_order.sense        anti-parallel 
# 
loop_
_struct_sheet_range.sheet_id 
_struct_sheet_range.id 
_struct_sheet_range.beg_label_comp_id 
_struct_sheet_range.beg_label_asym_id 
_struct_sheet_range.beg_label_seq_id 
_struct_sheet_range.pdbx_beg_PDB_ins_code 
_struct_sheet_range.end_label_comp_id 
_struct_sheet_range.end_label_asym_id 
_struct_sheet_range.end_label_seq_id 
_struct_sheet_range.pdbx_end_PDB_ins_code 
_struct_sheet_range.beg_auth_comp_id 
_struct_sheet_range.beg_auth_asym_id 
_struct_sheet_range.beg_auth_seq_id 
_struct_sheet_range.end_auth_comp_id 
_struct_sheet_range.end_auth_asym_id 
_struct_sheet_range.end_auth_seq_id 
A 1 PHE A 66 ? GLU A 69 ? PHE A 75 GLU A 78 
A 2 ASP A 72 ? CYS A 75 ? ASP A 81 CYS A 84 
# 
_pdbx_struct_sheet_hbond.sheet_id                A 
_pdbx_struct_sheet_hbond.range_id_1              1 
_pdbx_struct_sheet_hbond.range_id_2              2 
_pdbx_struct_sheet_hbond.range_1_label_atom_id   N 
_pdbx_struct_sheet_hbond.range_1_label_comp_id   GLU 
_pdbx_struct_sheet_hbond.range_1_label_asym_id   A 
_pdbx_struct_sheet_hbond.range_1_label_seq_id    69 
_pdbx_struct_sheet_hbond.range_1_PDB_ins_code    ? 
_pdbx_struct_sheet_hbond.range_1_auth_atom_id    N 
_pdbx_struct_sheet_hbond.range_1_auth_comp_id    GLU 
_pdbx_struct_sheet_hbond.range_1_auth_asym_id    A 
_pdbx_struct_sheet_hbond.range_1_auth_seq_id     78 
_pdbx_struct_sheet_hbond.range_2_label_atom_id   O 
_pdbx_struct_sheet_hbond.range_2_label_comp_id   ASP 
_pdbx_struct_sheet_hbond.range_2_label_asym_id   A 
_pdbx_struct_sheet_hbond.range_2_label_seq_id    72 
_pdbx_struct_sheet_hbond.range_2_PDB_ins_code    ? 
_pdbx_struct_sheet_hbond.range_2_auth_atom_id    O 
_pdbx_struct_sheet_hbond.range_2_auth_comp_id    ASP 
_pdbx_struct_sheet_hbond.range_2_auth_asym_id    A 
_pdbx_struct_sheet_hbond.range_2_auth_seq_id     81 
# 
loop_
_struct_site.id 
_struct_site.pdbx_evidence_code 
_struct_site.pdbx_auth_asym_id 
_struct_site.pdbx_auth_comp_id 
_struct_site.pdbx_auth_seq_id 
_struct_site.pdbx_auth_ins_code 
_struct_site.pdbx_num_residues 
_struct_site.details 
AC1 Software A CD  1001 ? 4 'BINDING SITE FOR RESIDUE CD A 1001'  
AC2 Software A BU1 1002 ? 5 'BINDING SITE FOR RESIDUE BU1 A 1002' 
AC3 Software A BU1 1003 ? 7 'BINDING SITE FOR RESIDUE BU1 A 1003' 
# 
loop_
_struct_site_gen.id 
_struct_site_gen.site_id 
_struct_site_gen.pdbx_num_res 
_struct_site_gen.label_comp_id 
_struct_site_gen.label_asym_id 
_struct_site_gen.label_seq_id 
_struct_site_gen.pdbx_auth_ins_code 
_struct_site_gen.auth_comp_id 
_struct_site_gen.auth_asym_id 
_struct_site_gen.auth_seq_id 
_struct_site_gen.label_atom_id 
_struct_site_gen.label_alt_id 
_struct_site_gen.symmetry 
_struct_site_gen.details 
1  AC1 4 TYR A 27 ? TYR A 28   . ? 1_555 ? 
2  AC1 4 GLY A 29 ? GLY A 30   . ? 1_555 ? 
3  AC1 4 GLY A 31 ? GLY A 32   . ? 1_555 ? 
4  AC1 4 ASP A 48 ? ASP A 49   . ? 1_555 ? 
5  AC2 5 PHE A 5  ? PHE A 5    . ? 1_555 ? 
6  AC2 5 GLU A 6  ? GLU A 6    . ? 1_555 ? 
7  AC2 5 MET A 18 ? MET A 19   . ? 1_555 ? 
8  AC2 5 TYR A 21 ? TYR A 22   . ? 1_555 ? 
9  AC2 5 CYS A 44 ? CYS A 45   . ? 1_555 ? 
10 AC3 7 MET A 18 ? MET A 19   . ? 1_555 ? 
11 AC3 7 GLN A 19 ? GLN A 20   . ? 1_555 ? 
12 AC3 7 SER A 22 ? SER A 23   . ? 1_555 ? 
13 AC3 7 PRO A 36 ? PRO A 37   . ? 5_564 ? 
14 AC3 7 ALA A 39 ? ALA A 40   . ? 5_564 ? 
15 AC3 7 ARG A 42 ? ARG A 43   . ? 5_564 ? 
16 AC3 7 HOH E .  ? HOH A 1007 . ? 5_564 ? 
# 
_pdbx_entry_details.entry_id                   1M8S 
_pdbx_entry_details.compound_details           ? 
_pdbx_entry_details.source_details             ? 
_pdbx_entry_details.nonpolymer_details         ? 
_pdbx_entry_details.sequence_details           ? 
_pdbx_entry_details.has_ligand_of_interest     ? 
_pdbx_entry_details.has_protein_modification   Y 
# 
_pdbx_validate_torsion.id              1 
_pdbx_validate_torsion.PDB_model_num   1 
_pdbx_validate_torsion.auth_comp_id    ASN 
_pdbx_validate_torsion.auth_asym_id    A 
_pdbx_validate_torsion.auth_seq_id     24 
_pdbx_validate_torsion.PDB_ins_code    ? 
_pdbx_validate_torsion.label_alt_id    ? 
_pdbx_validate_torsion.phi             -160.85 
_pdbx_validate_torsion.psi             61.23 
# 
loop_
_chem_comp_atom.comp_id 
_chem_comp_atom.atom_id 
_chem_comp_atom.type_symbol 
_chem_comp_atom.pdbx_aromatic_flag 
_chem_comp_atom.pdbx_stereo_config 
_chem_comp_atom.pdbx_ordinal 
ALA N    N  N N 1   
ALA CA   C  N S 2   
ALA C    C  N N 3   
ALA O    O  N N 4   
ALA CB   C  N N 5   
ALA OXT  O  N N 6   
ALA H    H  N N 7   
ALA H2   H  N N 8   
ALA HA   H  N N 9   
ALA HB1  H  N N 10  
ALA HB2  H  N N 11  
ALA HB3  H  N N 12  
ALA HXT  H  N N 13  
ARG N    N  N N 14  
ARG CA   C  N S 15  
ARG C    C  N N 16  
ARG O    O  N N 17  
ARG CB   C  N N 18  
ARG CG   C  N N 19  
ARG CD   C  N N 20  
ARG NE   N  N N 21  
ARG CZ   C  N N 22  
ARG NH1  N  N N 23  
ARG NH2  N  N N 24  
ARG OXT  O  N N 25  
ARG H    H  N N 26  
ARG H2   H  N N 27  
ARG HA   H  N N 28  
ARG HB2  H  N N 29  
ARG HB3  H  N N 30  
ARG HG2  H  N N 31  
ARG HG3  H  N N 32  
ARG HD2  H  N N 33  
ARG HD3  H  N N 34  
ARG HE   H  N N 35  
ARG HH11 H  N N 36  
ARG HH12 H  N N 37  
ARG HH21 H  N N 38  
ARG HH22 H  N N 39  
ARG HXT  H  N N 40  
ASN N    N  N N 41  
ASN CA   C  N S 42  
ASN C    C  N N 43  
ASN O    O  N N 44  
ASN CB   C  N N 45  
ASN CG   C  N N 46  
ASN OD1  O  N N 47  
ASN ND2  N  N N 48  
ASN OXT  O  N N 49  
ASN H    H  N N 50  
ASN H2   H  N N 51  
ASN HA   H  N N 52  
ASN HB2  H  N N 53  
ASN HB3  H  N N 54  
ASN HD21 H  N N 55  
ASN HD22 H  N N 56  
ASN HXT  H  N N 57  
ASP N    N  N N 58  
ASP CA   C  N S 59  
ASP C    C  N N 60  
ASP O    O  N N 61  
ASP CB   C  N N 62  
ASP CG   C  N N 63  
ASP OD1  O  N N 64  
ASP OD2  O  N N 65  
ASP OXT  O  N N 66  
ASP H    H  N N 67  
ASP H2   H  N N 68  
ASP HA   H  N N 69  
ASP HB2  H  N N 70  
ASP HB3  H  N N 71  
ASP HD2  H  N N 72  
ASP HXT  H  N N 73  
BU1 C1   C  N N 74  
BU1 C2   C  N N 75  
BU1 C3   C  N N 76  
BU1 C4   C  N N 77  
BU1 O5   O  N N 78  
BU1 O6   O  N N 79  
BU1 H11  H  N N 80  
BU1 H12  H  N N 81  
BU1 H21  H  N N 82  
BU1 H22  H  N N 83  
BU1 H31  H  N N 84  
BU1 H32  H  N N 85  
BU1 H41  H  N N 86  
BU1 H42  H  N N 87  
BU1 HO5  H  N N 88  
BU1 HO6  H  N N 89  
CD  CD   CD N N 90  
CYS N    N  N N 91  
CYS CA   C  N R 92  
CYS C    C  N N 93  
CYS O    O  N N 94  
CYS CB   C  N N 95  
CYS SG   S  N N 96  
CYS OXT  O  N N 97  
CYS H    H  N N 98  
CYS H2   H  N N 99  
CYS HA   H  N N 100 
CYS HB2  H  N N 101 
CYS HB3  H  N N 102 
CYS HG   H  N N 103 
CYS HXT  H  N N 104 
GLN N    N  N N 105 
GLN CA   C  N S 106 
GLN C    C  N N 107 
GLN O    O  N N 108 
GLN CB   C  N N 109 
GLN CG   C  N N 110 
GLN CD   C  N N 111 
GLN OE1  O  N N 112 
GLN NE2  N  N N 113 
GLN OXT  O  N N 114 
GLN H    H  N N 115 
GLN H2   H  N N 116 
GLN HA   H  N N 117 
GLN HB2  H  N N 118 
GLN HB3  H  N N 119 
GLN HG2  H  N N 120 
GLN HG3  H  N N 121 
GLN HE21 H  N N 122 
GLN HE22 H  N N 123 
GLN HXT  H  N N 124 
GLU N    N  N N 125 
GLU CA   C  N S 126 
GLU C    C  N N 127 
GLU O    O  N N 128 
GLU CB   C  N N 129 
GLU CG   C  N N 130 
GLU CD   C  N N 131 
GLU OE1  O  N N 132 
GLU OE2  O  N N 133 
GLU OXT  O  N N 134 
GLU H    H  N N 135 
GLU H2   H  N N 136 
GLU HA   H  N N 137 
GLU HB2  H  N N 138 
GLU HB3  H  N N 139 
GLU HG2  H  N N 140 
GLU HG3  H  N N 141 
GLU HE2  H  N N 142 
GLU HXT  H  N N 143 
GLY N    N  N N 144 
GLY CA   C  N N 145 
GLY C    C  N N 146 
GLY O    O  N N 147 
GLY OXT  O  N N 148 
GLY H    H  N N 149 
GLY H2   H  N N 150 
GLY HA2  H  N N 151 
GLY HA3  H  N N 152 
GLY HXT  H  N N 153 
HIS N    N  N N 154 
HIS CA   C  N S 155 
HIS C    C  N N 156 
HIS O    O  N N 157 
HIS CB   C  N N 158 
HIS CG   C  Y N 159 
HIS ND1  N  Y N 160 
HIS CD2  C  Y N 161 
HIS CE1  C  Y N 162 
HIS NE2  N  Y N 163 
HIS OXT  O  N N 164 
HIS H    H  N N 165 
HIS H2   H  N N 166 
HIS HA   H  N N 167 
HIS HB2  H  N N 168 
HIS HB3  H  N N 169 
HIS HD1  H  N N 170 
HIS HD2  H  N N 171 
HIS HE1  H  N N 172 
HIS HE2  H  N N 173 
HIS HXT  H  N N 174 
HOH O    O  N N 175 
HOH H1   H  N N 176 
HOH H2   H  N N 177 
ILE N    N  N N 178 
ILE CA   C  N S 179 
ILE C    C  N N 180 
ILE O    O  N N 181 
ILE CB   C  N S 182 
ILE CG1  C  N N 183 
ILE CG2  C  N N 184 
ILE CD1  C  N N 185 
ILE OXT  O  N N 186 
ILE H    H  N N 187 
ILE H2   H  N N 188 
ILE HA   H  N N 189 
ILE HB   H  N N 190 
ILE HG12 H  N N 191 
ILE HG13 H  N N 192 
ILE HG21 H  N N 193 
ILE HG22 H  N N 194 
ILE HG23 H  N N 195 
ILE HD11 H  N N 196 
ILE HD12 H  N N 197 
ILE HD13 H  N N 198 
ILE HXT  H  N N 199 
LEU N    N  N N 200 
LEU CA   C  N S 201 
LEU C    C  N N 202 
LEU O    O  N N 203 
LEU CB   C  N N 204 
LEU CG   C  N N 205 
LEU CD1  C  N N 206 
LEU CD2  C  N N 207 
LEU OXT  O  N N 208 
LEU H    H  N N 209 
LEU H2   H  N N 210 
LEU HA   H  N N 211 
LEU HB2  H  N N 212 
LEU HB3  H  N N 213 
LEU HG   H  N N 214 
LEU HD11 H  N N 215 
LEU HD12 H  N N 216 
LEU HD13 H  N N 217 
LEU HD21 H  N N 218 
LEU HD22 H  N N 219 
LEU HD23 H  N N 220 
LEU HXT  H  N N 221 
LYS N    N  N N 222 
LYS CA   C  N S 223 
LYS C    C  N N 224 
LYS O    O  N N 225 
LYS CB   C  N N 226 
LYS CG   C  N N 227 
LYS CD   C  N N 228 
LYS CE   C  N N 229 
LYS NZ   N  N N 230 
LYS OXT  O  N N 231 
LYS H    H  N N 232 
LYS H2   H  N N 233 
LYS HA   H  N N 234 
LYS HB2  H  N N 235 
LYS HB3  H  N N 236 
LYS HG2  H  N N 237 
LYS HG3  H  N N 238 
LYS HD2  H  N N 239 
LYS HD3  H  N N 240 
LYS HE2  H  N N 241 
LYS HE3  H  N N 242 
LYS HZ1  H  N N 243 
LYS HZ2  H  N N 244 
LYS HZ3  H  N N 245 
LYS HXT  H  N N 246 
MET N    N  N N 247 
MET CA   C  N S 248 
MET C    C  N N 249 
MET O    O  N N 250 
MET CB   C  N N 251 
MET CG   C  N N 252 
MET SD   S  N N 253 
MET CE   C  N N 254 
MET OXT  O  N N 255 
MET H    H  N N 256 
MET H2   H  N N 257 
MET HA   H  N N 258 
MET HB2  H  N N 259 
MET HB3  H  N N 260 
MET HG2  H  N N 261 
MET HG3  H  N N 262 
MET HE1  H  N N 263 
MET HE2  H  N N 264 
MET HE3  H  N N 265 
MET HXT  H  N N 266 
PHE N    N  N N 267 
PHE CA   C  N S 268 
PHE C    C  N N 269 
PHE O    O  N N 270 
PHE CB   C  N N 271 
PHE CG   C  Y N 272 
PHE CD1  C  Y N 273 
PHE CD2  C  Y N 274 
PHE CE1  C  Y N 275 
PHE CE2  C  Y N 276 
PHE CZ   C  Y N 277 
PHE OXT  O  N N 278 
PHE H    H  N N 279 
PHE H2   H  N N 280 
PHE HA   H  N N 281 
PHE HB2  H  N N 282 
PHE HB3  H  N N 283 
PHE HD1  H  N N 284 
PHE HD2  H  N N 285 
PHE HE1  H  N N 286 
PHE HE2  H  N N 287 
PHE HZ   H  N N 288 
PHE HXT  H  N N 289 
PRO N    N  N N 290 
PRO CA   C  N S 291 
PRO C    C  N N 292 
PRO O    O  N N 293 
PRO CB   C  N N 294 
PRO CG   C  N N 295 
PRO CD   C  N N 296 
PRO OXT  O  N N 297 
PRO H    H  N N 298 
PRO HA   H  N N 299 
PRO HB2  H  N N 300 
PRO HB3  H  N N 301 
PRO HG2  H  N N 302 
PRO HG3  H  N N 303 
PRO HD2  H  N N 304 
PRO HD3  H  N N 305 
PRO HXT  H  N N 306 
SER N    N  N N 307 
SER CA   C  N S 308 
SER C    C  N N 309 
SER O    O  N N 310 
SER CB   C  N N 311 
SER OG   O  N N 312 
SER OXT  O  N N 313 
SER H    H  N N 314 
SER H2   H  N N 315 
SER HA   H  N N 316 
SER HB2  H  N N 317 
SER HB3  H  N N 318 
SER HG   H  N N 319 
SER HXT  H  N N 320 
THR N    N  N N 321 
THR CA   C  N S 322 
THR C    C  N N 323 
THR O    O  N N 324 
THR CB   C  N R 325 
THR OG1  O  N N 326 
THR CG2  C  N N 327 
THR OXT  O  N N 328 
THR H    H  N N 329 
THR H2   H  N N 330 
THR HA   H  N N 331 
THR HB   H  N N 332 
THR HG1  H  N N 333 
THR HG21 H  N N 334 
THR HG22 H  N N 335 
THR HG23 H  N N 336 
THR HXT  H  N N 337 
TRP N    N  N N 338 
TRP CA   C  N S 339 
TRP C    C  N N 340 
TRP O    O  N N 341 
TRP CB   C  N N 342 
TRP CG   C  Y N 343 
TRP CD1  C  Y N 344 
TRP CD2  C  Y N 345 
TRP NE1  N  Y N 346 
TRP CE2  C  Y N 347 
TRP CE3  C  Y N 348 
TRP CZ2  C  Y N 349 
TRP CZ3  C  Y N 350 
TRP CH2  C  Y N 351 
TRP OXT  O  N N 352 
TRP H    H  N N 353 
TRP H2   H  N N 354 
TRP HA   H  N N 355 
TRP HB2  H  N N 356 
TRP HB3  H  N N 357 
TRP HD1  H  N N 358 
TRP HE1  H  N N 359 
TRP HE3  H  N N 360 
TRP HZ2  H  N N 361 
TRP HZ3  H  N N 362 
TRP HH2  H  N N 363 
TRP HXT  H  N N 364 
TYR N    N  N N 365 
TYR CA   C  N S 366 
TYR C    C  N N 367 
TYR O    O  N N 368 
TYR CB   C  N N 369 
TYR CG   C  Y N 370 
TYR CD1  C  Y N 371 
TYR CD2  C  Y N 372 
TYR CE1  C  Y N 373 
TYR CE2  C  Y N 374 
TYR CZ   C  Y N 375 
TYR OH   O  N N 376 
TYR OXT  O  N N 377 
TYR H    H  N N 378 
TYR H2   H  N N 379 
TYR HA   H  N N 380 
TYR HB2  H  N N 381 
TYR HB3  H  N N 382 
TYR HD1  H  N N 383 
TYR HD2  H  N N 384 
TYR HE1  H  N N 385 
TYR HE2  H  N N 386 
TYR HH   H  N N 387 
TYR HXT  H  N N 388 
VAL N    N  N N 389 
VAL CA   C  N S 390 
VAL C    C  N N 391 
VAL O    O  N N 392 
VAL CB   C  N N 393 
VAL CG1  C  N N 394 
VAL CG2  C  N N 395 
VAL OXT  O  N N 396 
VAL H    H  N N 397 
VAL H2   H  N N 398 
VAL HA   H  N N 399 
VAL HB   H  N N 400 
VAL HG11 H  N N 401 
VAL HG12 H  N N 402 
VAL HG13 H  N N 403 
VAL HG21 H  N N 404 
VAL HG22 H  N N 405 
VAL HG23 H  N N 406 
VAL HXT  H  N N 407 
# 
loop_
_chem_comp_bond.comp_id 
_chem_comp_bond.atom_id_1 
_chem_comp_bond.atom_id_2 
_chem_comp_bond.value_order 
_chem_comp_bond.pdbx_aromatic_flag 
_chem_comp_bond.pdbx_stereo_config 
_chem_comp_bond.pdbx_ordinal 
ALA N   CA   sing N N 1   
ALA N   H    sing N N 2   
ALA N   H2   sing N N 3   
ALA CA  C    sing N N 4   
ALA CA  CB   sing N N 5   
ALA CA  HA   sing N N 6   
ALA C   O    doub N N 7   
ALA C   OXT  sing N N 8   
ALA CB  HB1  sing N N 9   
ALA CB  HB2  sing N N 10  
ALA CB  HB3  sing N N 11  
ALA OXT HXT  sing N N 12  
ARG N   CA   sing N N 13  
ARG N   H    sing N N 14  
ARG N   H2   sing N N 15  
ARG CA  C    sing N N 16  
ARG CA  CB   sing N N 17  
ARG CA  HA   sing N N 18  
ARG C   O    doub N N 19  
ARG C   OXT  sing N N 20  
ARG CB  CG   sing N N 21  
ARG CB  HB2  sing N N 22  
ARG CB  HB3  sing N N 23  
ARG CG  CD   sing N N 24  
ARG CG  HG2  sing N N 25  
ARG CG  HG3  sing N N 26  
ARG CD  NE   sing N N 27  
ARG CD  HD2  sing N N 28  
ARG CD  HD3  sing N N 29  
ARG NE  CZ   sing N N 30  
ARG NE  HE   sing N N 31  
ARG CZ  NH1  sing N N 32  
ARG CZ  NH2  doub N N 33  
ARG NH1 HH11 sing N N 34  
ARG NH1 HH12 sing N N 35  
ARG NH2 HH21 sing N N 36  
ARG NH2 HH22 sing N N 37  
ARG OXT HXT  sing N N 38  
ASN N   CA   sing N N 39  
ASN N   H    sing N N 40  
ASN N   H2   sing N N 41  
ASN CA  C    sing N N 42  
ASN CA  CB   sing N N 43  
ASN CA  HA   sing N N 44  
ASN C   O    doub N N 45  
ASN C   OXT  sing N N 46  
ASN CB  CG   sing N N 47  
ASN CB  HB2  sing N N 48  
ASN CB  HB3  sing N N 49  
ASN CG  OD1  doub N N 50  
ASN CG  ND2  sing N N 51  
ASN ND2 HD21 sing N N 52  
ASN ND2 HD22 sing N N 53  
ASN OXT HXT  sing N N 54  
ASP N   CA   sing N N 55  
ASP N   H    sing N N 56  
ASP N   H2   sing N N 57  
ASP CA  C    sing N N 58  
ASP CA  CB   sing N N 59  
ASP CA  HA   sing N N 60  
ASP C   O    doub N N 61  
ASP C   OXT  sing N N 62  
ASP CB  CG   sing N N 63  
ASP CB  HB2  sing N N 64  
ASP CB  HB3  sing N N 65  
ASP CG  OD1  doub N N 66  
ASP CG  OD2  sing N N 67  
ASP OD2 HD2  sing N N 68  
ASP OXT HXT  sing N N 69  
BU1 C1  C2   sing N N 70  
BU1 C1  O5   sing N N 71  
BU1 C1  H11  sing N N 72  
BU1 C1  H12  sing N N 73  
BU1 C2  C3   sing N N 74  
BU1 C2  H21  sing N N 75  
BU1 C2  H22  sing N N 76  
BU1 C3  C4   sing N N 77  
BU1 C3  H31  sing N N 78  
BU1 C3  H32  sing N N 79  
BU1 C4  O6   sing N N 80  
BU1 C4  H41  sing N N 81  
BU1 C4  H42  sing N N 82  
BU1 O5  HO5  sing N N 83  
BU1 O6  HO6  sing N N 84  
CYS N   CA   sing N N 85  
CYS N   H    sing N N 86  
CYS N   H2   sing N N 87  
CYS CA  C    sing N N 88  
CYS CA  CB   sing N N 89  
CYS CA  HA   sing N N 90  
CYS C   O    doub N N 91  
CYS C   OXT  sing N N 92  
CYS CB  SG   sing N N 93  
CYS CB  HB2  sing N N 94  
CYS CB  HB3  sing N N 95  
CYS SG  HG   sing N N 96  
CYS OXT HXT  sing N N 97  
GLN N   CA   sing N N 98  
GLN N   H    sing N N 99  
GLN N   H2   sing N N 100 
GLN CA  C    sing N N 101 
GLN CA  CB   sing N N 102 
GLN CA  HA   sing N N 103 
GLN C   O    doub N N 104 
GLN C   OXT  sing N N 105 
GLN CB  CG   sing N N 106 
GLN CB  HB2  sing N N 107 
GLN CB  HB3  sing N N 108 
GLN CG  CD   sing N N 109 
GLN CG  HG2  sing N N 110 
GLN CG  HG3  sing N N 111 
GLN CD  OE1  doub N N 112 
GLN CD  NE2  sing N N 113 
GLN NE2 HE21 sing N N 114 
GLN NE2 HE22 sing N N 115 
GLN OXT HXT  sing N N 116 
GLU N   CA   sing N N 117 
GLU N   H    sing N N 118 
GLU N   H2   sing N N 119 
GLU CA  C    sing N N 120 
GLU CA  CB   sing N N 121 
GLU CA  HA   sing N N 122 
GLU C   O    doub N N 123 
GLU C   OXT  sing N N 124 
GLU CB  CG   sing N N 125 
GLU CB  HB2  sing N N 126 
GLU CB  HB3  sing N N 127 
GLU CG  CD   sing N N 128 
GLU CG  HG2  sing N N 129 
GLU CG  HG3  sing N N 130 
GLU CD  OE1  doub N N 131 
GLU CD  OE2  sing N N 132 
GLU OE2 HE2  sing N N 133 
GLU OXT HXT  sing N N 134 
GLY N   CA   sing N N 135 
GLY N   H    sing N N 136 
GLY N   H2   sing N N 137 
GLY CA  C    sing N N 138 
GLY CA  HA2  sing N N 139 
GLY CA  HA3  sing N N 140 
GLY C   O    doub N N 141 
GLY C   OXT  sing N N 142 
GLY OXT HXT  sing N N 143 
HIS N   CA   sing N N 144 
HIS N   H    sing N N 145 
HIS N   H2   sing N N 146 
HIS CA  C    sing N N 147 
HIS CA  CB   sing N N 148 
HIS CA  HA   sing N N 149 
HIS C   O    doub N N 150 
HIS C   OXT  sing N N 151 
HIS CB  CG   sing N N 152 
HIS CB  HB2  sing N N 153 
HIS CB  HB3  sing N N 154 
HIS CG  ND1  sing Y N 155 
HIS CG  CD2  doub Y N 156 
HIS ND1 CE1  doub Y N 157 
HIS ND1 HD1  sing N N 158 
HIS CD2 NE2  sing Y N 159 
HIS CD2 HD2  sing N N 160 
HIS CE1 NE2  sing Y N 161 
HIS CE1 HE1  sing N N 162 
HIS NE2 HE2  sing N N 163 
HIS OXT HXT  sing N N 164 
HOH O   H1   sing N N 165 
HOH O   H2   sing N N 166 
ILE N   CA   sing N N 167 
ILE N   H    sing N N 168 
ILE N   H2   sing N N 169 
ILE CA  C    sing N N 170 
ILE CA  CB   sing N N 171 
ILE CA  HA   sing N N 172 
ILE C   O    doub N N 173 
ILE C   OXT  sing N N 174 
ILE CB  CG1  sing N N 175 
ILE CB  CG2  sing N N 176 
ILE CB  HB   sing N N 177 
ILE CG1 CD1  sing N N 178 
ILE CG1 HG12 sing N N 179 
ILE CG1 HG13 sing N N 180 
ILE CG2 HG21 sing N N 181 
ILE CG2 HG22 sing N N 182 
ILE CG2 HG23 sing N N 183 
ILE CD1 HD11 sing N N 184 
ILE CD1 HD12 sing N N 185 
ILE CD1 HD13 sing N N 186 
ILE OXT HXT  sing N N 187 
LEU N   CA   sing N N 188 
LEU N   H    sing N N 189 
LEU N   H2   sing N N 190 
LEU CA  C    sing N N 191 
LEU CA  CB   sing N N 192 
LEU CA  HA   sing N N 193 
LEU C   O    doub N N 194 
LEU C   OXT  sing N N 195 
LEU CB  CG   sing N N 196 
LEU CB  HB2  sing N N 197 
LEU CB  HB3  sing N N 198 
LEU CG  CD1  sing N N 199 
LEU CG  CD2  sing N N 200 
LEU CG  HG   sing N N 201 
LEU CD1 HD11 sing N N 202 
LEU CD1 HD12 sing N N 203 
LEU CD1 HD13 sing N N 204 
LEU CD2 HD21 sing N N 205 
LEU CD2 HD22 sing N N 206 
LEU CD2 HD23 sing N N 207 
LEU OXT HXT  sing N N 208 
LYS N   CA   sing N N 209 
LYS N   H    sing N N 210 
LYS N   H2   sing N N 211 
LYS CA  C    sing N N 212 
LYS CA  CB   sing N N 213 
LYS CA  HA   sing N N 214 
LYS C   O    doub N N 215 
LYS C   OXT  sing N N 216 
LYS CB  CG   sing N N 217 
LYS CB  HB2  sing N N 218 
LYS CB  HB3  sing N N 219 
LYS CG  CD   sing N N 220 
LYS CG  HG2  sing N N 221 
LYS CG  HG3  sing N N 222 
LYS CD  CE   sing N N 223 
LYS CD  HD2  sing N N 224 
LYS CD  HD3  sing N N 225 
LYS CE  NZ   sing N N 226 
LYS CE  HE2  sing N N 227 
LYS CE  HE3  sing N N 228 
LYS NZ  HZ1  sing N N 229 
LYS NZ  HZ2  sing N N 230 
LYS NZ  HZ3  sing N N 231 
LYS OXT HXT  sing N N 232 
MET N   CA   sing N N 233 
MET N   H    sing N N 234 
MET N   H2   sing N N 235 
MET CA  C    sing N N 236 
MET CA  CB   sing N N 237 
MET CA  HA   sing N N 238 
MET C   O    doub N N 239 
MET C   OXT  sing N N 240 
MET CB  CG   sing N N 241 
MET CB  HB2  sing N N 242 
MET CB  HB3  sing N N 243 
MET CG  SD   sing N N 244 
MET CG  HG2  sing N N 245 
MET CG  HG3  sing N N 246 
MET SD  CE   sing N N 247 
MET CE  HE1  sing N N 248 
MET CE  HE2  sing N N 249 
MET CE  HE3  sing N N 250 
MET OXT HXT  sing N N 251 
PHE N   CA   sing N N 252 
PHE N   H    sing N N 253 
PHE N   H2   sing N N 254 
PHE CA  C    sing N N 255 
PHE CA  CB   sing N N 256 
PHE CA  HA   sing N N 257 
PHE C   O    doub N N 258 
PHE C   OXT  sing N N 259 
PHE CB  CG   sing N N 260 
PHE CB  HB2  sing N N 261 
PHE CB  HB3  sing N N 262 
PHE CG  CD1  doub Y N 263 
PHE CG  CD2  sing Y N 264 
PHE CD1 CE1  sing Y N 265 
PHE CD1 HD1  sing N N 266 
PHE CD2 CE2  doub Y N 267 
PHE CD2 HD2  sing N N 268 
PHE CE1 CZ   doub Y N 269 
PHE CE1 HE1  sing N N 270 
PHE CE2 CZ   sing Y N 271 
PHE CE2 HE2  sing N N 272 
PHE CZ  HZ   sing N N 273 
PHE OXT HXT  sing N N 274 
PRO N   CA   sing N N 275 
PRO N   CD   sing N N 276 
PRO N   H    sing N N 277 
PRO CA  C    sing N N 278 
PRO CA  CB   sing N N 279 
PRO CA  HA   sing N N 280 
PRO C   O    doub N N 281 
PRO C   OXT  sing N N 282 
PRO CB  CG   sing N N 283 
PRO CB  HB2  sing N N 284 
PRO CB  HB3  sing N N 285 
PRO CG  CD   sing N N 286 
PRO CG  HG2  sing N N 287 
PRO CG  HG3  sing N N 288 
PRO CD  HD2  sing N N 289 
PRO CD  HD3  sing N N 290 
PRO OXT HXT  sing N N 291 
SER N   CA   sing N N 292 
SER N   H    sing N N 293 
SER N   H2   sing N N 294 
SER CA  C    sing N N 295 
SER CA  CB   sing N N 296 
SER CA  HA   sing N N 297 
SER C   O    doub N N 298 
SER C   OXT  sing N N 299 
SER CB  OG   sing N N 300 
SER CB  HB2  sing N N 301 
SER CB  HB3  sing N N 302 
SER OG  HG   sing N N 303 
SER OXT HXT  sing N N 304 
THR N   CA   sing N N 305 
THR N   H    sing N N 306 
THR N   H2   sing N N 307 
THR CA  C    sing N N 308 
THR CA  CB   sing N N 309 
THR CA  HA   sing N N 310 
THR C   O    doub N N 311 
THR C   OXT  sing N N 312 
THR CB  OG1  sing N N 313 
THR CB  CG2  sing N N 314 
THR CB  HB   sing N N 315 
THR OG1 HG1  sing N N 316 
THR CG2 HG21 sing N N 317 
THR CG2 HG22 sing N N 318 
THR CG2 HG23 sing N N 319 
THR OXT HXT  sing N N 320 
TRP N   CA   sing N N 321 
TRP N   H    sing N N 322 
TRP N   H2   sing N N 323 
TRP CA  C    sing N N 324 
TRP CA  CB   sing N N 325 
TRP CA  HA   sing N N 326 
TRP C   O    doub N N 327 
TRP C   OXT  sing N N 328 
TRP CB  CG   sing N N 329 
TRP CB  HB2  sing N N 330 
TRP CB  HB3  sing N N 331 
TRP CG  CD1  doub Y N 332 
TRP CG  CD2  sing Y N 333 
TRP CD1 NE1  sing Y N 334 
TRP CD1 HD1  sing N N 335 
TRP CD2 CE2  doub Y N 336 
TRP CD2 CE3  sing Y N 337 
TRP NE1 CE2  sing Y N 338 
TRP NE1 HE1  sing N N 339 
TRP CE2 CZ2  sing Y N 340 
TRP CE3 CZ3  doub Y N 341 
TRP CE3 HE3  sing N N 342 
TRP CZ2 CH2  doub Y N 343 
TRP CZ2 HZ2  sing N N 344 
TRP CZ3 CH2  sing Y N 345 
TRP CZ3 HZ3  sing N N 346 
TRP CH2 HH2  sing N N 347 
TRP OXT HXT  sing N N 348 
TYR N   CA   sing N N 349 
TYR N   H    sing N N 350 
TYR N   H2   sing N N 351 
TYR CA  C    sing N N 352 
TYR CA  CB   sing N N 353 
TYR CA  HA   sing N N 354 
TYR C   O    doub N N 355 
TYR C   OXT  sing N N 356 
TYR CB  CG   sing N N 357 
TYR CB  HB2  sing N N 358 
TYR CB  HB3  sing N N 359 
TYR CG  CD1  doub Y N 360 
TYR CG  CD2  sing Y N 361 
TYR CD1 CE1  sing Y N 362 
TYR CD1 HD1  sing N N 363 
TYR CD2 CE2  doub Y N 364 
TYR CD2 HD2  sing N N 365 
TYR CE1 CZ   doub Y N 366 
TYR CE1 HE1  sing N N 367 
TYR CE2 CZ   sing Y N 368 
TYR CE2 HE2  sing N N 369 
TYR CZ  OH   sing N N 370 
TYR OH  HH   sing N N 371 
TYR OXT HXT  sing N N 372 
VAL N   CA   sing N N 373 
VAL N   H    sing N N 374 
VAL N   H2   sing N N 375 
VAL CA  C    sing N N 376 
VAL CA  CB   sing N N 377 
VAL CA  HA   sing N N 378 
VAL C   O    doub N N 379 
VAL C   OXT  sing N N 380 
VAL CB  CG1  sing N N 381 
VAL CB  CG2  sing N N 382 
VAL CB  HB   sing N N 383 
VAL CG1 HG11 sing N N 384 
VAL CG1 HG12 sing N N 385 
VAL CG1 HG13 sing N N 386 
VAL CG2 HG21 sing N N 387 
VAL CG2 HG22 sing N N 388 
VAL CG2 HG23 sing N N 389 
VAL OXT HXT  sing N N 390 
# 
_pdbx_initial_refinement_model.id               1 
_pdbx_initial_refinement_model.entity_id_list   ? 
_pdbx_initial_refinement_model.type             'experimental model' 
_pdbx_initial_refinement_model.source_name      PDB 
_pdbx_initial_refinement_model.accession_code   1PSJ 
_pdbx_initial_refinement_model.details          'PDB ENTRY 1PSJ' 
# 
_atom_sites.entry_id                    1M8S 
_atom_sites.fract_transf_matrix[1][1]   0.00608263 
_atom_sites.fract_transf_matrix[1][2]   0.00378203 
_atom_sites.fract_transf_matrix[1][3]   0.01189553 
_atom_sites.fract_transf_matrix[2][1]   0.01357384 
_atom_sites.fract_transf_matrix[2][2]   0.00291338 
_atom_sites.fract_transf_matrix[2][3]   0.00023710 
_atom_sites.fract_transf_matrix[3][1]   -0.00616809 
_atom_sites.fract_transf_matrix[3][2]   0.02923780 
_atom_sites.fract_transf_matrix[3][3]   -0.00614182 
_atom_sites.fract_transf_vector[1]      0.625657 
_atom_sites.fract_transf_vector[2]      0.773258 
_atom_sites.fract_transf_vector[3]      -0.007749 
# 
loop_
_atom_type.symbol 
C  
CD 
N  
O  
S  
# 
loop_
_atom_site.group_PDB 
_atom_site.id 
_atom_site.type_symbol 
_atom_site.label_atom_id 
_atom_site.label_alt_id 
_atom_site.label_comp_id 
_atom_site.label_asym_id 
_atom_site.label_entity_id 
_atom_site.label_seq_id 
_atom_site.pdbx_PDB_ins_code 
_atom_site.Cartn_x 
_atom_site.Cartn_y 
_atom_site.Cartn_z 
_atom_site.occupancy 
_atom_site.B_iso_or_equiv 
_atom_site.pdbx_formal_charge 
_atom_site.auth_seq_id 
_atom_site.auth_comp_id 
_atom_site.auth_asym_id 
_atom_site.auth_atom_id 
_atom_site.pdbx_PDB_model_num 
ATOM   1    N  N   . SER A 1 1   ? 2.897   -8.951  -7.666  1.00 11.62 ? 1    SER A N   1 
ATOM   2    C  CA  . SER A 1 1   ? 4.285   -8.781  -7.159  1.00 12.33 ? 1    SER A CA  1 
ATOM   3    C  C   . SER A 1 1   ? 4.514   -7.317  -6.806  1.00 12.70 ? 1    SER A C   1 
ATOM   4    O  O   . SER A 1 1   ? 3.776   -6.435  -7.251  1.00 12.30 ? 1    SER A O   1 
ATOM   5    C  CB  . SER A 1 1   ? 5.286   -9.214  -8.227  1.00 12.36 ? 1    SER A CB  1 
ATOM   6    O  OG  . SER A 1 1   ? 5.245   -8.332  -9.331  1.00 13.65 ? 1    SER A OG  1 
ATOM   7    N  N   . LEU A 1 2   ? 5.543   -7.058  -6.006  1.00 14.66 ? 2    LEU A N   1 
ATOM   8    C  CA  . LEU A 1 2   ? 5.854   -5.695  -5.595  1.00 15.92 ? 2    LEU A CA  1 
ATOM   9    C  C   . LEU A 1 2   ? 6.158   -4.772  -6.770  1.00 14.66 ? 2    LEU A C   1 
ATOM   10   O  O   . LEU A 1 2   ? 5.892   -3.574  -6.709  1.00 11.79 ? 2    LEU A O   1 
ATOM   11   C  CB  . LEU A 1 2   ? 7.024   -5.701  -4.611  1.00 24.22 ? 2    LEU A CB  1 
ATOM   12   C  CG  . LEU A 1 2   ? 6.699   -6.434  -3.304  1.00 28.21 ? 2    LEU A CG  1 
ATOM   13   C  CD1 . LEU A 1 2   ? 7.890   -6.367  -2.360  1.00 30.99 ? 2    LEU A CD1 1 
ATOM   14   C  CD2 . LEU A 1 2   ? 5.473   -5.806  -2.653  1.00 31.22 ? 2    LEU A CD2 1 
ATOM   15   N  N   . VAL A 1 3   ? 6.721   -5.323  -7.839  1.00 12.90 ? 3    VAL A N   1 
ATOM   16   C  CA  . VAL A 1 3   ? 7.017   -4.512  -9.010  1.00 14.86 ? 3    VAL A CA  1 
ATOM   17   C  C   . VAL A 1 3   ? 5.694   -4.055  -9.630  1.00 12.74 ? 3    VAL A C   1 
ATOM   18   O  O   . VAL A 1 3   ? 5.583   -2.938  -10.131 1.00 12.37 ? 3    VAL A O   1 
ATOM   19   C  CB  . VAL A 1 3   ? 7.790   -5.326  -10.042 1.00 29.28 ? 3    VAL A CB  1 
ATOM   20   C  CG1 . VAL A 1 3   ? 7.075   -6.616  -10.448 1.00 30.92 ? 3    VAL A CG1 1 
ATOM   21   C  CG2 . VAL A 1 3   ? 8.026   -4.558  -11.341 1.00 30.79 ? 3    VAL A CG2 1 
ATOM   22   N  N   . GLN A 1 4   ? 4.687   -4.923  -9.589  1.00 12.69 ? 4    GLN A N   1 
ATOM   23   C  CA  . GLN A 1 4   ? 3.375   -4.585  -10.137 1.00 12.21 ? 4    GLN A CA  1 
ATOM   24   C  C   . GLN A 1 4   ? 2.707   -3.513  -9.277  1.00 11.20 ? 4    GLN A C   1 
ATOM   25   O  O   . GLN A 1 4   ? 2.048   -2.607  -9.792  1.00 11.73 ? 4    GLN A O   1 
ATOM   26   C  CB  . GLN A 1 4   ? 2.488   -5.832  -10.203 1.00 9.51  ? 4    GLN A CB  1 
ATOM   27   C  CG  . GLN A 1 4   ? 2.923   -6.836  -11.269 1.00 11.82 ? 4    GLN A CG  1 
ATOM   28   C  CD  . GLN A 1 4   ? 1.975   -8.016  -11.372 1.00 10.10 ? 4    GLN A CD  1 
ATOM   29   O  OE1 . GLN A 1 4   ? 1.836   -8.793  -10.432 1.00 11.20 ? 4    GLN A OE1 1 
ATOM   30   N  NE2 . GLN A 1 4   ? 1.315   -8.153  -12.518 1.00 11.17 ? 4    GLN A NE2 1 
ATOM   31   N  N   . PHE A 1 5   ? 2.890   -3.627  -7.962  1.00 10.63 ? 5    PHE A N   1 
ATOM   32   C  CA  . PHE A 1 5   ? 2.327   -2.662  -7.023  1.00 11.18 ? 5    PHE A CA  1 
ATOM   33   C  C   . PHE A 1 5   ? 2.889   -1.281  -7.359  1.00 11.66 ? 5    PHE A C   1 
ATOM   34   O  O   . PHE A 1 5   ? 2.158   -0.296  -7.395  1.00 11.64 ? 5    PHE A O   1 
ATOM   35   C  CB  . PHE A 1 5   ? 2.675   -3.059  -5.576  1.00 10.76 ? 5    PHE A CB  1 
ATOM   36   C  CG  . PHE A 1 5   ? 2.105   -2.130  -4.527  1.00 12.21 ? 5    PHE A CG  1 
ATOM   37   C  CD1 . PHE A 1 5   ? 0.872   -1.520  -4.716  1.00 11.18 ? 5    PHE A CD1 1 
ATOM   38   C  CD2 . PHE A 1 5   ? 2.800   -1.881  -3.346  1.00 12.83 ? 5    PHE A CD2 1 
ATOM   39   C  CE1 . PHE A 1 5   ? 0.329   -0.679  -3.750  1.00 14.11 ? 5    PHE A CE1 1 
ATOM   40   C  CE2 . PHE A 1 5   ? 2.267   -1.038  -2.363  1.00 14.67 ? 5    PHE A CE2 1 
ATOM   41   C  CZ  . PHE A 1 5   ? 1.029   -0.432  -2.567  1.00 13.74 ? 5    PHE A CZ  1 
ATOM   42   N  N   . GLU A 1 6   ? 4.191   -1.216  -7.614  1.00 12.32 ? 6    GLU A N   1 
ATOM   43   C  CA  . GLU A 1 6   ? 4.839   0.041   -7.975  1.00 14.74 ? 6    GLU A CA  1 
ATOM   44   C  C   . GLU A 1 6   ? 4.203   0.578   -9.258  1.00 13.43 ? 6    GLU A C   1 
ATOM   45   O  O   . GLU A 1 6   ? 3.993   1.783   -9.407  1.00 11.44 ? 6    GLU A O   1 
ATOM   46   C  CB  . GLU A 1 6   ? 6.337   -0.184  -8.204  1.00 21.22 ? 6    GLU A CB  1 
ATOM   47   C  CG  . GLU A 1 6   ? 7.120   1.050   -8.662  1.00 27.09 ? 6    GLU A CG  1 
ATOM   48   C  CD  . GLU A 1 6   ? 7.249   2.119   -7.580  1.00 29.51 ? 6    GLU A CD  1 
ATOM   49   O  OE1 . GLU A 1 6   ? 7.244   1.763   -6.387  1.00 30.85 ? 6    GLU A OE1 1 
ATOM   50   O  OE2 . GLU A 1 6   ? 7.375   3.312   -7.928  1.00 33.29 ? 6    GLU A OE2 1 
ATOM   51   N  N   . THR A 1 7   ? 3.897   -0.329  -10.183 1.00 14.10 ? 7    THR A N   1 
ATOM   52   C  CA  . THR A 1 7   ? 3.288   0.043   -11.456 1.00 15.78 ? 7    THR A CA  1 
ATOM   53   C  C   . THR A 1 7   ? 1.890   0.621   -11.253 1.00 14.03 ? 7    THR A C   1 
ATOM   54   O  O   . THR A 1 7   ? 1.527   1.624   -11.869 1.00 14.10 ? 7    THR A O   1 
ATOM   55   C  CB  . THR A 1 7   ? 3.195   -1.178  -12.411 1.00 20.93 ? 7    THR A CB  1 
ATOM   56   O  OG1 . THR A 1 7   ? 4.513   -1.628  -12.740 1.00 24.23 ? 7    THR A OG1 1 
ATOM   57   C  CG2 . THR A 1 7   ? 2.474   -0.802  -13.699 1.00 23.60 ? 7    THR A CG2 1 
ATOM   58   N  N   . LEU A 1 8   ? 1.101   -0.007  -10.387 1.00 13.14 ? 8    LEU A N   1 
ATOM   59   C  CA  . LEU A 1 8   ? -0.249  0.483   -10.134 1.00 13.28 ? 8    LEU A CA  1 
ATOM   60   C  C   . LEU A 1 8   ? -0.222  1.859   -9.480  1.00 13.10 ? 8    LEU A C   1 
ATOM   61   O  O   . LEU A 1 8   ? -1.065  2.709   -9.767  1.00 12.42 ? 8    LEU A O   1 
ATOM   62   C  CB  . LEU A 1 8   ? -1.031  -0.487  -9.246  1.00 16.41 ? 8    LEU A CB  1 
ATOM   63   C  CG  . LEU A 1 8   ? -1.418  -1.847  -9.844  1.00 20.62 ? 8    LEU A CG  1 
ATOM   64   C  CD1 . LEU A 1 8   ? -2.522  -2.468  -8.995  1.00 20.04 ? 8    LEU A CD1 1 
ATOM   65   C  CD2 . LEU A 1 8   ? -1.912  -1.680  -11.275 1.00 20.72 ? 8    LEU A CD2 1 
ATOM   66   N  N   . ILE A 1 9   ? 0.745   2.080   -8.596  1.00 11.21 ? 9    ILE A N   1 
ATOM   67   C  CA  . ILE A 1 9   ? 0.852   3.372   -7.938  1.00 11.35 ? 9    ILE A CA  1 
ATOM   68   C  C   . ILE A 1 9   ? 1.151   4.452   -8.978  1.00 12.91 ? 9    ILE A C   1 
ATOM   69   O  O   . ILE A 1 9   ? 0.544   5.518   -8.962  1.00 11.99 ? 9    ILE A O   1 
ATOM   70   C  CB  . ILE A 1 9   ? 1.965   3.368   -6.864  1.00 11.07 ? 9    ILE A CB  1 
ATOM   71   C  CG1 . ILE A 1 9   ? 1.586   2.417   -5.727  1.00 11.72 ? 9    ILE A CG1 1 
ATOM   72   C  CG2 . ILE A 1 9   ? 2.157   4.770   -6.296  1.00 12.64 ? 9    ILE A CG2 1 
ATOM   73   C  CD1 . ILE A 1 9   ? 2.713   2.181   -4.738  1.00 13.94 ? 9    ILE A CD1 1 
ATOM   74   N  N   . MET A 1 10  ? 2.077   4.174   -9.892  1.00 13.40 ? 10   MET A N   1 
ATOM   75   C  CA  . MET A 1 10  ? 2.423   5.158   -10.914 1.00 19.63 ? 10   MET A CA  1 
ATOM   76   C  C   . MET A 1 10  ? 1.265   5.399   -11.878 1.00 18.72 ? 10   MET A C   1 
ATOM   77   O  O   . MET A 1 10  ? 1.064   6.517   -12.352 1.00 18.23 ? 10   MET A O   1 
ATOM   78   C  CB  . MET A 1 10  ? 3.668   4.718   -11.692 1.00 32.55 ? 10   MET A CB  1 
ATOM   79   C  CG  . MET A 1 10  ? 4.745   5.797   -11.768 1.00 45.59 ? 10   MET A CG  1 
ATOM   80   S  SD  . MET A 1 10  ? 4.127   7.319   -12.517 1.00 52.18 ? 10   MET A SD  1 
ATOM   81   C  CE  . MET A 1 10  ? 5.646   8.096   -13.108 1.00 53.92 ? 10   MET A CE  1 
ATOM   82   N  N   . LYS A 1 11  ? 0.504   4.348   -12.163 1.00 19.10 ? 11   LYS A N   1 
ATOM   83   C  CA  . LYS A 1 11  ? -0.640  4.441   -13.068 1.00 21.75 ? 11   LYS A CA  1 
ATOM   84   C  C   . LYS A 1 11  ? -1.800  5.230   -12.473 1.00 20.22 ? 11   LYS A C   1 
ATOM   85   O  O   . LYS A 1 11  ? -2.358  6.120   -13.113 1.00 19.67 ? 11   LYS A O   1 
ATOM   86   C  CB  . LYS A 1 11  ? -1.155  3.045   -13.423 1.00 26.31 ? 11   LYS A CB  1 
ATOM   87   C  CG  . LYS A 1 11  ? -0.439  2.360   -14.570 1.00 31.83 ? 11   LYS A CG  1 
ATOM   88   C  CD  . LYS A 1 11  ? -0.887  0.910   -14.677 1.00 34.92 ? 11   LYS A CD  1 
ATOM   89   C  CE  . LYS A 1 11  ? -1.361  0.563   -16.079 1.00 37.31 ? 11   LYS A CE  1 
ATOM   90   N  NZ  . LYS A 1 11  ? -0.320  -0.186  -16.832 1.00 39.11 ? 11   LYS A NZ  1 
ATOM   91   N  N   . VAL A 1 12  ? -2.158  4.882   -11.244 1.00 18.94 ? 12   VAL A N   1 
ATOM   92   C  CA  . VAL A 1 12  ? -3.271  5.508   -10.548 1.00 19.02 ? 12   VAL A CA  1 
ATOM   93   C  C   . VAL A 1 12  ? -2.942  6.838   -9.870  1.00 19.90 ? 12   VAL A C   1 
ATOM   94   O  O   . VAL A 1 12  ? -3.643  7.831   -10.075 1.00 20.81 ? 12   VAL A O   1 
ATOM   95   C  CB  . VAL A 1 12  ? -3.850  4.549   -9.478  1.00 19.22 ? 12   VAL A CB  1 
ATOM   96   C  CG1 . VAL A 1 12  ? -5.015  5.212   -8.760  1.00 15.72 ? 12   VAL A CG1 1 
ATOM   97   C  CG2 . VAL A 1 12  ? -4.298  3.246   -10.132 1.00 19.24 ? 12   VAL A CG2 1 
ATOM   98   N  N   . ALA A 1 13  ? -1.888  6.850   -9.058  1.00 20.39 ? 13   ALA A N   1 
ATOM   99   C  CA  . ALA A 1 13  ? -1.482  8.052   -8.333  1.00 22.16 ? 13   ALA A CA  1 
ATOM   100  C  C   . ALA A 1 13  ? -0.575  8.960   -9.151  1.00 22.59 ? 13   ALA A C   1 
ATOM   101  O  O   . ALA A 1 13  ? -0.442  10.148  -8.853  1.00 21.05 ? 13   ALA A O   1 
ATOM   102  C  CB  . ALA A 1 13  ? -0.778  7.664   -7.034  1.00 23.71 ? 13   ALA A CB  1 
ATOM   103  N  N   . LYS A 1 14  ? 0.053   8.394   -10.176 1.00 22.05 ? 14   LYS A N   1 
ATOM   104  C  CA  . LYS A 1 14  ? 0.961   9.144   -11.032 1.00 24.44 ? 14   LYS A CA  1 
ATOM   105  C  C   . LYS A 1 14  ? 2.170   9.629   -10.241 1.00 24.24 ? 14   LYS A C   1 
ATOM   106  O  O   . LYS A 1 14  ? 2.687   10.725  -10.463 1.00 22.69 ? 14   LYS A O   1 
ATOM   107  C  CB  . LYS A 1 14  ? 0.224   10.320  -11.677 1.00 30.36 ? 14   LYS A CB  1 
ATOM   108  C  CG  . LYS A 1 14  ? -0.911  9.870   -12.577 1.00 35.62 ? 14   LYS A CG  1 
ATOM   109  C  CD  . LYS A 1 14  ? -1.716  11.029  -13.129 1.00 41.66 ? 14   LYS A CD  1 
ATOM   110  C  CE  . LYS A 1 14  ? -3.035  10.529  -13.708 1.00 43.40 ? 14   LYS A CE  1 
ATOM   111  N  NZ  . LYS A 1 14  ? -3.844  11.613  -14.333 1.00 44.59 ? 14   LYS A NZ  1 
ATOM   112  N  N   . LYS A 1 15  ? 2.609   8.787   -9.312  1.00 24.13 ? 16   LYS A N   1 
ATOM   113  C  CA  . LYS A 1 15  ? 3.763   9.065   -8.469  1.00 25.83 ? 16   LYS A CA  1 
ATOM   114  C  C   . LYS A 1 15  ? 4.563   7.781   -8.314  1.00 23.97 ? 16   LYS A C   1 
ATOM   115  O  O   . LYS A 1 15  ? 4.044   6.686   -8.527  1.00 23.66 ? 16   LYS A O   1 
ATOM   116  C  CB  . LYS A 1 15  ? 3.323   9.536   -7.077  1.00 33.46 ? 16   LYS A CB  1 
ATOM   117  C  CG  . LYS A 1 15  ? 2.526   10.828  -7.046  1.00 39.39 ? 16   LYS A CG  1 
ATOM   118  C  CD  . LYS A 1 15  ? 3.381   12.028  -7.419  1.00 43.23 ? 16   LYS A CD  1 
ATOM   119  C  CE  . LYS A 1 15  ? 2.650   13.336  -7.143  1.00 44.81 ? 16   LYS A CE  1 
ATOM   120  N  NZ  . LYS A 1 15  ? 1.358   13.447  -7.874  1.00 46.07 ? 16   LYS A NZ  1 
ATOM   121  N  N   . SER A 1 16  ? 5.831   7.922   -7.944  1.00 22.79 ? 17   SER A N   1 
ATOM   122  C  CA  . SER A 1 16  ? 6.690   6.769   -7.733  1.00 21.86 ? 17   SER A CA  1 
ATOM   123  C  C   . SER A 1 16  ? 6.518   6.291   -6.302  1.00 20.22 ? 17   SER A C   1 
ATOM   124  O  O   . SER A 1 16  ? 6.740   7.054   -5.358  1.00 20.21 ? 17   SER A O   1 
ATOM   125  C  CB  . SER A 1 16  ? 8.155   7.135   -7.960  1.00 24.20 ? 17   SER A CB  1 
ATOM   126  O  OG  . SER A 1 16  ? 9.003   6.145   -7.400  1.00 24.25 ? 17   SER A OG  1 
ATOM   127  N  N   . GLY A 1 17  ? 6.125   5.029   -6.146  1.00 17.73 ? 18   GLY A N   1 
ATOM   128  C  CA  . GLY A 1 17  ? 5.934   4.471   -4.821  1.00 17.34 ? 18   GLY A CA  1 
ATOM   129  C  C   . GLY A 1 17  ? 7.239   4.444   -4.051  1.00 18.73 ? 18   GLY A C   1 
ATOM   130  O  O   . GLY A 1 17  ? 7.284   4.752   -2.854  1.00 16.14 ? 18   GLY A O   1 
ATOM   131  N  N   . MET A 1 18  ? 8.307   4.081   -4.750  1.00 19.48 ? 19   MET A N   1 
ATOM   132  C  CA  . MET A 1 18  ? 9.635   3.998   -4.153  1.00 24.22 ? 19   MET A CA  1 
ATOM   133  C  C   . MET A 1 18  ? 10.115  5.345   -3.625  1.00 22.51 ? 19   MET A C   1 
ATOM   134  O  O   . MET A 1 18  ? 10.703  5.420   -2.548  1.00 22.25 ? 19   MET A O   1 
ATOM   135  C  CB  . MET A 1 18  ? 10.635  3.470   -5.188  1.00 38.60 ? 19   MET A CB  1 
ATOM   136  C  CG  . MET A 1 18  ? 11.983  3.041   -4.616  1.00 49.15 ? 19   MET A CG  1 
ATOM   137  S  SD  . MET A 1 18  ? 11.993  1.476   -3.689  1.00 55.69 ? 19   MET A SD  1 
ATOM   138  C  CE  . MET A 1 18  ? 10.265  0.916   -3.788  1.00 54.09 ? 19   MET A CE  1 
ATOM   139  N  N   . GLN A 1 19  ? 9.854   6.408   -4.377  1.00 22.72 ? 20   GLN A N   1 
ATOM   140  C  CA  . GLN A 1 19  ? 10.288  7.748   -3.986  1.00 23.75 ? 20   GLN A CA  1 
ATOM   141  C  C   . GLN A 1 19  ? 9.411   8.472   -2.974  1.00 22.57 ? 20   GLN A C   1 
ATOM   142  O  O   . GLN A 1 19  ? 9.908   9.257   -2.173  1.00 22.26 ? 20   GLN A O   1 
ATOM   143  C  CB  . GLN A 1 19  ? 10.391  8.639   -5.261  1.00 49.01 ? 20   GLN A CB  1 
ATOM   144  C  CG  . GLN A 1 19  ? 11.763  9.282   -5.455  1.00 50.52 ? 20   GLN A CG  1 
ATOM   145  C  CD  . GLN A 1 19  ? 12.781  8.332   -6.086  1.00 51.09 ? 20   GLN A CD  1 
ATOM   146  O  OE1 . GLN A 1 19  ? 13.979  8.609   -6.051  1.00 51.08 ? 20   GLN A OE1 1 
ATOM   147  N  NE2 . GLN A 1 19  ? 12.377  7.221   -6.663  1.00 51.09 ? 20   GLN A NE2 1 
ATOM   148  N  N   . TRP A 1 20  ? 8.110   8.223   -3.012  1.00 19.49 ? 21   TRP A N   1 
ATOM   149  C  CA  . TRP A 1 20  ? 7.197   8.935   -2.124  1.00 20.70 ? 21   TRP A CA  1 
ATOM   150  C  C   . TRP A 1 20  ? 6.561   8.134   -0.996  1.00 15.46 ? 21   TRP A C   1 
ATOM   151  O  O   . TRP A 1 20  ? 6.090   8.719   -0.019  1.00 11.53 ? 21   TRP A O   1 
ATOM   152  C  CB  . TRP A 1 20  ? 6.078   9.566   -2.960  1.00 35.40 ? 21   TRP A CB  1 
ATOM   153  C  CG  . TRP A 1 20  ? 6.551   10.581  -3.955  1.00 48.82 ? 21   TRP A CG  1 
ATOM   154  C  CD1 . TRP A 1 20  ? 7.648   10.493  -4.763  1.00 53.50 ? 21   TRP A CD1 1 
ATOM   155  C  CD2 . TRP A 1 20  ? 5.927   11.832  -4.263  1.00 54.27 ? 21   TRP A CD2 1 
ATOM   156  N  NE1 . TRP A 1 20  ? 7.750   11.616  -5.550  1.00 56.36 ? 21   TRP A NE1 1 
ATOM   157  C  CE2 . TRP A 1 20  ? 6.710   12.457  -5.259  1.00 56.57 ? 21   TRP A CE2 1 
ATOM   158  C  CE3 . TRP A 1 20  ? 4.788   12.495  -3.783  1.00 56.72 ? 21   TRP A CE3 1 
ATOM   159  C  CZ2 . TRP A 1 20  ? 6.382   13.704  -5.799  1.00 57.73 ? 21   TRP A CZ2 1 
ATOM   160  C  CZ3 . TRP A 1 20  ? 4.463   13.739  -4.319  1.00 58.09 ? 21   TRP A CZ3 1 
ATOM   161  C  CH2 . TRP A 1 20  ? 5.264   14.332  -5.313  1.00 58.42 ? 21   TRP A CH2 1 
ATOM   162  N  N   . TYR A 1 21  ? 6.549   6.809   -1.118  1.00 16.67 ? 22   TYR A N   1 
ATOM   163  C  CA  . TYR A 1 21  ? 5.897   5.983   -0.107  1.00 15.88 ? 22   TYR A CA  1 
ATOM   164  C  C   . TYR A 1 21  ? 6.715   4.851   0.501   1.00 14.94 ? 22   TYR A C   1 
ATOM   165  O  O   . TYR A 1 21  ? 6.151   3.974   1.152   1.00 14.81 ? 22   TYR A O   1 
ATOM   166  C  CB  . TYR A 1 21  ? 4.616   5.391   -0.701  1.00 14.76 ? 22   TYR A CB  1 
ATOM   167  C  CG  . TYR A 1 21  ? 3.659   6.426   -1.250  1.00 15.55 ? 22   TYR A CG  1 
ATOM   168  C  CD1 . TYR A 1 21  ? 2.834   7.165   -0.401  1.00 16.34 ? 22   TYR A CD1 1 
ATOM   169  C  CD2 . TYR A 1 21  ? 3.588   6.678   -2.620  1.00 16.63 ? 22   TYR A CD2 1 
ATOM   170  C  CE1 . TYR A 1 21  ? 1.959   8.133   -0.906  1.00 14.49 ? 22   TYR A CE1 1 
ATOM   171  C  CE2 . TYR A 1 21  ? 2.720   7.642   -3.135  1.00 16.30 ? 22   TYR A CE2 1 
ATOM   172  C  CZ  . TYR A 1 21  ? 1.906   8.364   -2.275  1.00 15.11 ? 22   TYR A CZ  1 
ATOM   173  O  OH  . TYR A 1 21  ? 1.038   9.308   -2.781  1.00 15.75 ? 22   TYR A OH  1 
ATOM   174  N  N   . SER A 1 22  ? 8.030   4.862   0.323   1.00 11.00 ? 23   SER A N   1 
ATOM   175  C  CA  . SER A 1 22  ? 8.843   3.775   0.867   1.00 11.05 ? 23   SER A CA  1 
ATOM   176  C  C   . SER A 1 22  ? 9.338   3.966   2.306   1.00 9.78  ? 23   SER A C   1 
ATOM   177  O  O   . SER A 1 22  ? 9.862   3.031   2.907   1.00 10.17 ? 23   SER A O   1 
ATOM   178  C  CB  . SER A 1 22  ? 10.033  3.495   -0.061  1.00 13.05 ? 23   SER A CB  1 
ATOM   179  O  OG  . SER A 1 22  ? 10.876  4.620   -0.160  1.00 11.91 ? 23   SER A OG  1 
ATOM   180  N  N   . ASN A 1 23  ? 9.176   5.162   2.858   1.00 10.89 ? 24   ASN A N   1 
ATOM   181  C  CA  . ASN A 1 23  ? 9.599   5.420   4.238   1.00 13.12 ? 24   ASN A CA  1 
ATOM   182  C  C   . ASN A 1 23  ? 8.894   6.667   4.769   1.00 12.18 ? 24   ASN A C   1 
ATOM   183  O  O   . ASN A 1 23  ? 9.525   7.658   5.149   1.00 14.53 ? 24   ASN A O   1 
ATOM   184  C  CB  . ASN A 1 23  ? 11.120  5.598   4.311   1.00 13.22 ? 24   ASN A CB  1 
ATOM   185  C  CG  . ASN A 1 23  ? 11.618  5.722   5.733   1.00 16.51 ? 24   ASN A CG  1 
ATOM   186  O  OD1 . ASN A 1 23  ? 11.083  5.089   6.641   1.00 16.05 ? 24   ASN A OD1 1 
ATOM   187  N  ND2 . ASN A 1 23  ? 12.653  6.529   5.935   1.00 13.56 ? 24   ASN A ND2 1 
ATOM   188  N  N   . TYR A 1 24  ? 7.568   6.575   4.808   1.00 11.82 ? 25   TYR A N   1 
ATOM   189  C  CA  . TYR A 1 24  ? 6.702   7.661   5.237   1.00 11.56 ? 25   TYR A CA  1 
ATOM   190  C  C   . TYR A 1 24  ? 5.851   7.237   6.434   1.00 11.69 ? 25   TYR A C   1 
ATOM   191  O  O   . TYR A 1 24  ? 5.179   6.201   6.403   1.00 11.56 ? 25   TYR A O   1 
ATOM   192  C  CB  . TYR A 1 24  ? 5.823   8.056   4.049   1.00 10.57 ? 25   TYR A CB  1 
ATOM   193  C  CG  . TYR A 1 24  ? 4.874   9.205   4.269   1.00 10.53 ? 25   TYR A CG  1 
ATOM   194  C  CD1 . TYR A 1 24  ? 3.751   9.066   5.083   1.00 11.84 ? 25   TYR A CD1 1 
ATOM   195  C  CD2 . TYR A 1 24  ? 5.064   10.420  3.607   1.00 12.00 ? 25   TYR A CD2 1 
ATOM   196  C  CE1 . TYR A 1 24  ? 2.837   10.104  5.227   1.00 9.96  ? 25   TYR A CE1 1 
ATOM   197  C  CE2 . TYR A 1 24  ? 4.159   11.461  3.745   1.00 10.42 ? 25   TYR A CE2 1 
ATOM   198  C  CZ  . TYR A 1 24  ? 3.048   11.296  4.553   1.00 11.86 ? 25   TYR A CZ  1 
ATOM   199  O  OH  . TYR A 1 24  ? 2.143   12.316  4.676   1.00 9.94  ? 25   TYR A OH  1 
ATOM   200  N  N   . GLY A 1 25  ? 5.893   8.046   7.489   1.00 13.79 ? 26   GLY A N   1 
ATOM   201  C  CA  . GLY A 1 25  ? 5.130   7.740   8.682   1.00 13.81 ? 26   GLY A CA  1 
ATOM   202  C  C   . GLY A 1 25  ? 5.563   6.436   9.320   1.00 14.36 ? 26   GLY A C   1 
ATOM   203  O  O   . GLY A 1 25  ? 6.706   6.006   9.167   1.00 14.30 ? 26   GLY A O   1 
ATOM   204  N  N   . CYS A 1 26  ? 4.638   5.793   10.023  1.00 10.24 ? 27   CYS A N   1 
ATOM   205  C  CA  . CYS A 1 26  ? 4.927   4.535   10.700  1.00 9.81  ? 27   CYS A CA  1 
ATOM   206  C  C   . CYS A 1 26  ? 4.758   3.274   9.856   1.00 9.76  ? 27   CYS A C   1 
ATOM   207  O  O   . CYS A 1 26  ? 5.415   2.265   10.113  1.00 9.45  ? 27   CYS A O   1 
ATOM   208  C  CB  . CYS A 1 26  ? 4.035   4.387   11.934  1.00 12.06 ? 27   CYS A CB  1 
ATOM   209  S  SG  . CYS A 1 26  ? 4.280   5.648   13.224  1.00 13.12 ? 27   CYS A SG  1 
ATOM   210  N  N   . TYR A 1 27  ? 3.898   3.331   8.844   1.00 9.91  ? 28   TYR A N   1 
ATOM   211  C  CA  . TYR A 1 27  ? 3.608   2.149   8.037   1.00 9.71  ? 28   TYR A CA  1 
ATOM   212  C  C   . TYR A 1 27  ? 3.992   2.128   6.563   1.00 9.53  ? 28   TYR A C   1 
ATOM   213  O  O   . TYR A 1 27  ? 3.997   1.061   5.950   1.00 9.38  ? 28   TYR A O   1 
ATOM   214  C  CB  . TYR A 1 27  ? 2.117   1.825   8.180   1.00 7.96  ? 28   TYR A CB  1 
ATOM   215  C  CG  . TYR A 1 27  ? 1.779   1.307   9.557   1.00 10.36 ? 28   TYR A CG  1 
ATOM   216  C  CD1 . TYR A 1 27  ? 1.968   -0.038  9.878   1.00 10.49 ? 28   TYR A CD1 1 
ATOM   217  C  CD2 . TYR A 1 27  ? 1.354   2.173   10.566  1.00 11.39 ? 28   TYR A CD2 1 
ATOM   218  C  CE1 . TYR A 1 27  ? 1.749   -0.511  11.167  1.00 12.57 ? 28   TYR A CE1 1 
ATOM   219  C  CE2 . TYR A 1 27  ? 1.134   1.711   11.868  1.00 9.24  ? 28   TYR A CE2 1 
ATOM   220  C  CZ  . TYR A 1 27  ? 1.336   0.366   12.159  1.00 12.64 ? 28   TYR A CZ  1 
ATOM   221  O  OH  . TYR A 1 27  ? 1.155   -0.104  13.442  1.00 10.69 ? 28   TYR A OH  1 
ATOM   222  N  N   . CYS A 1 28  ? 4.296   3.280   5.976   1.00 8.92  ? 29   CYS A N   1 
ATOM   223  C  CA  . CYS A 1 28  ? 4.666   3.279   4.560   1.00 9.78  ? 29   CYS A CA  1 
ATOM   224  C  C   . CYS A 1 28  ? 6.127   2.866   4.436   1.00 12.51 ? 29   CYS A C   1 
ATOM   225  O  O   . CYS A 1 28  ? 7.044   3.650   4.693   1.00 12.70 ? 29   CYS A O   1 
ATOM   226  C  CB  . CYS A 1 28  ? 4.436   4.648   3.928   1.00 8.60  ? 29   CYS A CB  1 
ATOM   227  S  SG  . CYS A 1 28  ? 2.681   5.137   3.845   1.00 10.05 ? 29   CYS A SG  1 
ATOM   228  N  N   . GLY A 1 29  ? 6.314   1.613   4.043   1.00 12.19 ? 30   GLY A N   1 
ATOM   229  C  CA  . GLY A 1 29  ? 7.629   1.018   3.914   1.00 13.43 ? 30   GLY A CA  1 
ATOM   230  C  C   . GLY A 1 29  ? 7.472   -0.389  4.459   1.00 14.62 ? 30   GLY A C   1 
ATOM   231  O  O   . GLY A 1 29  ? 6.365   -0.773  4.832   1.00 13.39 ? 30   GLY A O   1 
ATOM   232  N  N   . TRP A 1 30  ? 8.546   -1.166  4.521   1.00 12.25 ? 31   TRP A N   1 
ATOM   233  C  CA  . TRP A 1 30  ? 8.423   -2.528  5.027   1.00 11.62 ? 31   TRP A CA  1 
ATOM   234  C  C   . TRP A 1 30  ? 8.049   -2.559  6.509   1.00 12.49 ? 31   TRP A C   1 
ATOM   235  O  O   . TRP A 1 30  ? 8.612   -1.824  7.322   1.00 11.13 ? 31   TRP A O   1 
ATOM   236  C  CB  . TRP A 1 30  ? 9.717   -3.310  4.798   1.00 16.04 ? 31   TRP A CB  1 
ATOM   237  C  CG  . TRP A 1 30  ? 9.503   -4.786  4.875   1.00 16.49 ? 31   TRP A CG  1 
ATOM   238  C  CD1 . TRP A 1 30  ? 9.590   -5.574  5.985   1.00 17.62 ? 31   TRP A CD1 1 
ATOM   239  C  CD2 . TRP A 1 30  ? 9.075   -5.638  3.808   1.00 18.81 ? 31   TRP A CD2 1 
ATOM   240  N  NE1 . TRP A 1 30  ? 9.240   -6.868  5.673   1.00 19.03 ? 31   TRP A NE1 1 
ATOM   241  C  CE2 . TRP A 1 30  ? 8.925   -6.934  4.344   1.00 18.98 ? 31   TRP A CE2 1 
ATOM   242  C  CE3 . TRP A 1 30  ? 8.813   -5.433  2.448   1.00 20.09 ? 31   TRP A CE3 1 
ATOM   243  C  CZ2 . TRP A 1 30  ? 8.505   -8.020  3.572   1.00 20.87 ? 31   TRP A CZ2 1 
ATOM   244  C  CZ3 . TRP A 1 30  ? 8.396   -6.518  1.677   1.00 21.64 ? 31   TRP A CZ3 1 
ATOM   245  C  CH2 . TRP A 1 30  ? 8.254   -7.794  2.244   1.00 21.76 ? 31   TRP A CH2 1 
ATOM   246  N  N   . GLY A 1 31  ? 7.089   -3.416  6.842   1.00 12.42 ? 32   GLY A N   1 
ATOM   247  C  CA  . GLY A 1 31  ? 6.636   -3.541  8.216   1.00 13.58 ? 32   GLY A CA  1 
ATOM   248  C  C   . GLY A 1 31  ? 6.012   -2.267  8.754   1.00 12.79 ? 32   GLY A C   1 
ATOM   249  O  O   . GLY A 1 31  ? 5.607   -1.378  8.001   1.00 12.47 ? 32   GLY A O   1 
ATOM   250  N  N   . GLY A 1 32  ? 5.944   -2.178  10.075  1.00 14.62 ? 33   GLY A N   1 
ATOM   251  C  CA  . GLY A 1 32  ? 5.366   -1.007  10.702  1.00 14.91 ? 33   GLY A CA  1 
ATOM   252  C  C   . GLY A 1 32  ? 5.021   -1.275  12.150  1.00 15.06 ? 33   GLY A C   1 
ATOM   253  O  O   . GLY A 1 32  ? 4.932   -2.431  12.577  1.00 15.74 ? 33   GLY A O   1 
ATOM   254  N  N   . GLN A 1 33  ? 4.830   -0.194  12.901  1.00 14.06 ? 34   GLN A N   1 
ATOM   255  C  CA  . GLN A 1 33  ? 4.497   -0.261  14.316  1.00 13.83 ? 34   GLN A CA  1 
ATOM   256  C  C   . GLN A 1 33  ? 3.915   1.093   14.718  1.00 12.63 ? 34   GLN A C   1 
ATOM   257  O  O   . GLN A 1 33  ? 4.087   2.080   14.005  1.00 11.94 ? 34   GLN A O   1 
ATOM   258  C  CB  . GLN A 1 33  ? 5.762   -0.558  15.132  1.00 15.90 ? 34   GLN A CB  1 
ATOM   259  C  CG  . GLN A 1 33  ? 6.924   0.377   14.815  1.00 19.60 ? 34   GLN A CG  1 
ATOM   260  C  CD  . GLN A 1 33  ? 8.203   0.013   15.555  1.00 23.65 ? 34   GLN A CD  1 
ATOM   261  O  OE1 . GLN A 1 33  ? 8.698   -1.107  15.435  1.00 24.07 ? 34   GLN A OE1 1 
ATOM   262  N  NE2 . GLN A 1 33  ? 8.742   0.959   16.318  1.00 24.01 ? 34   GLN A NE2 1 
ATOM   263  N  N   . GLY A 1 34  ? 3.220   1.137   15.849  1.00 12.00 ? 35   GLY A N   1 
ATOM   264  C  CA  . GLY A 1 34  ? 2.641   2.388   16.306  1.00 12.04 ? 35   GLY A CA  1 
ATOM   265  C  C   . GLY A 1 34  ? 1.341   2.747   15.611  1.00 10.76 ? 35   GLY A C   1 
ATOM   266  O  O   . GLY A 1 34  ? 0.678   1.892   15.027  1.00 11.40 ? 35   GLY A O   1 
ATOM   267  N  N   . ARG A 1 35  ? 0.982   4.026   15.665  1.00 12.07 ? 36   ARG A N   1 
ATOM   268  C  CA  . ARG A 1 35  ? -0.258  4.514   15.056  1.00 12.53 ? 36   ARG A CA  1 
ATOM   269  C  C   . ARG A 1 35  ? -0.084  5.041   13.644  1.00 12.10 ? 36   ARG A C   1 
ATOM   270  O  O   . ARG A 1 35  ? 0.941   5.641   13.318  1.00 11.00 ? 36   ARG A O   1 
ATOM   271  C  CB  . ARG A 1 35  ? -0.839  5.687   15.854  1.00 12.13 ? 36   ARG A CB  1 
ATOM   272  C  CG  . ARG A 1 35  ? -1.174  5.452   17.316  1.00 14.75 ? 36   ARG A CG  1 
ATOM   273  C  CD  . ARG A 1 35  ? -1.591  6.789   17.923  1.00 14.09 ? 36   ARG A CD  1 
ATOM   274  N  NE  . ARG A 1 35  ? -1.868  6.714   19.351  1.00 14.60 ? 36   ARG A NE  1 
ATOM   275  C  CZ  . ARG A 1 35  ? -1.921  7.774   20.148  1.00 15.56 ? 36   ARG A CZ  1 
ATOM   276  N  NH1 . ARG A 1 35  ? -1.710  8.987   19.651  1.00 14.93 ? 36   ARG A NH1 1 
ATOM   277  N  NH2 . ARG A 1 35  ? -2.190  7.624   21.437  1.00 15.08 ? 36   ARG A NH2 1 
ATOM   278  N  N   . PRO A 1 36  ? -1.078  4.805   12.776  1.00 11.41 ? 37   PRO A N   1 
ATOM   279  C  CA  . PRO A 1 36  ? -0.936  5.341   11.420  1.00 12.19 ? 37   PRO A CA  1 
ATOM   280  C  C   . PRO A 1 36  ? -0.986  6.848   11.722  1.00 12.35 ? 37   PRO A C   1 
ATOM   281  O  O   . PRO A 1 36  ? -1.872  7.298   12.453  1.00 11.91 ? 37   PRO A O   1 
ATOM   282  C  CB  . PRO A 1 36  ? -2.192  4.832   10.725  1.00 12.35 ? 37   PRO A CB  1 
ATOM   283  C  CG  . PRO A 1 36  ? -2.403  3.488   11.390  1.00 13.77 ? 37   PRO A CG  1 
ATOM   284  C  CD  . PRO A 1 36  ? -2.172  3.821   12.850  1.00 11.30 ? 37   PRO A CD  1 
ATOM   285  N  N   . GLN A 1 37  ? -0.047  7.619   11.184  1.00 13.11 ? 38   GLN A N   1 
ATOM   286  C  CA  . GLN A 1 37  ? 0.024   9.048   11.484  1.00 13.23 ? 38   GLN A CA  1 
ATOM   287  C  C   . GLN A 1 37  ? -0.928  9.983   10.749  1.00 14.48 ? 38   GLN A C   1 
ATOM   288  O  O   . GLN A 1 37  ? -1.357  10.998  11.307  1.00 15.22 ? 38   GLN A O   1 
ATOM   289  C  CB  . GLN A 1 37  ? 1.463   9.526   11.303  1.00 11.35 ? 38   GLN A CB  1 
ATOM   290  C  CG  . GLN A 1 37  ? 2.442   8.830   12.232  1.00 10.83 ? 38   GLN A CG  1 
ATOM   291  C  CD  . GLN A 1 37  ? 2.153   9.113   13.698  1.00 10.90 ? 38   GLN A CD  1 
ATOM   292  O  OE1 . GLN A 1 37  ? 2.116   10.267  14.117  1.00 11.20 ? 38   GLN A OE1 1 
ATOM   293  N  NE2 . GLN A 1 37  ? 1.948   8.057   14.485  1.00 11.52 ? 38   GLN A NE2 1 
ATOM   294  N  N   . ASP A 1 38  ? -1.245  9.654   9.501   1.00 11.11 ? 39   ASP A N   1 
ATOM   295  C  CA  . ASP A 1 38  ? -2.162  10.459  8.712   1.00 11.18 ? 39   ASP A CA  1 
ATOM   296  C  C   . ASP A 1 38  ? -2.881  9.594   7.683   1.00 10.69 ? 39   ASP A C   1 
ATOM   297  O  O   . ASP A 1 38  ? -2.794  8.366   7.726   1.00 9.38  ? 39   ASP A O   1 
ATOM   298  C  CB  . ASP A 1 38  ? -1.434  11.628  8.023   1.00 12.60 ? 39   ASP A CB  1 
ATOM   299  C  CG  . ASP A 1 38  ? -0.465  11.180  6.934   1.00 14.40 ? 39   ASP A CG  1 
ATOM   300  O  OD1 . ASP A 1 38  ? 0.022   12.064  6.194   1.00 14.51 ? 39   ASP A OD1 1 
ATOM   301  O  OD2 . ASP A 1 38  ? -0.184  9.969   6.818   1.00 12.27 ? 39   ASP A OD2 1 
ATOM   302  N  N   . ALA A 1 39  ? -3.599  10.239  6.770   1.00 11.19 ? 40   ALA A N   1 
ATOM   303  C  CA  . ALA A 1 39  ? -4.355  9.520   5.747   1.00 12.58 ? 40   ALA A CA  1 
ATOM   304  C  C   . ALA A 1 39  ? -3.478  8.582   4.930   1.00 11.30 ? 40   ALA A C   1 
ATOM   305  O  O   . ALA A 1 39  ? -3.789  7.403   4.785   1.00 11.25 ? 40   ALA A O   1 
ATOM   306  C  CB  . ALA A 1 39  ? -5.060  10.509  4.827   1.00 11.36 ? 40   ALA A CB  1 
ATOM   307  N  N   . THR A 1 40  ? -2.385  9.115   4.397   1.00 9.88  ? 41   THR A N   1 
ATOM   308  C  CA  . THR A 1 40  ? -1.463  8.325   3.588   1.00 9.95  ? 41   THR A CA  1 
ATOM   309  C  C   . THR A 1 40  ? -0.894  7.159   4.382   1.00 10.61 ? 41   THR A C   1 
ATOM   310  O  O   . THR A 1 40  ? -0.834  6.034   3.886   1.00 10.21 ? 41   THR A O   1 
ATOM   311  C  CB  . THR A 1 40  ? -0.297  9.195   3.071   1.00 11.58 ? 41   THR A CB  1 
ATOM   312  O  OG1 . THR A 1 40  ? -0.793  10.131  2.108   1.00 12.49 ? 41   THR A OG1 1 
ATOM   313  C  CG2 . THR A 1 40  ? 0.775   8.332   2.432   1.00 11.40 ? 41   THR A CG2 1 
ATOM   314  N  N   . ASP A 1 41  ? -0.486  7.432   5.620   1.00 10.57 ? 42   ASP A N   1 
ATOM   315  C  CA  . ASP A 1 41  ? 0.073   6.393   6.480   1.00 10.48 ? 42   ASP A CA  1 
ATOM   316  C  C   . ASP A 1 41  ? -0.949  5.277   6.709   1.00 10.69 ? 42   ASP A C   1 
ATOM   317  O  O   . ASP A 1 41  ? -0.603  4.108   6.748   1.00 9.83  ? 42   ASP A O   1 
ATOM   318  C  CB  . ASP A 1 41  ? 0.493   6.990   7.838   1.00 10.67 ? 42   ASP A CB  1 
ATOM   319  C  CG  . ASP A 1 41  ? 1.580   6.179   8.533   1.00 12.67 ? 42   ASP A CG  1 
ATOM   320  O  OD1 . ASP A 1 41  ? 2.164   5.286   7.892   1.00 11.89 ? 42   ASP A OD1 1 
ATOM   321  O  OD2 . ASP A 1 41  ? 1.865   6.440   9.722   1.00 10.43 ? 42   ASP A OD2 1 
ATOM   322  N  N   . ARG A 1 42  ? -2.214  5.640   6.892   1.00 9.77  ? 43   ARG A N   1 
ATOM   323  C  CA  . ARG A 1 42  ? -3.259  4.633   7.112   1.00 10.07 ? 43   ARG A CA  1 
ATOM   324  C  C   . ARG A 1 42  ? -3.480  3.805   5.843   1.00 9.80  ? 43   ARG A C   1 
ATOM   325  O  O   . ARG A 1 42  ? -3.888  2.637   5.921   1.00 10.68 ? 43   ARG A O   1 
ATOM   326  C  CB  . ARG A 1 42  ? -4.602  5.270   7.548   1.00 10.85 ? 43   ARG A CB  1 
ATOM   327  C  CG  . ARG A 1 42  ? -5.710  4.174   7.847   1.00 14.28 ? 43   ARG A CG  1 
ATOM   328  C  CD  . ARG A 1 42  ? -6.819  4.774   8.738   1.00 15.09 ? 43   ARG A CD  1 
ATOM   329  N  NE  . ARG A 1 42  ? -6.352  5.025   10.114  1.00 15.45 ? 43   ARG A NE  1 
ATOM   330  C  CZ  . ARG A 1 42  ? -6.295  4.106   11.080  1.00 16.72 ? 43   ARG A CZ  1 
ATOM   331  N  NH1 . ARG A 1 42  ? -6.673  2.866   10.840  1.00 14.85 ? 43   ARG A NH1 1 
ATOM   332  N  NH2 . ARG A 1 42  ? -5.883  4.424   12.301  1.00 17.30 ? 43   ARG A NH2 1 
ATOM   333  N  N   . CYS A 1 43  ? -3.253  4.416   4.681   1.00 9.96  ? 44   CYS A N   1 
ATOM   334  C  CA  . CYS A 1 43  ? -3.410  3.692   3.430   1.00 9.46  ? 44   CYS A CA  1 
ATOM   335  C  C   . CYS A 1 43  ? -2.434  2.518   3.456   1.00 9.39  ? 44   CYS A C   1 
ATOM   336  O  O   . CYS A 1 43  ? -2.774  1.398   3.064   1.00 8.36  ? 44   CYS A O   1 
ATOM   337  C  CB  . CYS A 1 43  ? -3.059  4.579   2.244   1.00 11.65 ? 44   CYS A CB  1 
ATOM   338  S  SG  . CYS A 1 43  ? -4.200  5.940   1.820   1.00 11.38 ? 44   CYS A SG  1 
ATOM   339  N  N   . CYS A 1 44  ? -1.215  2.801   3.916   1.00 8.72  ? 45   CYS A N   1 
ATOM   340  C  CA  . CYS A 1 44  ? -0.149  1.810   4.005   1.00 8.59  ? 45   CYS A CA  1 
ATOM   341  C  C   . CYS A 1 44  ? -0.446  0.781   5.079   1.00 8.42  ? 45   CYS A C   1 
ATOM   342  O  O   . CYS A 1 44  ? -0.166  -0.406  4.911   1.00 8.27  ? 45   CYS A O   1 
ATOM   343  C  CB  . CYS A 1 44  ? 1.193   2.498   4.292   1.00 8.47  ? 45   CYS A CB  1 
ATOM   344  S  SG  . CYS A 1 44  ? 1.759   3.572   2.930   1.00 10.07 ? 45   CYS A SG  1 
ATOM   345  N  N   . PHE A 1 45  ? -1.004  1.244   6.191   1.00 6.54  ? 46   PHE A N   1 
ATOM   346  C  CA  . PHE A 1 45  ? -1.367  0.358   7.295   1.00 9.23  ? 46   PHE A CA  1 
ATOM   347  C  C   . PHE A 1 45  ? -2.351  -0.690  6.773   1.00 9.00  ? 46   PHE A C   1 
ATOM   348  O  O   . PHE A 1 45  ? -2.174  -1.890  6.986   1.00 10.62 ? 46   PHE A O   1 
ATOM   349  C  CB  . PHE A 1 45  ? -2.007  1.182   8.426   1.00 9.13  ? 46   PHE A CB  1 
ATOM   350  C  CG  . PHE A 1 45  ? -2.649  0.356   9.513   1.00 11.79 ? 46   PHE A CG  1 
ATOM   351  C  CD1 . PHE A 1 45  ? -1.875  -0.343  10.437  1.00 12.58 ? 46   PHE A CD1 1 
ATOM   352  C  CD2 . PHE A 1 45  ? -4.037  0.297   9.620   1.00 13.09 ? 46   PHE A CD2 1 
ATOM   353  C  CE1 . PHE A 1 45  ? -2.479  -1.093  11.459  1.00 14.27 ? 46   PHE A CE1 1 
ATOM   354  C  CE2 . PHE A 1 45  ? -4.649  -0.445  10.632  1.00 14.77 ? 46   PHE A CE2 1 
ATOM   355  C  CZ  . PHE A 1 45  ? -3.870  -1.140  11.552  1.00 13.44 ? 46   PHE A CZ  1 
ATOM   356  N  N   . VAL A 1 46  ? -3.382  -0.224  6.074   1.00 7.86  ? 47   VAL A N   1 
ATOM   357  C  CA  . VAL A 1 46  ? -4.405  -1.104  5.513   1.00 8.23  ? 47   VAL A CA  1 
ATOM   358  C  C   . VAL A 1 46  ? -3.794  -2.075  4.509   1.00 8.48  ? 47   VAL A C   1 
ATOM   359  O  O   . VAL A 1 46  ? -4.165  -3.248  4.464   1.00 8.41  ? 47   VAL A O   1 
ATOM   360  C  CB  . VAL A 1 46  ? -5.527  -0.282  4.813   1.00 12.23 ? 47   VAL A CB  1 
ATOM   361  C  CG1 . VAL A 1 46  ? -6.473  -1.211  4.060   1.00 13.59 ? 47   VAL A CG1 1 
ATOM   362  C  CG2 . VAL A 1 46  ? -6.308  0.520   5.840   1.00 14.91 ? 47   VAL A CG2 1 
ATOM   363  N  N   . HIS A 1 47  ? -2.858  -1.580  3.702   1.00 8.45  ? 48   HIS A N   1 
ATOM   364  C  CA  . HIS A 1 47  ? -2.197  -2.424  2.712   1.00 8.70  ? 48   HIS A CA  1 
ATOM   365  C  C   . HIS A 1 47  ? -1.408  -3.540  3.390   1.00 9.45  ? 48   HIS A C   1 
ATOM   366  O  O   . HIS A 1 47  ? -1.420  -4.682  2.924   1.00 9.66  ? 48   HIS A O   1 
ATOM   367  C  CB  . HIS A 1 47  ? -1.266  -1.591  1.821   1.00 8.50  ? 48   HIS A CB  1 
ATOM   368  C  CG  . HIS A 1 47  ? -0.676  -2.363  0.679   1.00 9.28  ? 48   HIS A CG  1 
ATOM   369  N  ND1 . HIS A 1 47  ? 0.594   -2.893  0.711   1.00 9.43  ? 48   HIS A ND1 1 
ATOM   370  C  CD2 . HIS A 1 47  ? -1.199  -2.713  -0.522  1.00 8.98  ? 48   HIS A CD2 1 
ATOM   371  C  CE1 . HIS A 1 47  ? 0.832   -3.536  -0.420  1.00 8.65  ? 48   HIS A CE1 1 
ATOM   372  N  NE2 . HIS A 1 47  ? -0.241  -3.442  -1.184  1.00 8.61  ? 48   HIS A NE2 1 
ATOM   373  N  N   . ASP A 1 48  ? -0.717  -3.211  4.481   1.00 9.90  ? 49   ASP A N   1 
ATOM   374  C  CA  . ASP A 1 48  ? 0.055   -4.211  5.219   1.00 10.41 ? 49   ASP A CA  1 
ATOM   375  C  C   . ASP A 1 48  ? -0.902  -5.275  5.756   1.00 10.05 ? 49   ASP A C   1 
ATOM   376  O  O   . ASP A 1 48  ? -0.622  -6.472  5.691   1.00 10.07 ? 49   ASP A O   1 
ATOM   377  C  CB  . ASP A 1 48  ? 0.789   -3.581  6.405   1.00 13.20 ? 49   ASP A CB  1 
ATOM   378  C  CG  . ASP A 1 48  ? 2.054   -2.840  5.996   1.00 16.62 ? 49   ASP A CG  1 
ATOM   379  O  OD1 . ASP A 1 48  ? 2.430   -2.897  4.810   1.00 18.14 ? 49   ASP A OD1 1 
ATOM   380  O  OD2 . ASP A 1 48  ? 2.675   -2.206  6.876   1.00 18.20 ? 49   ASP A OD2 1 
ATOM   381  N  N   . CYS A 1 49  ? -2.026  -4.820  6.300   1.00 11.17 ? 50   CYS A N   1 
ATOM   382  C  CA  . CYS A 1 49  ? -3.041  -5.714  6.853   1.00 12.14 ? 50   CYS A CA  1 
ATOM   383  C  C   . CYS A 1 49  ? -3.629  -6.611  5.760   1.00 12.18 ? 50   CYS A C   1 
ATOM   384  O  O   . CYS A 1 49  ? -3.864  -7.803  5.972   1.00 10.89 ? 50   CYS A O   1 
ATOM   385  C  CB  . CYS A 1 49  ? -4.168  -4.896  7.497   1.00 12.18 ? 50   CYS A CB  1 
ATOM   386  S  SG  . CYS A 1 49  ? -3.737  -4.022  9.042   1.00 14.05 ? 50   CYS A SG  1 
ATOM   387  N  N   . CYS A 1 50  ? -3.874  -6.018  4.597   1.00 11.73 ? 51   CYS A N   1 
ATOM   388  C  CA  . CYS A 1 50  ? -4.437  -6.738  3.459   1.00 11.27 ? 51   CYS A CA  1 
ATOM   389  C  C   . CYS A 1 50  ? -3.527  -7.901  3.052   1.00 11.78 ? 51   CYS A C   1 
ATOM   390  O  O   . CYS A 1 50  ? -3.989  -9.028  2.842   1.00 13.91 ? 51   CYS A O   1 
ATOM   391  C  CB  . CYS A 1 50  ? -4.612  -5.772  2.289   1.00 11.99 ? 51   CYS A CB  1 
ATOM   392  S  SG  . CYS A 1 50  ? -5.782  -6.294  1.003   1.00 12.09 ? 51   CYS A SG  1 
ATOM   393  N  N   . TYR A 1 51  ? -2.231  -7.619  2.946   1.00 11.32 ? 52   TYR A N   1 
ATOM   394  C  CA  . TYR A 1 51  ? -1.238  -8.625  2.582   1.00 11.51 ? 52   TYR A CA  1 
ATOM   395  C  C   . TYR A 1 51  ? -1.185  -9.710  3.654   1.00 13.89 ? 52   TYR A C   1 
ATOM   396  O  O   . TYR A 1 51  ? -1.049  -10.898 3.350   1.00 12.46 ? 52   TYR A O   1 
ATOM   397  C  CB  . TYR A 1 51  ? 0.143   -7.974  2.457   1.00 13.27 ? 52   TYR A CB  1 
ATOM   398  C  CG  . TYR A 1 51  ? 0.531   -7.525  1.061   1.00 12.48 ? 52   TYR A CG  1 
ATOM   399  C  CD1 . TYR A 1 51  ? -0.433  -7.245  0.087   1.00 13.03 ? 52   TYR A CD1 1 
ATOM   400  C  CD2 . TYR A 1 51  ? 1.876   -7.341  0.728   1.00 13.82 ? 52   TYR A CD2 1 
ATOM   401  C  CE1 . TYR A 1 51  ? -0.061  -6.790  -1.190  1.00 10.83 ? 52   TYR A CE1 1 
ATOM   402  C  CE2 . TYR A 1 51  ? 2.256   -6.885  -0.530  1.00 12.53 ? 52   TYR A CE2 1 
ATOM   403  C  CZ  . TYR A 1 51  ? 1.292   -6.610  -1.482  1.00 12.46 ? 52   TYR A CZ  1 
ATOM   404  O  OH  . TYR A 1 51  ? 1.697   -6.132  -2.706  1.00 13.42 ? 52   TYR A OH  1 
ATOM   405  N  N   . GLY A 1 52  ? -1.301  -9.285  4.909   1.00 15.43 ? 53   GLY A N   1 
ATOM   406  C  CA  . GLY A 1 52  ? -1.251  -10.208 6.027   1.00 18.67 ? 53   GLY A CA  1 
ATOM   407  C  C   . GLY A 1 52  ? -2.382  -11.212 6.066   1.00 20.50 ? 53   GLY A C   1 
ATOM   408  O  O   . GLY A 1 52  ? -2.260  -12.254 6.711   1.00 22.35 ? 53   GLY A O   1 
ATOM   409  N  N   . LYS A 1 53  ? -3.481  -10.907 5.384   1.00 19.87 ? 54   LYS A N   1 
ATOM   410  C  CA  . LYS A 1 53  ? -4.633  -11.800 5.362   1.00 20.88 ? 54   LYS A CA  1 
ATOM   411  C  C   . LYS A 1 53  ? -4.671  -12.700 4.129   1.00 21.28 ? 54   LYS A C   1 
ATOM   412  O  O   . LYS A 1 53  ? -5.545  -13.558 4.013   1.00 20.73 ? 54   LYS A O   1 
ATOM   413  C  CB  . LYS A 1 53  ? -5.924  -10.987 5.450   1.00 24.91 ? 54   LYS A CB  1 
ATOM   414  N  N   . VAL A 1 54  ? -3.736  -12.506 3.206   1.00 19.84 ? 55   VAL A N   1 
ATOM   415  C  CA  . VAL A 1 54  ? -3.695  -13.331 2.002   1.00 20.93 ? 55   VAL A CA  1 
ATOM   416  C  C   . VAL A 1 54  ? -3.082  -14.691 2.323   1.00 22.77 ? 55   VAL A C   1 
ATOM   417  O  O   . VAL A 1 54  ? -1.943  -14.776 2.778   1.00 23.06 ? 55   VAL A O   1 
ATOM   418  C  CB  . VAL A 1 54  ? -2.856  -12.669 0.878   1.00 19.06 ? 55   VAL A CB  1 
ATOM   419  C  CG1 . VAL A 1 54  ? -2.813  -13.577 -0.352  1.00 18.50 ? 55   VAL A CG1 1 
ATOM   420  C  CG2 . VAL A 1 54  ? -3.449  -11.327 0.512   1.00 16.33 ? 55   VAL A CG2 1 
ATOM   421  N  N   . THR A 1 55  ? -3.848  -15.752 2.095   1.00 21.36 ? 56   THR A N   1 
ATOM   422  C  CA  . THR A 1 55  ? -3.366  -17.105 2.351   1.00 24.84 ? 56   THR A CA  1 
ATOM   423  C  C   . THR A 1 55  ? -3.558  -17.978 1.119   1.00 22.00 ? 56   THR A C   1 
ATOM   424  O  O   . THR A 1 55  ? -4.648  -18.035 0.548   1.00 20.89 ? 56   THR A O   1 
ATOM   425  C  CB  . THR A 1 55  ? -4.107  -17.762 3.534   1.00 33.11 ? 56   THR A CB  1 
ATOM   426  O  OG1 . THR A 1 55  ? -5.506  -17.838 3.240   1.00 38.65 ? 56   THR A OG1 1 
ATOM   427  C  CG2 . THR A 1 55  ? -3.899  -16.957 4.807   1.00 38.79 ? 56   THR A CG2 1 
ATOM   428  N  N   . GLY A 1 56  ? -2.490  -18.655 0.714   1.00 24.13 ? 59   GLY A N   1 
ATOM   429  C  CA  . GLY A 1 56  ? -2.553  -19.518 -0.450  1.00 24.07 ? 59   GLY A CA  1 
ATOM   430  C  C   . GLY A 1 56  ? -1.577  -19.097 -1.531  1.00 23.08 ? 59   GLY A C   1 
ATOM   431  O  O   . GLY A 1 56  ? -1.286  -19.865 -2.448  1.00 23.61 ? 59   GLY A O   1 
ATOM   432  N  N   . CYS A 1 57  ? -1.075  -17.870 -1.429  1.00 20.03 ? 61   CYS A N   1 
ATOM   433  C  CA  . CYS A 1 57  ? -0.126  -17.351 -2.402  1.00 18.95 ? 61   CYS A CA  1 
ATOM   434  C  C   . CYS A 1 57  ? 0.774   -16.302 -1.754  1.00 19.44 ? 61   CYS A C   1 
ATOM   435  O  O   . CYS A 1 57  ? 0.593   -15.963 -0.580  1.00 18.60 ? 61   CYS A O   1 
ATOM   436  C  CB  . CYS A 1 57  ? -0.869  -16.781 -3.618  1.00 18.15 ? 61   CYS A CB  1 
ATOM   437  S  SG  . CYS A 1 57  ? -2.119  -15.507 -3.260  1.00 16.84 ? 61   CYS A SG  1 
ATOM   438  N  N   . ASP A 1 58  ? 1.736   -15.793 -2.521  1.00 19.26 ? 67   ASP A N   1 
ATOM   439  C  CA  . ASP A 1 58  ? 2.705   -14.819 -2.015  1.00 21.22 ? 67   ASP A CA  1 
ATOM   440  C  C   . ASP A 1 58  ? 2.594   -13.426 -2.639  1.00 19.72 ? 67   ASP A C   1 
ATOM   441  O  O   . ASP A 1 58  ? 2.957   -13.219 -3.800  1.00 18.04 ? 67   ASP A O   1 
ATOM   442  C  CB  . ASP A 1 58  ? 4.122   -15.375 -2.216  1.00 30.99 ? 67   ASP A CB  1 
ATOM   443  C  CG  . ASP A 1 58  ? 5.208   -14.406 -1.782  1.00 35.18 ? 67   ASP A CG  1 
ATOM   444  O  OD1 . ASP A 1 58  ? 4.922   -13.495 -0.984  1.00 36.90 ? 67   ASP A OD1 1 
ATOM   445  O  OD2 . ASP A 1 58  ? 6.358   -14.571 -2.235  1.00 39.93 ? 67   ASP A OD2 1 
ATOM   446  N  N   . PRO A 1 59  ? 2.098   -12.449 -1.861  1.00 19.83 ? 68   PRO A N   1 
ATOM   447  C  CA  . PRO A 1 59  ? 1.915   -11.059 -2.286  1.00 20.45 ? 68   PRO A CA  1 
ATOM   448  C  C   . PRO A 1 59  ? 3.188   -10.391 -2.785  1.00 21.85 ? 68   PRO A C   1 
ATOM   449  O  O   . PRO A 1 59  ? 3.135   -9.450  -3.571  1.00 21.93 ? 68   PRO A O   1 
ATOM   450  C  CB  . PRO A 1 59  ? 1.384   -10.379 -1.023  1.00 20.20 ? 68   PRO A CB  1 
ATOM   451  C  CG  . PRO A 1 59  ? 0.640   -11.463 -0.351  1.00 20.11 ? 68   PRO A CG  1 
ATOM   452  C  CD  . PRO A 1 59  ? 1.572   -12.639 -0.498  1.00 19.99 ? 68   PRO A CD  1 
ATOM   453  N  N   . LYS A 1 60  ? 4.338   -10.872 -2.334  1.00 22.60 ? 69   LYS A N   1 
ATOM   454  C  CA  . LYS A 1 60  ? 5.584   -10.252 -2.744  1.00 25.26 ? 69   LYS A CA  1 
ATOM   455  C  C   . LYS A 1 60  ? 6.100   -10.679 -4.109  1.00 23.58 ? 69   LYS A C   1 
ATOM   456  O  O   . LYS A 1 60  ? 6.549   -9.841  -4.891  1.00 20.81 ? 69   LYS A O   1 
ATOM   457  C  CB  . LYS A 1 60  ? 6.677   -10.511 -1.708  1.00 36.32 ? 69   LYS A CB  1 
ATOM   458  C  CG  . LYS A 1 60  ? 7.985   -9.806  -2.042  1.00 45.42 ? 69   LYS A CG  1 
ATOM   459  C  CD  . LYS A 1 60  ? 9.196   -10.544 -1.490  1.00 50.91 ? 69   LYS A CD  1 
ATOM   460  C  CE  . LYS A 1 60  ? 10.492  -9.913  -1.986  1.00 53.25 ? 69   LYS A CE  1 
ATOM   461  N  NZ  . LYS A 1 60  ? 11.688  -10.739 -1.658  1.00 54.45 ? 69   LYS A NZ  1 
ATOM   462  N  N   . MET A 1 61  ? 6.039   -11.974 -4.399  1.00 23.43 ? 70   MET A N   1 
ATOM   463  C  CA  . MET A 1 61  ? 6.562   -12.478 -5.664  1.00 26.17 ? 70   MET A CA  1 
ATOM   464  C  C   . MET A 1 61  ? 5.564   -12.972 -6.708  1.00 22.45 ? 70   MET A C   1 
ATOM   465  O  O   . MET A 1 61  ? 5.888   -13.011 -7.896  1.00 19.78 ? 70   MET A O   1 
ATOM   466  C  CB  . MET A 1 61  ? 7.581   -13.590 -5.389  1.00 42.71 ? 70   MET A CB  1 
ATOM   467  C  CG  . MET A 1 61  ? 8.864   -13.111 -4.720  1.00 54.61 ? 70   MET A CG  1 
ATOM   468  S  SD  . MET A 1 61  ? 9.727   -11.844 -5.679  1.00 62.82 ? 70   MET A SD  1 
ATOM   469  C  CE  . MET A 1 61  ? 11.073  -12.794 -6.434  1.00 63.68 ? 70   MET A CE  1 
ATOM   470  N  N   . ASP A 1 62  ? 4.362   -13.359 -6.293  1.00 18.62 ? 71   ASP A N   1 
ATOM   471  C  CA  . ASP A 1 62  ? 3.402   -13.843 -7.276  1.00 17.88 ? 71   ASP A CA  1 
ATOM   472  C  C   . ASP A 1 62  ? 2.872   -12.728 -8.172  1.00 16.30 ? 71   ASP A C   1 
ATOM   473  O  O   . ASP A 1 62  ? 2.592   -11.621 -7.715  1.00 16.77 ? 71   ASP A O   1 
ATOM   474  C  CB  . ASP A 1 62  ? 2.246   -14.575 -6.598  1.00 18.62 ? 71   ASP A CB  1 
ATOM   475  C  CG  . ASP A 1 62  ? 2.655   -15.945 -6.071  1.00 21.10 ? 71   ASP A CG  1 
ATOM   476  O  OD1 . ASP A 1 62  ? 3.582   -16.555 -6.646  1.00 23.86 ? 71   ASP A OD1 1 
ATOM   477  O  OD2 . ASP A 1 62  ? 2.035   -16.418 -5.096  1.00 20.47 ? 71   ASP A OD2 1 
ATOM   478  N  N   . VAL A 1 63  ? 2.736   -13.047 -9.457  1.00 16.03 ? 72   VAL A N   1 
ATOM   479  C  CA  . VAL A 1 63  ? 2.271   -12.105 -10.471 1.00 17.28 ? 72   VAL A CA  1 
ATOM   480  C  C   . VAL A 1 63  ? 0.790   -12.275 -10.776 1.00 15.58 ? 72   VAL A C   1 
ATOM   481  O  O   . VAL A 1 63  ? 0.323   -13.384 -11.041 1.00 15.72 ? 72   VAL A O   1 
ATOM   482  C  CB  . VAL A 1 63  ? 3.067   -12.289 -11.792 1.00 23.61 ? 72   VAL A CB  1 
ATOM   483  C  CG1 . VAL A 1 63  ? 2.657   -11.235 -12.810 1.00 27.02 ? 72   VAL A CG1 1 
ATOM   484  C  CG2 . VAL A 1 63  ? 4.561   -12.207 -11.515 1.00 26.78 ? 72   VAL A CG2 1 
ATOM   485  N  N   . TYR A 1 64  ? 0.057   -11.168 -10.736 1.00 12.79 ? 73   TYR A N   1 
ATOM   486  C  CA  . TYR A 1 64  ? -1.367  -11.192 -11.021 1.00 11.59 ? 73   TYR A CA  1 
ATOM   487  C  C   . TYR A 1 64  ? -1.656  -10.483 -12.334 1.00 12.73 ? 73   TYR A C   1 
ATOM   488  O  O   . TYR A 1 64  ? -0.796  -9.802  -12.893 1.00 12.08 ? 73   TYR A O   1 
ATOM   489  C  CB  . TYR A 1 64  ? -2.155  -10.537 -9.879  1.00 11.73 ? 73   TYR A CB  1 
ATOM   490  C  CG  . TYR A 1 64  ? -1.664  -9.159  -9.474  1.00 10.56 ? 73   TYR A CG  1 
ATOM   491  C  CD1 . TYR A 1 64  ? -1.873  -8.053  -10.296 1.00 10.58 ? 73   TYR A CD1 1 
ATOM   492  C  CD2 . TYR A 1 64  ? -1.003  -8.962  -8.257  1.00 10.38 ? 73   TYR A CD2 1 
ATOM   493  C  CE1 . TYR A 1 64  ? -1.442  -6.784  -9.923  1.00 10.58 ? 73   TYR A CE1 1 
ATOM   494  C  CE2 . TYR A 1 64  ? -0.566  -7.695  -7.872  1.00 11.63 ? 73   TYR A CE2 1 
ATOM   495  C  CZ  . TYR A 1 64  ? -0.791  -6.609  -8.710  1.00 11.81 ? 73   TYR A CZ  1 
ATOM   496  O  OH  . TYR A 1 64  ? -0.384  -5.345  -8.346  1.00 11.64 ? 73   TYR A OH  1 
ATOM   497  N  N   . SER A 1 65  ? -2.872  -10.655 -12.834 1.00 12.94 ? 74   SER A N   1 
ATOM   498  C  CA  . SER A 1 65  ? -3.244  -10.023 -14.086 1.00 17.22 ? 74   SER A CA  1 
ATOM   499  C  C   . SER A 1 65  ? -4.339  -8.995  -13.870 1.00 14.93 ? 74   SER A C   1 
ATOM   500  O  O   . SER A 1 65  ? -5.193  -9.140  -12.994 1.00 12.29 ? 74   SER A O   1 
ATOM   501  C  CB  . SER A 1 65  ? -3.706  -11.074 -15.103 1.00 27.36 ? 74   SER A CB  1 
ATOM   502  O  OG  . SER A 1 65  ? -5.033  -11.490 -14.850 1.00 37.56 ? 74   SER A OG  1 
ATOM   503  N  N   . PHE A 1 66  ? -4.292  -7.936  -14.666 1.00 14.50 ? 75   PHE A N   1 
ATOM   504  C  CA  . PHE A 1 66  ? -5.291  -6.894  -14.581 1.00 13.95 ? 75   PHE A CA  1 
ATOM   505  C  C   . PHE A 1 66  ? -5.439  -6.229  -15.937 1.00 14.60 ? 75   PHE A C   1 
ATOM   506  O  O   . PHE A 1 66  ? -4.598  -6.386  -16.822 1.00 13.43 ? 75   PHE A O   1 
ATOM   507  C  CB  . PHE A 1 66  ? -4.917  -5.846  -13.517 1.00 15.52 ? 75   PHE A CB  1 
ATOM   508  C  CG  . PHE A 1 66  ? -3.638  -5.102  -13.801 1.00 17.23 ? 75   PHE A CG  1 
ATOM   509  C  CD1 . PHE A 1 66  ? -2.410  -5.611  -13.385 1.00 16.29 ? 75   PHE A CD1 1 
ATOM   510  C  CD2 . PHE A 1 66  ? -3.663  -3.886  -14.483 1.00 17.40 ? 75   PHE A CD2 1 
ATOM   511  C  CE1 . PHE A 1 66  ? -1.220  -4.920  -13.637 1.00 16.55 ? 75   PHE A CE1 1 
ATOM   512  C  CE2 . PHE A 1 66  ? -2.482  -3.186  -14.742 1.00 17.94 ? 75   PHE A CE2 1 
ATOM   513  C  CZ  . PHE A 1 66  ? -1.256  -3.706  -14.316 1.00 17.82 ? 75   PHE A CZ  1 
ATOM   514  N  N   . SER A 1 67  ? -6.531  -5.501  -16.098 1.00 18.21 ? 76   SER A N   1 
ATOM   515  C  CA  . SER A 1 67  ? -6.792  -4.786  -17.331 1.00 22.78 ? 76   SER A CA  1 
ATOM   516  C  C   . SER A 1 67  ? -7.383  -3.448  -16.938 1.00 25.85 ? 76   SER A C   1 
ATOM   517  O  O   . SER A 1 67  ? -7.728  -3.232  -15.774 1.00 24.28 ? 76   SER A O   1 
ATOM   518  C  CB  . SER A 1 67  ? -7.766  -5.570  -18.218 1.00 27.11 ? 76   SER A CB  1 
ATOM   519  O  OG  . SER A 1 67  ? -9.007  -5.775  -17.568 1.00 30.92 ? 76   SER A OG  1 
ATOM   520  N  N   . GLU A 1 68  ? -7.487  -2.543  -17.899 1.00 26.07 ? 77   GLU A N   1 
ATOM   521  C  CA  . GLU A 1 68  ? -8.032  -1.230  -17.618 1.00 32.68 ? 77   GLU A CA  1 
ATOM   522  C  C   . GLU A 1 68  ? -9.306  -1.055  -18.443 1.00 31.58 ? 77   GLU A C   1 
ATOM   523  O  O   . GLU A 1 68  ? -9.268  -1.116  -19.670 1.00 30.22 ? 77   GLU A O   1 
ATOM   524  C  CB  . GLU A 1 68  ? -6.985  -0.170  -17.965 1.00 43.95 ? 77   GLU A CB  1 
ATOM   525  C  CG  . GLU A 1 68  ? -5.579  -0.756  -18.093 1.00 55.97 ? 77   GLU A CG  1 
ATOM   526  C  CD  . GLU A 1 68  ? -4.480  0.245   -17.800 1.00 61.26 ? 77   GLU A CD  1 
ATOM   527  O  OE1 . GLU A 1 68  ? -3.370  -0.180  -17.431 1.00 63.64 ? 77   GLU A OE1 1 
ATOM   528  O  OE2 . GLU A 1 68  ? -4.732  1.458   -17.927 1.00 64.32 ? 77   GLU A OE2 1 
ATOM   529  N  N   . GLU A 1 69  ? -10.433 -0.865  -17.762 1.00 36.60 ? 78   GLU A N   1 
ATOM   530  C  CA  . GLU A 1 69  ? -11.720 -0.700  -18.433 1.00 38.01 ? 78   GLU A CA  1 
ATOM   531  C  C   . GLU A 1 69  ? -12.638 0.232   -17.649 1.00 38.41 ? 78   GLU A C   1 
ATOM   532  O  O   . GLU A 1 69  ? -12.564 0.300   -16.422 1.00 39.46 ? 78   GLU A O   1 
ATOM   533  C  CB  . GLU A 1 69  ? -12.388 -2.057  -18.613 1.00 36.96 ? 78   GLU A CB  1 
ATOM   534  N  N   . ASN A 1 70  ? -13.513 0.933   -18.363 1.00 35.91 ? 79   ASN A N   1 
ATOM   535  C  CA  . ASN A 1 70  ? -14.439 1.884   -17.749 1.00 36.92 ? 79   ASN A CA  1 
ATOM   536  C  C   . ASN A 1 70  ? -13.702 2.865   -16.838 1.00 37.20 ? 79   ASN A C   1 
ATOM   537  O  O   . ASN A 1 70  ? -14.258 3.360   -15.858 1.00 34.25 ? 79   ASN A O   1 
ATOM   538  C  CB  . ASN A 1 70  ? -15.534 1.155   -16.959 1.00 39.92 ? 79   ASN A CB  1 
ATOM   539  C  CG  . ASN A 1 70  ? -16.544 0.462   -17.862 1.00 43.87 ? 79   ASN A CG  1 
ATOM   540  O  OD1 . ASN A 1 70  ? -16.941 0.999   -18.897 1.00 44.43 ? 79   ASN A OD1 1 
ATOM   541  N  ND2 . ASN A 1 70  ? -16.976 -0.730  -17.464 1.00 45.62 ? 79   ASN A ND2 1 
ATOM   542  N  N   . GLY A 1 71  ? -12.443 3.136   -17.171 1.00 45.32 ? 80   GLY A N   1 
ATOM   543  C  CA  . GLY A 1 71  ? -11.638 4.067   -16.397 1.00 48.15 ? 80   GLY A CA  1 
ATOM   544  C  C   . GLY A 1 71  ? -11.244 3.584   -15.014 1.00 48.83 ? 80   GLY A C   1 
ATOM   545  O  O   . GLY A 1 71  ? -11.222 4.364   -14.062 1.00 50.87 ? 80   GLY A O   1 
ATOM   546  N  N   . ASP A 1 72  ? -10.914 2.302   -14.902 1.00 43.47 ? 81   ASP A N   1 
ATOM   547  C  CA  . ASP A 1 72  ? -10.530 1.724   -13.620 1.00 40.98 ? 81   ASP A CA  1 
ATOM   548  C  C   . ASP A 1 72  ? -9.519  0.597   -13.824 1.00 35.71 ? 81   ASP A C   1 
ATOM   549  O  O   . ASP A 1 72  ? -9.209  0.224   -14.955 1.00 33.24 ? 81   ASP A O   1 
ATOM   550  C  CB  . ASP A 1 72  ? -11.778 1.175   -12.920 1.00 52.05 ? 81   ASP A CB  1 
ATOM   551  C  CG  . ASP A 1 72  ? -11.550 0.880   -11.451 1.00 57.87 ? 81   ASP A CG  1 
ATOM   552  O  OD1 . ASP A 1 72  ? -12.448 0.280   -10.824 1.00 60.35 ? 81   ASP A OD1 1 
ATOM   553  O  OD2 . ASP A 1 72  ? -10.482 1.252   -10.923 1.00 61.26 ? 81   ASP A OD2 1 
ATOM   554  N  N   . ILE A 1 73  ? -8.991  0.073   -12.725 1.00 29.83 ? 82   ILE A N   1 
ATOM   555  C  CA  . ILE A 1 73  ? -8.052  -1.041  -12.784 1.00 25.99 ? 82   ILE A CA  1 
ATOM   556  C  C   . ILE A 1 73  ? -8.896  -2.260  -12.430 1.00 21.32 ? 82   ILE A C   1 
ATOM   557  O  O   . ILE A 1 73  ? -9.480  -2.325  -11.350 1.00 19.93 ? 82   ILE A O   1 
ATOM   558  C  CB  . ILE A 1 73  ? -6.912  -0.888  -11.745 1.00 30.73 ? 82   ILE A CB  1 
ATOM   559  C  CG1 . ILE A 1 73  ? -5.982  0.263   -12.144 1.00 32.65 ? 82   ILE A CG1 1 
ATOM   560  C  CG2 . ILE A 1 73  ? -6.141  -2.196  -11.619 1.00 31.49 ? 82   ILE A CG2 1 
ATOM   561  C  CD1 . ILE A 1 73  ? -5.224  0.043   -13.444 1.00 35.11 ? 82   ILE A CD1 1 
ATOM   562  N  N   . VAL A 1 74  ? -8.983  -3.213  -13.349 1.00 19.28 ? 83   VAL A N   1 
ATOM   563  C  CA  . VAL A 1 74  ? -9.773  -4.413  -13.118 1.00 18.82 ? 83   VAL A CA  1 
ATOM   564  C  C   . VAL A 1 74  ? -8.873  -5.614  -12.889 1.00 15.30 ? 83   VAL A C   1 
ATOM   565  O  O   . VAL A 1 74  ? -8.150  -6.035  -13.786 1.00 15.59 ? 83   VAL A O   1 
ATOM   566  C  CB  . VAL A 1 74  ? -10.698 -4.712  -14.320 1.00 22.06 ? 83   VAL A CB  1 
ATOM   567  C  CG1 . VAL A 1 74  ? -11.524 -5.964  -14.051 1.00 24.28 ? 83   VAL A CG1 1 
ATOM   568  C  CG2 . VAL A 1 74  ? -11.603 -3.522  -14.578 1.00 25.61 ? 83   VAL A CG2 1 
ATOM   569  N  N   . CYS A 1 75  ? -8.916  -6.153  -11.676 1.00 13.71 ? 84   CYS A N   1 
ATOM   570  C  CA  . CYS A 1 75  ? -8.116  -7.319  -11.323 1.00 12.68 ? 84   CYS A CA  1 
ATOM   571  C  C   . CYS A 1 75  ? -8.772  -8.566  -11.907 1.00 12.98 ? 84   CYS A C   1 
ATOM   572  O  O   . CYS A 1 75  ? -9.970  -8.759  -11.744 1.00 13.00 ? 84   CYS A O   1 
ATOM   573  C  CB  . CYS A 1 75  ? -8.036  -7.455  -9.804  1.00 11.66 ? 84   CYS A CB  1 
ATOM   574  S  SG  . CYS A 1 75  ? -7.073  -6.156  -8.968  1.00 12.50 ? 84   CYS A SG  1 
ATOM   575  N  N   . GLY A 1 76  ? -7.994  -9.412  -12.575 1.00 15.04 ? 85   GLY A N   1 
ATOM   576  C  CA  . GLY A 1 76  ? -8.575  -10.609 -13.164 1.00 17.14 ? 85   GLY A CA  1 
ATOM   577  C  C   . GLY A 1 76  ? -7.786  -11.882 -12.932 1.00 17.05 ? 85   GLY A C   1 
ATOM   578  O  O   . GLY A 1 76  ? -7.189  -12.061 -11.870 1.00 15.18 ? 85   GLY A O   1 
ATOM   579  N  N   . GLY A 1 77  ? -7.788  -12.767 -13.927 1.00 15.81 ? 86   GLY A N   1 
ATOM   580  C  CA  . GLY A 1 77  ? -7.066  -14.024 -13.806 1.00 16.38 ? 86   GLY A CA  1 
ATOM   581  C  C   . GLY A 1 77  ? -7.982  -15.151 -13.366 1.00 16.61 ? 86   GLY A C   1 
ATOM   582  O  O   . GLY A 1 77  ? -9.136  -14.910 -13.022 1.00 16.09 ? 86   GLY A O   1 
ATOM   583  N  N   . ASP A 1 78  ? -7.476  -16.381 -13.372 1.00 14.88 ? 88   ASP A N   1 
ATOM   584  C  CA  . ASP A 1 78  ? -8.285  -17.530 -12.971 1.00 16.04 ? 88   ASP A CA  1 
ATOM   585  C  C   . ASP A 1 78  ? -7.912  -18.019 -11.571 1.00 15.94 ? 88   ASP A C   1 
ATOM   586  O  O   . ASP A 1 78  ? -8.405  -19.048 -11.108 1.00 16.42 ? 88   ASP A O   1 
ATOM   587  C  CB  . ASP A 1 78  ? -8.123  -18.672 -13.985 1.00 17.34 ? 88   ASP A CB  1 
ATOM   588  C  CG  . ASP A 1 78  ? -6.733  -19.284 -13.967 1.00 20.69 ? 88   ASP A CG  1 
ATOM   589  O  OD1 . ASP A 1 78  ? -5.821  -18.680 -13.359 1.00 19.66 ? 88   ASP A OD1 1 
ATOM   590  O  OD2 . ASP A 1 78  ? -6.554  -20.368 -14.569 1.00 20.66 ? 88   ASP A OD2 1 
ATOM   591  N  N   . ASP A 1 79  ? -7.050  -17.265 -10.898 1.00 14.55 ? 89   ASP A N   1 
ATOM   592  C  CA  . ASP A 1 79  ? -6.599  -17.626 -9.557  1.00 16.24 ? 89   ASP A CA  1 
ATOM   593  C  C   . ASP A 1 79  ? -7.147  -16.635 -8.533  1.00 16.92 ? 89   ASP A C   1 
ATOM   594  O  O   . ASP A 1 79  ? -6.712  -15.484 -8.473  1.00 14.50 ? 89   ASP A O   1 
ATOM   595  C  CB  . ASP A 1 79  ? -5.070  -17.627 -9.515  1.00 19.75 ? 89   ASP A CB  1 
ATOM   596  C  CG  . ASP A 1 79  ? -4.522  -18.135 -8.200  1.00 22.67 ? 89   ASP A CG  1 
ATOM   597  O  OD1 . ASP A 1 79  ? -5.048  -17.741 -7.140  1.00 24.67 ? 89   ASP A OD1 1 
ATOM   598  O  OD2 . ASP A 1 79  ? -3.556  -18.923 -8.223  1.00 26.08 ? 89   ASP A OD2 1 
ATOM   599  N  N   . PRO A 1 80  ? -8.102  -17.073 -7.700  1.00 19.45 ? 90   PRO A N   1 
ATOM   600  C  CA  . PRO A 1 80  ? -8.684  -16.174 -6.697  1.00 18.70 ? 90   PRO A CA  1 
ATOM   601  C  C   . PRO A 1 80  ? -7.707  -15.577 -5.687  1.00 17.21 ? 90   PRO A C   1 
ATOM   602  O  O   . PRO A 1 80  ? -7.906  -14.453 -5.223  1.00 15.76 ? 90   PRO A O   1 
ATOM   603  C  CB  . PRO A 1 80  ? -9.767  -17.036 -6.043  1.00 27.64 ? 90   PRO A CB  1 
ATOM   604  C  CG  . PRO A 1 80  ? -9.252  -18.434 -6.213  1.00 28.90 ? 90   PRO A CG  1 
ATOM   605  C  CD  . PRO A 1 80  ? -8.702  -18.418 -7.618  1.00 27.11 ? 90   PRO A CD  1 
ATOM   606  N  N   . CYS A 1 81  ? -6.657  -16.318 -5.349  1.00 15.83 ? 91   CYS A N   1 
ATOM   607  C  CA  . CYS A 1 81  ? -5.676  -15.824 -4.391  1.00 15.86 ? 91   CYS A CA  1 
ATOM   608  C  C   . CYS A 1 81  ? -4.889  -14.666 -5.003  1.00 15.61 ? 91   CYS A C   1 
ATOM   609  O  O   . CYS A 1 81  ? -4.666  -13.643 -4.353  1.00 15.16 ? 91   CYS A O   1 
ATOM   610  C  CB  . CYS A 1 81  ? -4.719  -16.945 -3.971  1.00 17.71 ? 91   CYS A CB  1 
ATOM   611  S  SG  . CYS A 1 81  ? -3.699  -16.535 -2.513  1.00 17.25 ? 91   CYS A SG  1 
ATOM   612  N  N   . LYS A 1 82  ? -4.479  -14.820 -6.259  1.00 13.53 ? 92   LYS A N   1 
ATOM   613  C  CA  . LYS A 1 82  ? -3.723  -13.768 -6.927  1.00 13.82 ? 92   LYS A CA  1 
ATOM   614  C  C   . LYS A 1 82  ? -4.593  -12.537 -7.165  1.00 13.39 ? 92   LYS A C   1 
ATOM   615  O  O   . LYS A 1 82  ? -4.103  -11.407 -7.133  1.00 12.87 ? 92   LYS A O   1 
ATOM   616  C  CB  . LYS A 1 82  ? -3.142  -14.281 -8.248  1.00 18.02 ? 92   LYS A CB  1 
ATOM   617  C  CG  . LYS A 1 82  ? -2.147  -15.428 -8.058  1.00 23.49 ? 92   LYS A CG  1 
ATOM   618  C  CD  . LYS A 1 82  ? -1.463  -15.824 -9.360  1.00 28.32 ? 92   LYS A CD  1 
ATOM   619  C  CE  . LYS A 1 82  ? -0.503  -16.986 -9.129  1.00 31.24 ? 92   LYS A CE  1 
ATOM   620  N  NZ  . LYS A 1 82  ? 0.290   -17.314 -10.347 1.00 35.55 ? 92   LYS A NZ  1 
ATOM   621  N  N   . LYS A 1 83  ? -5.885  -12.752 -7.400  1.00 12.47 ? 93   LYS A N   1 
ATOM   622  C  CA  . LYS A 1 83  ? -6.792  -11.629 -7.613  1.00 12.88 ? 93   LYS A CA  1 
ATOM   623  C  C   . LYS A 1 83  ? -6.898  -10.826 -6.318  1.00 13.88 ? 93   LYS A C   1 
ATOM   624  O  O   . LYS A 1 83  ? -7.052  -9.606  -6.340  1.00 12.38 ? 93   LYS A O   1 
ATOM   625  C  CB  . LYS A 1 83  ? -8.184  -12.117 -8.022  1.00 17.24 ? 93   LYS A CB  1 
ATOM   626  C  CG  . LYS A 1 83  ? -9.153  -10.977 -8.288  1.00 21.41 ? 93   LYS A CG  1 
ATOM   627  C  CD  . LYS A 1 83  ? -10.537 -11.481 -8.641  1.00 24.77 ? 93   LYS A CD  1 
ATOM   628  C  CE  . LYS A 1 83  ? -11.466 -10.315 -8.939  1.00 26.73 ? 93   LYS A CE  1 
ATOM   629  N  NZ  . LYS A 1 83  ? -11.614 -9.413  -7.763  1.00 28.09 ? 93   LYS A NZ  1 
ATOM   630  N  N   . GLU A 1 84  ? -6.819  -11.525 -5.192  1.00 12.38 ? 94   GLU A N   1 
ATOM   631  C  CA  . GLU A 1 84  ? -6.890  -10.889 -3.880  1.00 15.21 ? 94   GLU A CA  1 
ATOM   632  C  C   . GLU A 1 84  ? -5.671  -9.993  -3.653  1.00 11.94 ? 94   GLU A C   1 
ATOM   633  O  O   . GLU A 1 84  ? -5.782  -8.923  -3.045  1.00 9.30  ? 94   GLU A O   1 
ATOM   634  C  CB  . GLU A 1 84  ? -6.984  -11.965 -2.795  1.00 27.92 ? 94   GLU A CB  1 
ATOM   635  C  CG  . GLU A 1 84  ? -7.126  -11.447 -1.379  1.00 40.13 ? 94   GLU A CG  1 
ATOM   636  C  CD  . GLU A 1 84  ? -7.520  -12.550 -0.416  1.00 46.66 ? 94   GLU A CD  1 
ATOM   637  O  OE1 . GLU A 1 84  ? -7.194  -13.721 -0.700  1.00 49.60 ? 94   GLU A OE1 1 
ATOM   638  O  OE2 . GLU A 1 84  ? -8.145  -12.253 0.624   1.00 49.70 ? 94   GLU A OE2 1 
ATOM   639  N  N   . ILE A 1 85  ? -4.511  -10.431 -4.140  1.00 10.20 ? 95   ILE A N   1 
ATOM   640  C  CA  . ILE A 1 85  ? -3.289  -9.639  -4.002  1.00 10.75 ? 95   ILE A CA  1 
ATOM   641  C  C   . ILE A 1 85  ? -3.467  -8.365  -4.818  1.00 9.96  ? 95   ILE A C   1 
ATOM   642  O  O   . ILE A 1 85  ? -3.153  -7.256  -4.367  1.00 8.56  ? 95   ILE A O   1 
ATOM   643  C  CB  . ILE A 1 85  ? -2.047  -10.387 -4.553  1.00 12.20 ? 95   ILE A CB  1 
ATOM   644  C  CG1 . ILE A 1 85  ? -1.792  -11.659 -3.739  1.00 13.28 ? 95   ILE A CG1 1 
ATOM   645  C  CG2 . ILE A 1 85  ? -0.821  -9.461  -4.516  1.00 11.55 ? 95   ILE A CG2 1 
ATOM   646  C  CD1 . ILE A 1 85  ? -0.681  -12.546 -4.298  1.00 13.61 ? 95   ILE A CD1 1 
ATOM   647  N  N   . CYS A 1 86  ? -3.971  -8.537  -6.034  1.00 8.68  ? 96   CYS A N   1 
ATOM   648  C  CA  . CYS A 1 86  ? -4.196  -7.407  -6.925  1.00 9.67  ? 96   CYS A CA  1 
ATOM   649  C  C   . CYS A 1 86  ? -5.146  -6.391  -6.292  1.00 10.05 ? 96   CYS A C   1 
ATOM   650  O  O   . CYS A 1 86  ? -4.921  -5.184  -6.384  1.00 11.20 ? 96   CYS A O   1 
ATOM   651  C  CB  . CYS A 1 86  ? -4.761  -7.912  -8.247  1.00 10.18 ? 96   CYS A CB  1 
ATOM   652  S  SG  . CYS A 1 86  ? -5.166  -6.623  -9.463  1.00 11.30 ? 96   CYS A SG  1 
ATOM   653  N  N   . GLU A 1 87  ? -6.206  -6.876  -5.646  1.00 9.04  ? 97   GLU A N   1 
ATOM   654  C  CA  . GLU A 1 87  ? -7.166  -5.984  -5.002  1.00 10.29 ? 97   GLU A CA  1 
ATOM   655  C  C   . GLU A 1 87  ? -6.500  -5.180  -3.891  1.00 10.47 ? 97   GLU A C   1 
ATOM   656  O  O   . GLU A 1 87  ? -6.807  -4.002  -3.701  1.00 11.46 ? 97   GLU A O   1 
ATOM   657  C  CB  . GLU A 1 87  ? -8.344  -6.769  -4.422  1.00 12.48 ? 97   GLU A CB  1 
ATOM   658  C  CG  . GLU A 1 87  ? -9.214  -7.483  -5.448  1.00 16.94 ? 97   GLU A CG  1 
ATOM   659  C  CD  . GLU A 1 87  ? -9.918  -6.538  -6.410  1.00 19.42 ? 97   GLU A CD  1 
ATOM   660  O  OE1 . GLU A 1 87  ? -10.083 -5.341  -6.086  1.00 21.02 ? 97   GLU A OE1 1 
ATOM   661  O  OE2 . GLU A 1 87  ? -10.331 -7.003  -7.491  1.00 21.89 ? 97   GLU A OE2 1 
ATOM   662  N  N   . CYS A 1 88  ? -5.596  -5.817  -3.152  1.00 9.73  ? 98   CYS A N   1 
ATOM   663  C  CA  . CYS A 1 88  ? -4.888  -5.123  -2.079  1.00 10.44 ? 98   CYS A CA  1 
ATOM   664  C  C   . CYS A 1 88  ? -4.099  -3.946  -2.648  1.00 9.77  ? 98   CYS A C   1 
ATOM   665  O  O   . CYS A 1 88  ? -4.163  -2.831  -2.134  1.00 9.39  ? 98   CYS A O   1 
ATOM   666  C  CB  . CYS A 1 88  ? -3.907  -6.059  -1.373  1.00 10.57 ? 98   CYS A CB  1 
ATOM   667  S  SG  . CYS A 1 88  ? -4.615  -7.339  -0.283  1.00 11.13 ? 98   CYS A SG  1 
ATOM   668  N  N   . ASP A 1 89  ? -3.345  -4.212  -3.710  1.00 8.42  ? 99   ASP A N   1 
ATOM   669  C  CA  . ASP A 1 89  ? -2.518  -3.193  -4.360  1.00 8.67  ? 99   ASP A CA  1 
ATOM   670  C  C   . ASP A 1 89  ? -3.360  -2.100  -5.010  1.00 8.60  ? 99   ASP A C   1 
ATOM   671  O  O   . ASP A 1 89  ? -3.042  -0.914  -4.921  1.00 8.97  ? 99   ASP A O   1 
ATOM   672  C  CB  . ASP A 1 89  ? -1.624  -3.836  -5.421  1.00 7.46  ? 99   ASP A CB  1 
ATOM   673  C  CG  . ASP A 1 89  ? -0.544  -4.721  -4.821  1.00 9.67  ? 99   ASP A CG  1 
ATOM   674  O  OD1 . ASP A 1 89  ? -0.400  -4.746  -3.579  1.00 8.74  ? 99   ASP A OD1 1 
ATOM   675  O  OD2 . ASP A 1 89  ? 0.172   -5.378  -5.596  1.00 10.53 ? 99   ASP A OD2 1 
ATOM   676  N  N   . ARG A 1 90  ? -4.433  -2.512  -5.675  1.00 11.08 ? 100  ARG A N   1 
ATOM   677  C  CA  . ARG A 1 90  ? -5.331  -1.572  -6.325  1.00 11.18 ? 100  ARG A CA  1 
ATOM   678  C  C   . ARG A 1 90  ? -5.903  -0.591  -5.302  1.00 9.68  ? 100  ARG A C   1 
ATOM   679  O  O   . ARG A 1 90  ? -5.862  0.625   -5.501  1.00 10.21 ? 100  ARG A O   1 
ATOM   680  C  CB  . ARG A 1 90  ? -6.474  -2.326  -7.003  1.00 10.43 ? 100  ARG A CB  1 
ATOM   681  C  CG  . ARG A 1 90  ? -7.603  -1.413  -7.494  1.00 12.88 ? 100  ARG A CG  1 
ATOM   682  C  CD  . ARG A 1 90  ? -8.698  -2.218  -8.201  1.00 15.40 ? 100  ARG A CD  1 
ATOM   683  N  NE  . ARG A 1 90  ? -9.842  -1.388  -8.586  1.00 18.40 ? 100  ARG A NE  1 
ATOM   684  C  CZ  . ARG A 1 90  ? -10.726 -0.880  -7.729  1.00 19.81 ? 100  ARG A CZ  1 
ATOM   685  N  NH1 . ARG A 1 90  ? -10.607 -1.112  -6.430  1.00 20.27 ? 100  ARG A NH1 1 
ATOM   686  N  NH2 . ARG A 1 90  ? -11.735 -0.143  -8.172  1.00 21.73 ? 100  ARG A NH2 1 
ATOM   687  N  N   . ALA A 1 91  ? -6.445  -1.128  -4.213  1.00 9.74  ? 101  ALA A N   1 
ATOM   688  C  CA  . ALA A 1 91  ? -7.035  -0.296  -3.164  1.00 11.09 ? 101  ALA A CA  1 
ATOM   689  C  C   . ALA A 1 91  ? -6.038  0.715   -2.588  1.00 11.33 ? 101  ALA A C   1 
ATOM   690  O  O   . ALA A 1 91  ? -6.395  1.861   -2.316  1.00 10.86 ? 101  ALA A O   1 
ATOM   691  C  CB  . ALA A 1 91  ? -7.588  -1.179  -2.041  1.00 10.10 ? 101  ALA A CB  1 
ATOM   692  N  N   . ALA A 1 92  ? -4.797  0.280   -2.391  1.00 10.22 ? 102  ALA A N   1 
ATOM   693  C  CA  . ALA A 1 92  ? -3.756  1.149   -1.841  1.00 9.94  ? 102  ALA A CA  1 
ATOM   694  C  C   . ALA A 1 92  ? -3.377  2.266   -2.815  1.00 9.93  ? 102  ALA A C   1 
ATOM   695  O  O   . ALA A 1 92  ? -3.171  3.411   -2.410  1.00 9.97  ? 102  ALA A O   1 
ATOM   696  C  CB  . ALA A 1 92  ? -2.514  0.321   -1.482  1.00 9.11  ? 102  ALA A CB  1 
ATOM   697  N  N   . ALA A 1 93  ? -3.282  1.927   -4.097  1.00 9.38  ? 103  ALA A N   1 
ATOM   698  C  CA  . ALA A 1 93  ? -2.932  2.903   -5.126  1.00 8.50  ? 103  ALA A CA  1 
ATOM   699  C  C   . ALA A 1 93  ? -3.981  4.006   -5.164  1.00 9.51  ? 103  ALA A C   1 
ATOM   700  O  O   . ALA A 1 93  ? -3.655  5.195   -5.227  1.00 10.43 ? 103  ALA A O   1 
ATOM   701  C  CB  . ALA A 1 93  ? -2.847  2.219   -6.484  1.00 11.15 ? 103  ALA A CB  1 
ATOM   702  N  N   . ILE A 1 94  ? -5.245  3.601   -5.130  1.00 11.44 ? 104  ILE A N   1 
ATOM   703  C  CA  . ILE A 1 94  ? -6.351  4.550   -5.147  1.00 12.44 ? 104  ILE A CA  1 
ATOM   704  C  C   . ILE A 1 94  ? -6.328  5.400   -3.872  1.00 12.37 ? 104  ILE A C   1 
ATOM   705  O  O   . ILE A 1 94  ? -6.539  6.611   -3.920  1.00 10.99 ? 104  ILE A O   1 
ATOM   706  C  CB  . ILE A 1 94  ? -7.703  3.799   -5.266  1.00 14.64 ? 104  ILE A CB  1 
ATOM   707  C  CG1 . ILE A 1 94  ? -7.809  3.149   -6.645  1.00 15.89 ? 104  ILE A CG1 1 
ATOM   708  C  CG2 . ILE A 1 94  ? -8.867  4.755   -5.070  1.00 16.80 ? 104  ILE A CG2 1 
ATOM   709  C  CD1 . ILE A 1 94  ? -9.008  2.228   -6.794  1.00 16.87 ? 104  ILE A CD1 1 
ATOM   710  N  N   . CYS A 1 95  ? -6.061  4.759   -2.739  1.00 11.13 ? 105  CYS A N   1 
ATOM   711  C  CA  . CYS A 1 95  ? -5.997  5.457   -1.457  1.00 11.61 ? 105  CYS A CA  1 
ATOM   712  C  C   . CYS A 1 95  ? -4.910  6.538   -1.495  1.00 10.64 ? 105  CYS A C   1 
ATOM   713  O  O   . CYS A 1 95  ? -5.121  7.655   -1.013  1.00 11.78 ? 105  CYS A O   1 
ATOM   714  C  CB  . CYS A 1 95  ? -5.711  4.449   -0.339  1.00 11.24 ? 105  CYS A CB  1 
ATOM   715  S  SG  . CYS A 1 95  ? -5.943  5.004   1.388   1.00 12.25 ? 105  CYS A SG  1 
ATOM   716  N  N   . PHE A 1 96  ? -3.748  6.219   -2.066  1.00 11.50 ? 106  PHE A N   1 
ATOM   717  C  CA  . PHE A 1 96  ? -2.668  7.210   -2.158  1.00 11.45 ? 106  PHE A CA  1 
ATOM   718  C  C   . PHE A 1 96  ? -3.120  8.382   -3.018  1.00 13.87 ? 106  PHE A C   1 
ATOM   719  O  O   . PHE A 1 96  ? -2.896  9.544   -2.674  1.00 13.32 ? 106  PHE A O   1 
ATOM   720  C  CB  . PHE A 1 96  ? -1.397  6.621   -2.785  1.00 12.91 ? 106  PHE A CB  1 
ATOM   721  C  CG  . PHE A 1 96  ? -0.749  5.541   -1.965  1.00 14.02 ? 106  PHE A CG  1 
ATOM   722  C  CD1 . PHE A 1 96  ? -0.736  5.614   -0.573  1.00 15.24 ? 106  PHE A CD1 1 
ATOM   723  C  CD2 . PHE A 1 96  ? -0.136  4.456   -2.585  1.00 15.29 ? 106  PHE A CD2 1 
ATOM   724  C  CE1 . PHE A 1 96  ? -0.115  4.624   0.190   1.00 16.14 ? 106  PHE A CE1 1 
ATOM   725  C  CE2 . PHE A 1 96  ? 0.489   3.462   -1.834  1.00 16.02 ? 106  PHE A CE2 1 
ATOM   726  C  CZ  . PHE A 1 96  ? 0.497   3.543   -0.443  1.00 16.34 ? 106  PHE A CZ  1 
ATOM   727  N  N   . ARG A 1 97  ? -3.754  8.065   -4.145  1.00 14.28 ? 107  ARG A N   1 
ATOM   728  C  CA  . ARG A 1 97  ? -4.237  9.091   -5.066  1.00 15.70 ? 107  ARG A CA  1 
ATOM   729  C  C   . ARG A 1 97  ? -5.268  10.001  -4.399  1.00 15.18 ? 107  ARG A C   1 
ATOM   730  O  O   . ARG A 1 97  ? -5.198  11.226  -4.517  1.00 15.93 ? 107  ARG A O   1 
ATOM   731  C  CB  . ARG A 1 97  ? -4.880  8.443   -6.296  1.00 18.22 ? 107  ARG A CB  1 
ATOM   732  C  CG  . ARG A 1 97  ? -5.424  9.450   -7.306  1.00 21.60 ? 107  ARG A CG  1 
ATOM   733  C  CD  . ARG A 1 97  ? -6.486  8.840   -8.215  1.00 24.08 ? 107  ARG A CD  1 
ATOM   734  N  NE  . ARG A 1 97  ? -7.688  8.449   -7.476  1.00 26.95 ? 107  ARG A NE  1 
ATOM   735  C  CZ  . ARG A 1 97  ? -8.686  7.731   -7.989  1.00 28.13 ? 107  ARG A CZ  1 
ATOM   736  N  NH1 . ARG A 1 97  ? -8.631  7.321   -9.249  1.00 29.27 ? 107  ARG A NH1 1 
ATOM   737  N  NH2 . ARG A 1 97  ? -9.736  7.412   -7.240  1.00 28.29 ? 107  ARG A NH2 1 
ATOM   738  N  N   . ASP A 1 98  ? -6.223  9.394   -3.698  1.00 14.64 ? 108  ASP A N   1 
ATOM   739  C  CA  . ASP A 1 98  ? -7.286  10.152  -3.043  1.00 16.88 ? 108  ASP A CA  1 
ATOM   740  C  C   . ASP A 1 98  ? -6.833  10.987  -1.848  1.00 16.51 ? 108  ASP A C   1 
ATOM   741  O  O   . ASP A 1 98  ? -7.561  11.876  -1.407  1.00 17.65 ? 108  ASP A O   1 
ATOM   742  C  CB  . ASP A 1 98  ? -8.420  9.216   -2.600  1.00 19.09 ? 108  ASP A CB  1 
ATOM   743  C  CG  . ASP A 1 98  ? -9.231  8.670   -3.776  1.00 22.45 ? 108  ASP A CG  1 
ATOM   744  O  OD1 . ASP A 1 98  ? -8.953  9.052   -4.935  1.00 23.47 ? 108  ASP A OD1 1 
ATOM   745  O  OD2 . ASP A 1 98  ? -10.149 7.858   -3.535  1.00 23.57 ? 108  ASP A OD2 1 
ATOM   746  N  N   . ASN A 1 99  ? -5.640  10.722  -1.323  1.00 15.73 ? 109  ASN A N   1 
ATOM   747  C  CA  . ASN A 1 99  ? -5.169  11.479  -0.168  1.00 15.99 ? 109  ASN A CA  1 
ATOM   748  C  C   . ASN A 1 99  ? -3.934  12.330  -0.427  1.00 15.84 ? 109  ASN A C   1 
ATOM   749  O  O   . ASN A 1 99  ? -3.230  12.722  0.503   1.00 15.91 ? 109  ASN A O   1 
ATOM   750  C  CB  . ASN A 1 99  ? -4.921  10.531  1.005   1.00 14.66 ? 109  ASN A CB  1 
ATOM   751  C  CG  . ASN A 1 99  ? -6.211  9.975   1.580   1.00 13.59 ? 109  ASN A CG  1 
ATOM   752  O  OD1 . ASN A 1 99  ? -6.966  10.685  2.243   1.00 14.86 ? 109  ASN A OD1 1 
ATOM   753  N  ND2 . ASN A 1 99  ? -6.473  8.700   1.322   1.00 14.72 ? 109  ASN A ND2 1 
ATOM   754  N  N   . LEU A 1 100 ? -3.674  12.617  -1.695  1.00 15.48 ? 110  LEU A N   1 
ATOM   755  C  CA  . LEU A 1 100 ? -2.532  13.441  -2.050  1.00 18.11 ? 110  LEU A CA  1 
ATOM   756  C  C   . LEU A 1 100 ? -2.702  14.831  -1.449  1.00 17.72 ? 110  LEU A C   1 
ATOM   757  O  O   . LEU A 1 100 ? -1.721  15.538  -1.215  1.00 17.58 ? 110  LEU A O   1 
ATOM   758  C  CB  . LEU A 1 100 ? -2.414  13.536  -3.570  1.00 25.38 ? 110  LEU A CB  1 
ATOM   759  C  CG  . LEU A 1 100 ? -1.695  12.343  -4.205  1.00 30.53 ? 110  LEU A CG  1 
ATOM   760  C  CD1 . LEU A 1 100 ? -2.022  12.251  -5.683  1.00 33.97 ? 110  LEU A CD1 1 
ATOM   761  C  CD2 . LEU A 1 100 ? -0.199  12.493  -3.990  1.00 32.12 ? 110  LEU A CD2 1 
ATOM   762  N  N   . ASN A 1 101 ? -3.951  15.207  -1.195  1.00 21.65 ? 111  ASN A N   1 
ATOM   763  C  CA  . ASN A 1 101 ? -4.264  16.514  -0.626  1.00 23.43 ? 111  ASN A CA  1 
ATOM   764  C  C   . ASN A 1 101 ? -3.582  16.776  0.715   1.00 22.32 ? 111  ASN A C   1 
ATOM   765  O  O   . ASN A 1 101 ? -3.276  17.923  1.041   1.00 22.36 ? 111  ASN A O   1 
ATOM   766  C  CB  . ASN A 1 101 ? -5.793  16.639  -0.427  1.00 39.19 ? 111  ASN A CB  1 
ATOM   767  C  CG  . ASN A 1 101 ? -6.392  15.513  0.413   1.00 40.82 ? 111  ASN A CG  1 
ATOM   768  O  OD1 . ASN A 1 101 ? -6.101  14.345  0.170   1.00 41.70 ? 111  ASN A OD1 1 
ATOM   769  N  ND2 . ASN A 1 101 ? -7.223  15.794  1.397   1.00 41.69 ? 111  ASN A ND2 1 
ATOM   770  N  N   . THR A 1 102 ? -3.333  15.723  1.490   1.00 17.59 ? 112  THR A N   1 
ATOM   771  C  CA  . THR A 1 102 ? -2.701  15.887  2.797   1.00 16.71 ? 112  THR A CA  1 
ATOM   772  C  C   . THR A 1 102 ? -1.302  15.290  2.906   1.00 16.42 ? 112  THR A C   1 
ATOM   773  O  O   . THR A 1 102 ? -0.701  15.308  3.983   1.00 16.83 ? 112  THR A O   1 
ATOM   774  C  CB  . THR A 1 102 ? -3.563  15.275  3.916   1.00 17.32 ? 112  THR A CB  1 
ATOM   775  O  OG1 . THR A 1 102 ? -3.785  13.886  3.641   1.00 15.68 ? 112  THR A OG1 1 
ATOM   776  C  CG2 . THR A 1 102 ? -4.898  15.997  4.019   1.00 17.90 ? 112  THR A CG2 1 
ATOM   777  N  N   . TYR A 1 103 ? -0.785  14.761  1.801   1.00 18.25 ? 113  TYR A N   1 
ATOM   778  C  CA  . TYR A 1 103 ? 0.551   14.178  1.804   1.00 19.21 ? 113  TYR A CA  1 
ATOM   779  C  C   . TYR A 1 103 ? 1.543   15.217  2.317   1.00 19.60 ? 113  TYR A C   1 
ATOM   780  O  O   . TYR A 1 103 ? 1.576   16.345  1.828   1.00 22.25 ? 113  TYR A O   1 
ATOM   781  C  CB  . TYR A 1 103 ? 0.936   13.723  0.391   1.00 17.95 ? 113  TYR A CB  1 
ATOM   782  C  CG  . TYR A 1 103 ? 2.309   13.094  0.306   1.00 17.00 ? 113  TYR A CG  1 
ATOM   783  C  CD1 . TYR A 1 103 ? 3.452   13.881  0.147   1.00 15.88 ? 113  TYR A CD1 1 
ATOM   784  C  CD2 . TYR A 1 103 ? 2.469   11.712  0.411   1.00 18.03 ? 113  TYR A CD2 1 
ATOM   785  C  CE1 . TYR A 1 103 ? 4.722   13.306  0.096   1.00 17.87 ? 113  TYR A CE1 1 
ATOM   786  C  CE2 . TYR A 1 103 ? 3.731   11.126  0.365   1.00 17.01 ? 113  TYR A CE2 1 
ATOM   787  C  CZ  . TYR A 1 103 ? 4.852   11.928  0.208   1.00 16.01 ? 113  TYR A CZ  1 
ATOM   788  O  OH  . TYR A 1 103 ? 6.098   11.345  0.174   1.00 15.88 ? 113  TYR A OH  1 
ATOM   789  N  N   . ASN A 1 104 ? 2.350   14.840  3.302   1.00 16.84 ? 114  ASN A N   1 
ATOM   790  C  CA  . ASN A 1 104 ? 3.321   15.772  3.875   1.00 16.56 ? 114  ASN A CA  1 
ATOM   791  C  C   . ASN A 1 104 ? 4.643   15.082  4.187   1.00 15.78 ? 114  ASN A C   1 
ATOM   792  O  O   . ASN A 1 104 ? 4.877   14.649  5.316   1.00 13.56 ? 114  ASN A O   1 
ATOM   793  C  CB  . ASN A 1 104 ? 2.753   16.385  5.161   1.00 22.18 ? 114  ASN A CB  1 
ATOM   794  C  CG  . ASN A 1 104 ? 3.540   17.594  5.630   1.00 25.56 ? 114  ASN A CG  1 
ATOM   795  O  OD1 . ASN A 1 104 ? 4.717   17.736  5.322   1.00 26.06 ? 114  ASN A OD1 1 
ATOM   796  N  ND2 . ASN A 1 104 ? 2.889   18.465  6.393   1.00 27.79 ? 114  ASN A ND2 1 
ATOM   797  N  N   . ASP A 1 105 ? 5.515   14.989  3.189   1.00 17.29 ? 115  ASP A N   1 
ATOM   798  C  CA  . ASP A 1 105 ? 6.806   14.337  3.380   1.00 19.05 ? 115  ASP A CA  1 
ATOM   799  C  C   . ASP A 1 105 ? 7.730   15.085  4.342   1.00 18.67 ? 115  ASP A C   1 
ATOM   800  O  O   . ASP A 1 105 ? 8.536   14.472  5.041   1.00 15.91 ? 115  ASP A O   1 
ATOM   801  C  CB  . ASP A 1 105 ? 7.506   14.154  2.033   1.00 25.27 ? 115  ASP A CB  1 
ATOM   802  C  CG  . ASP A 1 105 ? 7.775   15.469  1.339   1.00 29.05 ? 115  ASP A CG  1 
ATOM   803  O  OD1 . ASP A 1 105 ? 6.804   16.194  1.042   1.00 30.47 ? 115  ASP A OD1 1 
ATOM   804  O  OD2 . ASP A 1 105 ? 8.961   15.775  1.095   1.00 31.70 ? 115  ASP A OD2 1 
ATOM   805  N  N   . LYS A 1 106 ? 7.616   16.407  4.386   1.00 20.82 ? 116  LYS A N   1 
ATOM   806  C  CA  . LYS A 1 106 ? 8.466   17.184  5.281   1.00 25.04 ? 116  LYS A CA  1 
ATOM   807  C  C   . LYS A 1 106 ? 8.255   16.804  6.744   1.00 21.90 ? 116  LYS A C   1 
ATOM   808  O  O   . LYS A 1 106 ? 9.193   16.830  7.539   1.00 21.42 ? 116  LYS A O   1 
ATOM   809  C  CB  . LYS A 1 106 ? 8.225   18.684  5.078   1.00 36.17 ? 116  LYS A CB  1 
ATOM   810  C  CG  . LYS A 1 106 ? 8.923   19.239  3.844   1.00 46.62 ? 116  LYS A CG  1 
ATOM   811  C  CD  . LYS A 1 106 ? 10.440  19.130  3.987   1.00 53.04 ? 116  LYS A CD  1 
ATOM   812  C  CE  . LYS A 1 106 ? 11.150  19.265  2.647   1.00 56.25 ? 116  LYS A CE  1 
ATOM   813  N  NZ  . LYS A 1 106 ? 10.796  20.525  1.937   1.00 57.83 ? 116  LYS A NZ  1 
ATOM   814  N  N   . LYS A 1 107 ? 7.035   16.430  7.105   1.00 18.95 ? 117  LYS A N   1 
ATOM   815  C  CA  . LYS A 1 107 ? 6.776   16.051  8.487   1.00 19.74 ? 117  LYS A CA  1 
ATOM   816  C  C   . LYS A 1 107 ? 6.894   14.551  8.730   1.00 16.32 ? 117  LYS A C   1 
ATOM   817  O  O   . LYS A 1 107 ? 7.365   14.127  9.788   1.00 16.31 ? 117  LYS A O   1 
ATOM   818  C  CB  . LYS A 1 107 ? 5.379   16.511  8.921   1.00 27.69 ? 117  LYS A CB  1 
ATOM   819  C  CG  . LYS A 1 107 ? 5.087   16.292  10.408  1.00 35.21 ? 117  LYS A CG  1 
ATOM   820  C  CD  . LYS A 1 107 ? 3.668   16.723  10.772  1.00 39.80 ? 117  LYS A CD  1 
ATOM   821  C  CE  . LYS A 1 107 ? 3.516   16.950  12.275  1.00 42.81 ? 117  LYS A CE  1 
ATOM   822  N  NZ  . LYS A 1 107 ? 3.828   15.744  13.092  1.00 44.19 ? 117  LYS A NZ  1 
ATOM   823  N  N   . TYR A 1 108 ? 6.505   13.748  7.745   1.00 15.10 ? 118  TYR A N   1 
ATOM   824  C  CA  . TYR A 1 108 ? 6.506   12.303  7.932   1.00 14.24 ? 118  TYR A CA  1 
ATOM   825  C  C   . TYR A 1 108 ? 7.595   11.419  7.321   1.00 15.18 ? 118  TYR A C   1 
ATOM   826  O  O   . TYR A 1 108 ? 7.639   10.224  7.610   1.00 13.54 ? 118  TYR A O   1 
ATOM   827  C  CB  . TYR A 1 108 ? 5.131   11.767  7.536   1.00 13.84 ? 118  TYR A CB  1 
ATOM   828  C  CG  . TYR A 1 108 ? 4.016   12.364  8.365   1.00 13.27 ? 118  TYR A CG  1 
ATOM   829  C  CD1 . TYR A 1 108 ? 3.936   12.115  9.736   1.00 16.01 ? 118  TYR A CD1 1 
ATOM   830  C  CD2 . TYR A 1 108 ? 3.067   13.208  7.791   1.00 13.03 ? 118  TYR A CD2 1 
ATOM   831  C  CE1 . TYR A 1 108 ? 2.936   12.695  10.517  1.00 17.12 ? 118  TYR A CE1 1 
ATOM   832  C  CE2 . TYR A 1 108 ? 2.063   13.793  8.558   1.00 16.10 ? 118  TYR A CE2 1 
ATOM   833  C  CZ  . TYR A 1 108 ? 2.005   13.532  9.920   1.00 17.34 ? 118  TYR A CZ  1 
ATOM   834  O  OH  . TYR A 1 108 ? 1.024   14.113  10.679  1.00 16.15 ? 118  TYR A OH  1 
ATOM   835  N  N   . TRP A 1 109 ? 8.480   11.960  6.494   1.00 18.59 ? 119  TRP A N   1 
ATOM   836  C  CA  . TRP A 1 109 ? 9.516   11.094  5.936   1.00 18.42 ? 119  TRP A CA  1 
ATOM   837  C  C   . TRP A 1 109 ? 10.552  10.728  7.003   1.00 19.12 ? 119  TRP A C   1 
ATOM   838  O  O   . TRP A 1 109 ? 11.023  11.594  7.744   1.00 20.20 ? 119  TRP A O   1 
ATOM   839  C  CB  . TRP A 1 109 ? 10.203  11.750  4.734   1.00 18.88 ? 119  TRP A CB  1 
ATOM   840  C  CG  . TRP A 1 109 ? 11.094  10.775  4.024   1.00 18.74 ? 119  TRP A CG  1 
ATOM   841  C  CD1 . TRP A 1 109 ? 12.393  10.481  4.326   1.00 18.69 ? 119  TRP A CD1 1 
ATOM   842  C  CD2 . TRP A 1 109 ? 10.706  9.867   2.986   1.00 17.99 ? 119  TRP A CD2 1 
ATOM   843  N  NE1 . TRP A 1 109 ? 12.836  9.441   3.547   1.00 18.22 ? 119  TRP A NE1 1 
ATOM   844  C  CE2 . TRP A 1 109 ? 11.821  9.043   2.716   1.00 18.90 ? 119  TRP A CE2 1 
ATOM   845  C  CE3 . TRP A 1 109 ? 9.522   9.664   2.264   1.00 18.49 ? 119  TRP A CE3 1 
ATOM   846  C  CZ2 . TRP A 1 109 ? 11.789  8.030   1.749   1.00 17.88 ? 119  TRP A CZ2 1 
ATOM   847  C  CZ3 . TRP A 1 109 ? 9.487   8.655   1.302   1.00 16.88 ? 119  TRP A CZ3 1 
ATOM   848  C  CH2 . TRP A 1 109 ? 10.616  7.850   1.057   1.00 18.48 ? 119  TRP A CH2 1 
ATOM   849  N  N   . ALA A 1 110 ? 10.897  9.444   7.087   1.00 15.56 ? 120  ALA A N   1 
ATOM   850  C  CA  . ALA A 1 110 ? 11.867  8.977   8.080   1.00 16.86 ? 120  ALA A CA  1 
ATOM   851  C  C   . ALA A 1 110 ? 11.415  9.479   9.454   1.00 18.05 ? 120  ALA A C   1 
ATOM   852  O  O   . ALA A 1 110 ? 12.167  10.153  10.165  1.00 16.81 ? 120  ALA A O   1 
ATOM   853  C  CB  . ALA A 1 110 ? 13.260  9.523   7.745   1.00 18.25 ? 120  ALA A CB  1 
ATOM   854  N  N   . PHE A 1 111 ? 10.183  9.127   9.812   1.00 19.42 ? 121  PHE A N   1 
ATOM   855  C  CA  . PHE A 1 111 ? 9.552   9.549   11.058  1.00 20.65 ? 121  PHE A CA  1 
ATOM   856  C  C   . PHE A 1 111 ? 10.246  9.122   12.353  1.00 22.68 ? 121  PHE A C   1 
ATOM   857  O  O   . PHE A 1 111 ? 10.194  9.841   13.354  1.00 22.49 ? 121  PHE A O   1 
ATOM   858  C  CB  . PHE A 1 111 ? 8.096   9.066   11.059  1.00 19.17 ? 121  PHE A CB  1 
ATOM   859  C  CG  . PHE A 1 111 ? 7.183   9.879   11.936  1.00 19.28 ? 121  PHE A CG  1 
ATOM   860  C  CD1 . PHE A 1 111 ? 7.181   11.268  11.859  1.00 17.12 ? 121  PHE A CD1 1 
ATOM   861  C  CD2 . PHE A 1 111 ? 6.307   9.256   12.818  1.00 18.67 ? 121  PHE A CD2 1 
ATOM   862  C  CE1 . PHE A 1 111 ? 6.318   12.022  12.646  1.00 18.72 ? 121  PHE A CE1 1 
ATOM   863  C  CE2 . PHE A 1 111 ? 5.438   10.000  13.609  1.00 18.29 ? 121  PHE A CE2 1 
ATOM   864  C  CZ  . PHE A 1 111 ? 5.443   11.389  13.524  1.00 18.00 ? 121  PHE A CZ  1 
ATOM   865  N  N   . GLY A 1 112 ? 10.887  7.956   12.334  1.00 25.09 ? 122  GLY A N   1 
ATOM   866  C  CA  . GLY A 1 112 ? 11.576  7.465   13.514  1.00 28.77 ? 122  GLY A CA  1 
ATOM   867  C  C   . GLY A 1 112 ? 10.757  6.456   14.299  1.00 30.21 ? 122  GLY A C   1 
ATOM   868  O  O   . GLY A 1 112 ? 9.538   6.583   14.397  1.00 30.70 ? 122  GLY A O   1 
ATOM   869  N  N   . ALA A 1 113 ? 11.432  5.463   14.873  1.00 30.35 ? 123  ALA A N   1 
ATOM   870  C  CA  . ALA A 1 113 ? 10.769  4.413   15.644  1.00 30.99 ? 123  ALA A CA  1 
ATOM   871  C  C   . ALA A 1 113 ? 10.195  4.920   16.960  1.00 31.62 ? 123  ALA A C   1 
ATOM   872  O  O   . ALA A 1 113 ? 9.125   4.483   17.382  1.00 31.43 ? 123  ALA A O   1 
ATOM   873  C  CB  . ALA A 1 113 ? 11.742  3.274   15.911  1.00 35.97 ? 123  ALA A CB  1 
ATOM   874  N  N   . LYS A 1 114 ? 10.907  5.833   17.612  1.00 29.48 ? 124  LYS A N   1 
ATOM   875  C  CA  . LYS A 1 114 ? 10.422  6.367   18.872  1.00 28.93 ? 124  LYS A CA  1 
ATOM   876  C  C   . LYS A 1 114 ? 9.024   6.933   18.711  1.00 28.95 ? 124  LYS A C   1 
ATOM   877  O  O   . LYS A 1 114 ? 8.193   6.844   19.618  1.00 29.08 ? 124  LYS A O   1 
ATOM   878  N  N   . ASN A 1 115 ? 8.765   7.518   17.544  1.00 26.53 ? 125  ASN A N   1 
ATOM   879  C  CA  . ASN A 1 115 ? 7.464   8.105   17.246  1.00 25.10 ? 125  ASN A CA  1 
ATOM   880  C  C   . ASN A 1 115 ? 6.433   7.049   16.889  1.00 22.64 ? 125  ASN A C   1 
ATOM   881  O  O   . ASN A 1 115 ? 5.243   7.350   16.760  1.00 22.44 ? 125  ASN A O   1 
ATOM   882  C  CB  . ASN A 1 115 ? 7.569   9.112   16.097  1.00 29.46 ? 125  ASN A CB  1 
ATOM   883  C  CG  . ASN A 1 115 ? 8.005   10.485  16.564  1.00 33.03 ? 125  ASN A CG  1 
ATOM   884  O  OD1 . ASN A 1 115 ? 7.564   10.963  17.611  1.00 33.43 ? 125  ASN A OD1 1 
ATOM   885  N  ND2 . ASN A 1 115 ? 8.862   11.136  15.784  1.00 32.91 ? 125  ASN A ND2 1 
ATOM   886  N  N   . CYS A 1 116 ? 6.891   5.812   16.730  1.00 18.38 ? 126  CYS A N   1 
ATOM   887  C  CA  . CYS A 1 116 ? 5.998   4.707   16.403  1.00 16.85 ? 126  CYS A CA  1 
ATOM   888  C  C   . CYS A 1 116 ? 6.182   3.588   17.431  1.00 17.53 ? 126  CYS A C   1 
ATOM   889  O  O   . CYS A 1 116 ? 6.600   2.481   17.096  1.00 16.98 ? 126  CYS A O   1 
ATOM   890  C  CB  . CYS A 1 116 ? 6.298   4.189   14.993  1.00 15.75 ? 126  CYS A CB  1 
ATOM   891  S  SG  . CYS A 1 116 ? 6.249   5.471   13.694  1.00 14.90 ? 126  CYS A SG  1 
ATOM   892  N  N   . PRO A 1 117 ? 5.855   3.871   18.704  1.00 21.82 ? 127  PRO A N   1 
ATOM   893  C  CA  . PRO A 1 117 ? 5.981   2.905   19.803  1.00 23.42 ? 127  PRO A CA  1 
ATOM   894  C  C   . PRO A 1 117 ? 5.223   1.615   19.546  1.00 24.42 ? 127  PRO A C   1 
ATOM   895  O  O   . PRO A 1 117 ? 4.089   1.637   19.067  1.00 20.88 ? 127  PRO A O   1 
ATOM   896  C  CB  . PRO A 1 117 ? 5.406   3.659   21.003  1.00 22.28 ? 127  PRO A CB  1 
ATOM   897  C  CG  . PRO A 1 117 ? 5.646   5.096   20.659  1.00 25.10 ? 127  PRO A CG  1 
ATOM   898  C  CD  . PRO A 1 117 ? 5.288   5.138   19.193  1.00 22.04 ? 127  PRO A CD  1 
ATOM   899  N  N   . GLN A 1 118 ? 5.845   0.492   19.879  1.00 23.21 ? 128  GLN A N   1 
ATOM   900  C  CA  . GLN A 1 118 ? 5.207   -0.799  19.684  1.00 27.60 ? 128  GLN A CA  1 
ATOM   901  C  C   . GLN A 1 118 ? 3.923   -0.914  20.503  1.00 24.67 ? 128  GLN A C   1 
ATOM   902  O  O   . GLN A 1 118 ? 2.986   -1.609  20.106  1.00 21.61 ? 128  GLN A O   1 
ATOM   903  C  CB  . GLN A 1 118 ? 6.167   -1.937  20.060  1.00 45.75 ? 128  GLN A CB  1 
ATOM   904  C  CG  . GLN A 1 118 ? 6.858   -2.620  18.884  1.00 60.03 ? 128  GLN A CG  1 
ATOM   905  C  CD  . GLN A 1 118 ? 6.033   -3.737  18.273  1.00 66.37 ? 128  GLN A CD  1 
ATOM   906  O  OE1 . GLN A 1 118 ? 6.211   -4.096  17.113  1.00 68.71 ? 128  GLN A OE1 1 
ATOM   907  N  NE2 . GLN A 1 118 ? 5.122   -4.289  19.061  1.00 69.21 ? 128  GLN A NE2 1 
ATOM   908  N  N   . GLU A 1 119 ? 3.874   -0.216  21.635  1.00 25.29 ? 129  GLU A N   1 
ATOM   909  C  CA  . GLU A 1 119 ? 2.703   -0.259  22.505  1.00 27.20 ? 129  GLU A CA  1 
ATOM   910  C  C   . GLU A 1 119 ? 1.499   0.483   21.918  1.00 23.61 ? 129  GLU A C   1 
ATOM   911  O  O   . GLU A 1 119 ? 0.371   0.317   22.387  1.00 22.33 ? 129  GLU A O   1 
ATOM   912  C  CB  . GLU A 1 119 ? 3.041   0.314   23.886  1.00 35.33 ? 129  GLU A CB  1 
ATOM   913  C  CG  . GLU A 1 119 ? 4.423   -0.072  24.400  1.00 44.68 ? 129  GLU A CG  1 
ATOM   914  C  CD  . GLU A 1 119 ? 5.490   0.943   24.019  1.00 48.70 ? 129  GLU A CD  1 
ATOM   915  O  OE1 . GLU A 1 119 ? 5.651   1.950   24.739  1.00 51.47 ? 129  GLU A OE1 1 
ATOM   916  O  OE2 . GLU A 1 119 ? 6.159   0.741   22.987  1.00 50.94 ? 129  GLU A OE2 1 
ATOM   917  N  N   . GLU A 1 120 ? 1.732   1.298   20.894  1.00 19.64 ? 130  GLU A N   1 
ATOM   918  C  CA  . GLU A 1 120 ? 0.637   2.027   20.262  1.00 17.87 ? 130  GLU A CA  1 
ATOM   919  C  C   . GLU A 1 120 ? 0.271   1.400   18.920  1.00 17.52 ? 130  GLU A C   1 
ATOM   920  O  O   . GLU A 1 120 ? -0.481  1.982   18.134  1.00 14.81 ? 130  GLU A O   1 
ATOM   921  C  CB  . GLU A 1 120 ? 1.015   3.498   20.071  1.00 20.54 ? 130  GLU A CB  1 
ATOM   922  C  CG  . GLU A 1 120 ? 1.188   4.242   21.387  1.00 22.95 ? 130  GLU A CG  1 
ATOM   923  C  CD  . GLU A 1 120 ? 1.468   5.718   21.199  1.00 24.58 ? 130  GLU A CD  1 
ATOM   924  O  OE1 . GLU A 1 120 ? 1.489   6.185   20.039  1.00 23.52 ? 130  GLU A OE1 1 
ATOM   925  O  OE2 . GLU A 1 120 ? 1.666   6.411   22.220  1.00 25.90 ? 130  GLU A OE2 1 
ATOM   926  N  N   . SER A 1 121 ? 0.790   0.202   18.671  1.00 19.27 ? 131  SER A N   1 
ATOM   927  C  CA  . SER A 1 121 ? 0.518   -0.490  17.418  1.00 19.32 ? 131  SER A CA  1 
ATOM   928  C  C   . SER A 1 121 ? -0.943  -0.885  17.279  1.00 20.11 ? 131  SER A C   1 
ATOM   929  O  O   . SER A 1 121 ? -1.443  -1.749  18.005  1.00 20.28 ? 131  SER A O   1 
ATOM   930  C  CB  . SER A 1 121 ? 1.401   -1.733  17.292  1.00 19.26 ? 131  SER A CB  1 
ATOM   931  O  OG  . SER A 1 121 ? 2.767   -1.376  17.173  1.00 18.70 ? 131  SER A OG  1 
ATOM   932  N  N   . GLU A 1 122 ? -1.622  -0.246  16.334  1.00 16.31 ? 132  GLU A N   1 
ATOM   933  C  CA  . GLU A 1 122 ? -3.027  -0.524  16.075  1.00 15.16 ? 132  GLU A CA  1 
ATOM   934  C  C   . GLU A 1 122 ? -3.171  -1.903  15.439  1.00 16.24 ? 132  GLU A C   1 
ATOM   935  O  O   . GLU A 1 122 ? -2.451  -2.248  14.501  1.00 14.55 ? 132  GLU A O   1 
ATOM   936  C  CB  . GLU A 1 122 ? -3.605  0.533   15.138  1.00 17.43 ? 132  GLU A CB  1 
ATOM   937  C  CG  . GLU A 1 122 ? -5.113  0.456   14.976  1.00 18.42 ? 132  GLU A CG  1 
ATOM   938  C  CD  . GLU A 1 122 ? -5.660  1.542   14.074  1.00 19.75 ? 132  GLU A CD  1 
ATOM   939  O  OE1 . GLU A 1 122 ? -5.233  2.709   14.217  1.00 18.93 ? 132  GLU A OE1 1 
ATOM   940  O  OE2 . GLU A 1 122 ? -6.526  1.232   13.231  1.00 20.22 ? 132  GLU A OE2 1 
ATOM   941  N  N   . PRO A 1 123 ? -4.096  -2.719  15.956  1.00 18.92 ? 133  PRO A N   1 
ATOM   942  C  CA  . PRO A 1 123 ? -4.295  -4.055  15.396  1.00 20.45 ? 133  PRO A CA  1 
ATOM   943  C  C   . PRO A 1 123 ? -5.139  -3.993  14.127  1.00 21.35 ? 133  PRO A C   1 
ATOM   944  O  O   . PRO A 1 123 ? -5.992  -3.121  13.980  1.00 19.46 ? 133  PRO A O   1 
ATOM   945  C  CB  . PRO A 1 123 ? -5.006  -4.790  16.525  1.00 25.20 ? 133  PRO A CB  1 
ATOM   946  C  CG  . PRO A 1 123 ? -5.844  -3.702  17.137  1.00 25.86 ? 133  PRO A CG  1 
ATOM   947  C  CD  . PRO A 1 123 ? -4.860  -2.552  17.204  1.00 23.00 ? 133  PRO A CD  1 
ATOM   948  N  N   . CYS A 1 124 ? -4.883  -4.906  13.199  1.00 25.18 ? 134  CYS A N   1 
ATOM   949  C  CA  . CYS A 1 124 ? -5.652  -4.945  11.966  1.00 28.43 ? 134  CYS A CA  1 
ATOM   950  C  C   . CYS A 1 124 ? -7.086  -5.340  12.319  1.00 31.71 ? 134  CYS A C   1 
ATOM   951  O  O   . CYS A 1 124 ? -8.026  -4.901  11.624  1.00 34.20 ? 134  CYS A O   1 
ATOM   952  C  CB  . CYS A 1 124 ? -5.046  -5.958  10.993  1.00 23.79 ? 134  CYS A CB  1 
ATOM   953  S  SG  . CYS A 1 124 ? -3.391  -5.539  10.351  1.00 18.84 ? 134  CYS A SG  1 
ATOM   954  O  OXT . CYS A 1 124 ? -7.245  -6.097  13.299  1.00 33.14 ? 134  CYS A OXT 1 
HETATM 955  CD CD  . CD  B 2 .   ? 4.463   -1.198  5.993   0.50 31.51 ? 1001 CD  A CD  1 
HETATM 956  C  C1  . BU1 C 3 .   ? 5.946   0.611   -3.339  1.00 45.00 ? 1002 BU1 A C1  1 
HETATM 957  C  C2  . BU1 C 3 .   ? 6.234   1.070   -1.896  1.00 44.80 ? 1002 BU1 A C2  1 
HETATM 958  C  C3  . BU1 C 3 .   ? 4.909   1.175   -1.121  1.00 45.06 ? 1002 BU1 A C3  1 
HETATM 959  C  C4  . BU1 C 3 .   ? 5.170   1.564   0.343   1.00 44.76 ? 1002 BU1 A C4  1 
HETATM 960  O  O5  . BU1 C 3 .   ? 7.162   0.636   -4.085  1.00 45.89 ? 1002 BU1 A O5  1 
HETATM 961  O  O6  . BU1 C 3 .   ? 3.959   1.421   1.081   1.00 45.33 ? 1002 BU1 A O6  1 
HETATM 962  C  C1  . BU1 D 3 .   ? 14.980  6.508   -2.822  1.00 40.54 ? 1003 BU1 A C1  1 
HETATM 963  C  C2  . BU1 D 3 .   ? 14.287  6.314   -1.463  1.00 39.60 ? 1003 BU1 A C2  1 
HETATM 964  C  C3  . BU1 D 3 .   ? 13.978  4.821   -1.239  1.00 37.68 ? 1003 BU1 A C3  1 
HETATM 965  C  C4  . BU1 D 3 .   ? 13.937  4.508   0.267   1.00 35.88 ? 1003 BU1 A C4  1 
HETATM 966  O  O5  . BU1 D 3 .   ? 15.274  7.896   -2.998  1.00 42.93 ? 1003 BU1 A O5  1 
HETATM 967  O  O6  . BU1 D 3 .   ? 13.459  3.179   0.437   1.00 35.89 ? 1003 BU1 A O6  1 
HETATM 968  O  O   . HOH E 4 .   ? 7.097   -4.668  11.404  1.00 24.51 ? 1004 HOH A O   1 
HETATM 969  O  O   . HOH E 4 .   ? -5.426  -8.045  14.962  1.00 32.80 ? 1005 HOH A O   1 
HETATM 970  O  O   . HOH E 4 .   ? 2.473   5.991   17.146  1.00 16.92 ? 1006 HOH A O   1 
HETATM 971  O  O   . HOH E 4 .   ? -4.196  6.561   13.941  1.00 13.60 ? 1007 HOH A O   1 
HETATM 972  O  O   . HOH E 4 .   ? -4.515  4.563   16.116  1.00 17.59 ? 1008 HOH A O   1 
HETATM 973  O  O   . HOH E 4 .   ? -1.790  12.019  4.027   1.00 13.46 ? 1009 HOH A O   1 
HETATM 974  O  O   . HOH E 4 .   ? -4.249  13.030  6.865   1.00 24.35 ? 1010 HOH A O   1 
HETATM 975  O  O   . HOH E 4 .   ? -0.587  14.633  6.570   1.00 19.38 ? 1011 HOH A O   1 
HETATM 976  O  O   . HOH E 4 .   ? -0.875  15.748  9.291   1.00 34.62 ? 1012 HOH A O   1 
HETATM 977  O  O   . HOH E 4 .   ? -4.807  -2.245  0.582   1.00 12.77 ? 1013 HOH A O   1 
HETATM 978  O  O   . HOH E 4 .   ? -4.727  0.656   1.390   1.00 14.71 ? 1014 HOH A O   1 
HETATM 979  O  O   . HOH E 4 .   ? -7.388  1.680   1.428   1.00 28.17 ? 1015 HOH A O   1 
HETATM 980  O  O   . HOH E 4 .   ? -7.518  -3.106  1.204   1.00 24.75 ? 1016 HOH A O   1 
HETATM 981  O  O   . HOH E 4 .   ? -9.433  -0.758  1.399   1.00 40.74 ? 1017 HOH A O   1 
HETATM 982  O  O   . HOH E 4 .   ? 2.531   -3.840  9.372   1.00 24.06 ? 1018 HOH A O   1 
HETATM 983  O  O   . HOH E 4 .   ? -7.689  -8.204  -0.932  1.00 34.00 ? 1019 HOH A O   1 
HETATM 984  O  O   . HOH E 4 .   ? -0.114  -17.884 1.904   1.00 27.71 ? 1020 HOH A O   1 
HETATM 985  O  O   . HOH E 4 .   ? 1.814   -7.868  -5.343  1.00 13.48 ? 1021 HOH A O   1 
HETATM 986  O  O   . HOH E 4 .   ? -1.057  -14.470 -13.688 1.00 44.07 ? 1022 HOH A O   1 
HETATM 987  O  O   . HOH E 4 .   ? -5.818  -10.085 -10.562 1.00 21.41 ? 1023 HOH A O   1 
HETATM 988  O  O   . HOH E 4 .   ? -9.078  -7.824  -15.787 1.00 26.47 ? 1024 HOH A O   1 
HETATM 989  O  O   . HOH E 4 .   ? -10.816 -5.205  -9.593  1.00 25.87 ? 1025 HOH A O   1 
HETATM 990  O  O   . HOH E 4 .   ? -6.000  -14.363 -10.819 1.00 22.05 ? 1026 HOH A O   1 
HETATM 991  O  O   . HOH E 4 .   ? -3.890  -13.045 -11.656 1.00 33.96 ? 1027 HOH A O   1 
HETATM 992  O  O   . HOH E 4 .   ? -9.044  3.028   14.809  1.00 30.43 ? 1028 HOH A O   1 
HETATM 993  O  O   . HOH E 4 .   ? -2.169  -19.788 -10.294 1.00 32.40 ? 1029 HOH A O   1 
HETATM 994  O  O   . HOH E 4 .   ? -10.512 -13.352 -5.080  1.00 35.27 ? 1030 HOH A O   1 
HETATM 995  O  O   . HOH E 4 .   ? -9.441  -3.233  -4.681  1.00 19.77 ? 1031 HOH A O   1 
HETATM 996  O  O   . HOH E 4 .   ? -0.894  10.209  -0.895  1.00 14.90 ? 1032 HOH A O   1 
HETATM 997  O  O   . HOH E 4 .   ? -6.364  13.169  2.818   1.00 19.87 ? 1033 HOH A O   1 
HETATM 998  O  O   . HOH E 4 .   ? 9.160   12.351  19.369  1.00 31.81 ? 1034 HOH A O   1 
HETATM 999  O  O   . HOH E 4 .   ? 6.926   -9.246  -11.493 1.00 40.58 ? 1035 HOH A O   1 
HETATM 1000 O  O   . HOH E 4 .   ? 8.320   -12.195 -9.268  1.00 52.44 ? 1036 HOH A O   1 
HETATM 1001 O  O   . HOH E 4 .   ? 8.690   -7.682  -7.745  1.00 31.54 ? 1037 HOH A O   1 
HETATM 1002 O  O   . HOH E 4 .   ? 2.226   -6.232  -14.677 1.00 27.36 ? 1038 HOH A O   1 
HETATM 1003 O  O   . HOH E 4 .   ? 3.872   -4.317  -14.513 1.00 51.23 ? 1039 HOH A O   1 
HETATM 1004 O  O   . HOH E 4 .   ? 3.287   -2.821  -17.612 1.00 47.23 ? 1040 HOH A O   1 
HETATM 1005 O  O   . HOH E 4 .   ? 8.838   2.050   23.004  1.00 38.94 ? 1041 HOH A O   1 
HETATM 1006 O  O   . HOH E 4 .   ? 4.100   20.901  7.446   1.00 33.97 ? 1042 HOH A O   1 
HETATM 1007 O  O   . HOH E 4 .   ? 7.784   2.345   11.632  1.00 31.73 ? 1043 HOH A O   1 
HETATM 1008 O  O   . HOH E 4 .   ? 0.135   -2.761  13.869  1.00 31.92 ? 1044 HOH A O   1 
HETATM 1009 O  O   . HOH E 4 .   ? -8.341  1.373   9.010   1.00 29.69 ? 1045 HOH A O   1 
HETATM 1010 O  O   . HOH E 4 .   ? 6.823   -0.429  -15.009 1.00 39.57 ? 1046 HOH A O   1 
HETATM 1011 O  O   . HOH E 4 .   ? -8.019  -1.862  9.290   1.00 44.94 ? 1047 HOH A O   1 
HETATM 1012 O  O   . HOH E 4 .   ? 5.170   -4.938  4.715   1.00 34.10 ? 1048 HOH A O   1 
HETATM 1013 O  O   . HOH E 4 .   ? 2.466   -7.724  5.616   1.00 42.98 ? 1049 HOH A O   1 
HETATM 1014 O  O   . HOH E 4 .   ? -4.739  -14.001 -16.968 1.00 33.86 ? 1050 HOH A O   1 
HETATM 1015 O  O   . HOH E 4 .   ? -5.111  -16.199 -15.343 1.00 27.69 ? 1051 HOH A O   1 
HETATM 1016 O  O   . HOH E 4 .   ? -8.588  -5.276  -0.867  1.00 41.92 ? 1052 HOH A O   1 
HETATM 1017 O  O   . HOH E 4 .   ? 12.851  5.873   10.630  1.00 34.17 ? 1053 HOH A O   1 
HETATM 1018 O  O   . HOH E 4 .   ? -7.670  4.591   16.300  1.00 47.82 ? 1054 HOH A O   1 
HETATM 1019 O  O   . HOH E 4 .   ? -10.745 -10.866 -3.894  1.00 43.20 ? 1055 HOH A O   1 
HETATM 1020 O  O   . HOH E 4 .   ? 9.024   6.896   8.405   1.00 20.85 ? 1056 HOH A O   1 
HETATM 1021 O  O   . HOH E 4 .   ? 2.141   -1.574  2.479   1.00 34.17 ? 1057 HOH A O   1 
HETATM 1022 O  O   . HOH E 4 .   ? -6.885  6.665   4.957   1.00 39.39 ? 1058 HOH A O   1 
HETATM 1023 O  O   . HOH E 4 .   ? -7.495  -1.322  12.803  1.00 31.50 ? 1059 HOH A O   1 
HETATM 1024 O  O   . HOH E 4 .   ? -6.166  7.822   -11.390 1.00 32.64 ? 1060 HOH A O   1 
HETATM 1025 O  O   . HOH E 4 .   ? -6.600  -15.584 1.093   1.00 32.92 ? 1061 HOH A O   1 
HETATM 1026 O  O   . HOH E 4 .   ? 7.374   10.601  -8.980  1.00 26.71 ? 1062 HOH A O   1 
HETATM 1027 O  O   . HOH E 4 .   ? -8.130  -5.287  2.907   1.00 53.33 ? 1063 HOH A O   1 
HETATM 1028 O  O   . HOH E 4 .   ? -9.982  5.677   -1.097  1.00 53.96 ? 1064 HOH A O   1 
HETATM 1029 O  O   . HOH E 4 .   ? 6.566   -6.896  13.999  1.00 22.32 ? 1065 HOH A O   1 
HETATM 1030 O  O   . HOH E 4 .   ? 9.861   3.821   11.325  1.00 54.96 ? 1066 HOH A O   1 
HETATM 1031 O  O   . HOH E 4 .   ? 0.268   17.722  -0.035  1.00 35.79 ? 1067 HOH A O   1 
HETATM 1032 O  O   . HOH E 4 .   ? 12.536  10.179  -1.686  1.00 43.73 ? 1068 HOH A O   1 
HETATM 1033 O  O   . HOH E 4 .   ? 6.424   -15.990 -9.173  1.00 39.46 ? 1069 HOH A O   1 
HETATM 1034 O  O   . HOH E 4 .   ? -8.994  7.767   2.892   1.00 56.04 ? 1070 HOH A O   1 
HETATM 1035 O  O   . HOH E 4 .   ? -10.800 1.972   -19.449 1.00 47.47 ? 1071 HOH A O   1 
HETATM 1036 O  O   . HOH E 4 .   ? 13.683  11.766  13.733  1.00 40.97 ? 1072 HOH A O   1 
HETATM 1037 O  O   . HOH E 4 .   ? 11.979  13.098  11.592  1.00 37.68 ? 1073 HOH A O   1 
HETATM 1038 O  O   . HOH E 4 .   ? -2.154  -6.676  13.709  1.00 38.99 ? 1074 HOH A O   1 
HETATM 1039 O  O   . HOH E 4 .   ? -8.773  4.290   19.513  1.00 49.86 ? 1075 HOH A O   1 
HETATM 1040 O  O   . HOH E 4 .   ? -6.902  -9.956  2.062   1.00 36.95 ? 1076 HOH A O   1 
HETATM 1041 O  O   . HOH E 4 .   ? 15.881  10.659  14.476  1.00 41.39 ? 1077 HOH A O   1 
HETATM 1042 O  O   . HOH E 4 .   ? -9.966  -6.418  1.040   1.00 49.27 ? 1078 HOH A O   1 
HETATM 1043 O  O   . HOH E 4 .   ? -9.709  6.231   6.139   1.00 43.27 ? 1079 HOH A O   1 
HETATM 1044 O  O   . HOH E 4 .   ? -11.094 -5.259  -1.188  1.00 57.06 ? 1080 HOH A O   1 
HETATM 1045 O  O   . HOH E 4 .   ? -4.051  -19.888 -15.870 1.00 40.32 ? 1081 HOH A O   1 
HETATM 1046 O  O   . HOH E 4 .   ? -6.363  10.974  -11.429 1.00 48.05 ? 1082 HOH A O   1 
HETATM 1047 O  O   . HOH E 4 .   ? 10.365  15.571  10.563  1.00 48.16 ? 1083 HOH A O   1 
HETATM 1048 O  O   . HOH E 4 .   ? 6.949   -16.184 -12.481 1.00 42.69 ? 1084 HOH A O   1 
HETATM 1049 O  O   . HOH E 4 .   ? 10.553  11.246  -9.248  1.00 54.95 ? 1085 HOH A O   1 
HETATM 1050 O  O   . HOH E 4 .   ? 9.917   5.015   -10.542 1.00 40.87 ? 1086 HOH A O   1 
HETATM 1051 O  O   . HOH E 4 .   ? -1.679  12.524  -8.951  1.00 45.36 ? 1087 HOH A O   1 
HETATM 1052 O  O   . HOH E 4 .   ? -7.012  -9.543  -16.596 1.00 33.32 ? 1088 HOH A O   1 
HETATM 1053 O  O   . HOH E 4 .   ? -4.160  -16.051 -12.214 1.00 42.39 ? 1089 HOH A O   1 
HETATM 1054 O  O   . HOH E 4 .   ? -13.560 -1.674  -4.968  1.00 48.16 ? 1090 HOH A O   1 
HETATM 1055 O  O   . HOH E 4 .   ? -2.464  20.023  3.529   1.00 48.79 ? 1091 HOH A O   1 
HETATM 1056 O  O   . HOH E 4 .   ? -3.107  15.458  8.038   1.00 51.20 ? 1092 HOH A O   1 
HETATM 1057 O  O   . HOH E 4 .   ? 11.644  15.022  6.275   1.00 39.87 ? 1093 HOH A O   1 
HETATM 1058 O  O   . HOH E 4 .   ? 2.773   -19.026 -4.350  1.00 37.19 ? 1094 HOH A O   1 
HETATM 1059 O  O   . HOH E 4 .   ? -1.484  -19.245 -6.326  1.00 41.85 ? 1095 HOH A O   1 
HETATM 1060 O  O   . HOH E 4 .   ? 11.622  3.953   9.025   1.00 29.91 ? 1096 HOH A O   1 
HETATM 1061 O  O   . HOH E 4 .   ? -9.267  4.117   -18.810 1.00 51.76 ? 1097 HOH A O   1 
HETATM 1062 O  O   . HOH E 4 .   ? -6.015  3.039   -15.944 1.00 50.96 ? 1098 HOH A O   1 
HETATM 1063 O  O   . HOH E 4 .   ? 0.596   15.606  -3.514  1.00 48.33 ? 1099 HOH A O   1 
HETATM 1064 O  O   . HOH E 4 .   ? -13.457 5.218   -13.258 1.00 51.54 ? 1100 HOH A O   1 
HETATM 1065 O  O   . HOH E 4 .   ? 0.316   18.272  7.061   1.00 46.14 ? 1101 HOH A O   1 
HETATM 1066 O  O   . HOH E 4 .   ? 1.175   -15.313 2.026   1.00 46.04 ? 1102 HOH A O   1 
HETATM 1067 O  O   . HOH E 4 .   ? -5.078  -22.591 -13.340 1.00 46.28 ? 1103 HOH A O   1 
HETATM 1068 O  O   . HOH E 4 .   ? -6.476  -20.001 0.429   1.00 50.77 ? 1104 HOH A O   1 
HETATM 1069 O  O   . HOH E 4 .   ? -3.671  -8.825  8.711   1.00 44.56 ? 1105 HOH A O   1 
HETATM 1070 O  O   . HOH E 4 .   ? -8.384  5.753   -14.774 1.00 50.05 ? 1106 HOH A O   1 
HETATM 1071 O  O   . HOH E 4 .   ? 10.201  -9.100  -5.938  1.00 54.67 ? 1107 HOH A O   1 
HETATM 1072 O  O   . HOH E 4 .   ? 8.969   -15.565 -9.987  1.00 47.90 ? 1108 HOH A O   1 
HETATM 1073 O  O   . HOH E 4 .   ? -12.987 3.215   -9.187  1.00 47.54 ? 1109 HOH A O   1 
HETATM 1074 O  O   . HOH E 4 .   ? 13.106  12.066  -0.087  1.00 53.14 ? 1110 HOH A O   1 
HETATM 1075 O  O   . HOH E 4 .   ? -2.371  6.780   -15.918 1.00 44.29 ? 1111 HOH A O   1 
HETATM 1076 O  O   . HOH E 4 .   ? 1.227   -13.023 3.366   1.00 43.82 ? 1112 HOH A O   1 
HETATM 1077 O  O   . HOH E 4 .   ? 12.846  12.405  16.593  1.00 39.88 ? 1113 HOH A O   1 
# 
